data_354D
# 
_entry.id   354D 
# 
_audit_conform.dict_name       mmcif_pdbx.dic 
_audit_conform.dict_version    5.387 
_audit_conform.dict_location   http://mmcif.pdb.org/dictionaries/ascii/mmcif_pdbx.dic 
# 
loop_
_database_2.database_id 
_database_2.database_code 
_database_2.pdbx_database_accession 
_database_2.pdbx_DOI 
PDB   354D         pdb_0000354d 10.2210/pdb354d/pdb 
RCSB  URL064       ?            ?                   
WWPDB D_1000178823 ?            ?                   
# 
loop_
_pdbx_audit_revision_history.ordinal 
_pdbx_audit_revision_history.data_content_type 
_pdbx_audit_revision_history.major_revision 
_pdbx_audit_revision_history.minor_revision 
_pdbx_audit_revision_history.revision_date 
1 'Structure model' 1 0 1997-11-26 
2 'Structure model' 1 1 2008-05-22 
3 'Structure model' 1 2 2011-07-13 
4 'Structure model' 1 3 2015-02-18 
5 'Structure model' 1 4 2024-02-21 
# 
_pdbx_audit_revision_details.ordinal             1 
_pdbx_audit_revision_details.revision_ordinal    1 
_pdbx_audit_revision_details.data_content_type   'Structure model' 
_pdbx_audit_revision_details.provider            repository 
_pdbx_audit_revision_details.type                'Initial release' 
_pdbx_audit_revision_details.description         ? 
_pdbx_audit_revision_details.details             ? 
# 
loop_
_pdbx_audit_revision_group.ordinal 
_pdbx_audit_revision_group.revision_ordinal 
_pdbx_audit_revision_group.data_content_type 
_pdbx_audit_revision_group.group 
1 2 'Structure model' 'Version format compliance' 
2 3 'Structure model' 'Version format compliance' 
3 4 'Structure model' 'Non-polymer description'   
4 5 'Structure model' 'Data collection'           
5 5 'Structure model' 'Database references'       
6 5 'Structure model' 'Derived calculations'      
# 
loop_
_pdbx_audit_revision_category.ordinal 
_pdbx_audit_revision_category.revision_ordinal 
_pdbx_audit_revision_category.data_content_type 
_pdbx_audit_revision_category.category 
1 5 'Structure model' chem_comp_atom         
2 5 'Structure model' chem_comp_bond         
3 5 'Structure model' database_2             
4 5 'Structure model' pdbx_struct_conn_angle 
5 5 'Structure model' struct_conn            
6 5 'Structure model' struct_conn_type       
7 5 'Structure model' struct_site            
# 
loop_
_pdbx_audit_revision_item.ordinal 
_pdbx_audit_revision_item.revision_ordinal 
_pdbx_audit_revision_item.data_content_type 
_pdbx_audit_revision_item.item 
1  5 'Structure model' '_database_2.pdbx_DOI'                        
2  5 'Structure model' '_database_2.pdbx_database_accession'         
3  5 'Structure model' '_pdbx_struct_conn_angle.ptnr1_auth_asym_id'  
4  5 'Structure model' '_pdbx_struct_conn_angle.ptnr1_auth_comp_id'  
5  5 'Structure model' '_pdbx_struct_conn_angle.ptnr1_auth_seq_id'   
6  5 'Structure model' '_pdbx_struct_conn_angle.ptnr1_label_asym_id' 
7  5 'Structure model' '_pdbx_struct_conn_angle.ptnr1_label_atom_id' 
8  5 'Structure model' '_pdbx_struct_conn_angle.ptnr1_label_comp_id' 
9  5 'Structure model' '_pdbx_struct_conn_angle.ptnr1_label_seq_id'  
10 5 'Structure model' '_pdbx_struct_conn_angle.ptnr2_auth_seq_id'   
11 5 'Structure model' '_pdbx_struct_conn_angle.ptnr2_label_asym_id' 
12 5 'Structure model' '_pdbx_struct_conn_angle.ptnr3_auth_asym_id'  
13 5 'Structure model' '_pdbx_struct_conn_angle.ptnr3_auth_comp_id'  
14 5 'Structure model' '_pdbx_struct_conn_angle.ptnr3_auth_seq_id'   
15 5 'Structure model' '_pdbx_struct_conn_angle.ptnr3_label_asym_id' 
16 5 'Structure model' '_pdbx_struct_conn_angle.ptnr3_label_atom_id' 
17 5 'Structure model' '_pdbx_struct_conn_angle.ptnr3_label_comp_id' 
18 5 'Structure model' '_pdbx_struct_conn_angle.ptnr3_label_seq_id'  
19 5 'Structure model' '_pdbx_struct_conn_angle.value'               
20 5 'Structure model' '_struct_conn.conn_type_id'                   
21 5 'Structure model' '_struct_conn.id'                             
22 5 'Structure model' '_struct_conn.pdbx_dist_value'                
23 5 'Structure model' '_struct_conn.pdbx_leaving_atom_flag'         
24 5 'Structure model' '_struct_conn.ptnr1_auth_asym_id'             
25 5 'Structure model' '_struct_conn.ptnr1_auth_comp_id'             
26 5 'Structure model' '_struct_conn.ptnr1_auth_seq_id'              
27 5 'Structure model' '_struct_conn.ptnr1_label_asym_id'            
28 5 'Structure model' '_struct_conn.ptnr1_label_atom_id'            
29 5 'Structure model' '_struct_conn.ptnr1_label_comp_id'            
30 5 'Structure model' '_struct_conn.ptnr1_label_seq_id'             
31 5 'Structure model' '_struct_conn.ptnr2_auth_asym_id'             
32 5 'Structure model' '_struct_conn.ptnr2_auth_comp_id'             
33 5 'Structure model' '_struct_conn.ptnr2_auth_seq_id'              
34 5 'Structure model' '_struct_conn.ptnr2_label_asym_id'            
35 5 'Structure model' '_struct_conn.ptnr2_label_atom_id'            
36 5 'Structure model' '_struct_conn.ptnr2_label_comp_id'            
37 5 'Structure model' '_struct_conn.ptnr2_label_seq_id'             
38 5 'Structure model' '_struct_conn_type.id'                        
39 5 'Structure model' '_struct_site.pdbx_auth_asym_id'              
40 5 'Structure model' '_struct_site.pdbx_auth_comp_id'              
41 5 'Structure model' '_struct_site.pdbx_auth_seq_id'               
# 
_pdbx_database_status.status_code                     REL 
_pdbx_database_status.entry_id                        354D 
_pdbx_database_status.recvd_initial_deposition_date   1997-10-01 
_pdbx_database_status.deposit_site                    NDB 
_pdbx_database_status.process_site                    NDB 
_pdbx_database_status.SG_entry                        . 
_pdbx_database_status.status_code_sf                  ? 
_pdbx_database_status.status_code_mr                  ? 
_pdbx_database_status.status_code_cs                  ? 
_pdbx_database_status.pdb_format_compatible           Y 
_pdbx_database_status.status_code_nmr_data            ? 
_pdbx_database_status.methods_development_category    ? 
# 
loop_
_audit_author.name 
_audit_author.pdbx_ordinal 
'Correll, C.C.' 1 
'Freeborn, B.'  2 
'Moore, P.B.'   3 
'Steitz, T.A.'  4 
# 
loop_
_citation.id 
_citation.title 
_citation.journal_abbrev 
_citation.journal_volume 
_citation.page_first 
_citation.page_last 
_citation.year 
_citation.journal_id_ASTM 
_citation.country 
_citation.journal_id_ISSN 
_citation.journal_id_CSD 
_citation.book_publisher 
_citation.pdbx_database_id_PubMed 
_citation.pdbx_database_id_DOI 
primary 'Metals, motifs, and recognition in the crystal structure of a 5S rRNA domain.' 'Cell(Cambridge,Mass.)' 91 705 712 1997 
CELLB5 US 0092-8674 0998 ? 9393863 '10.1016/S0092-8674(00)80457-2' 
1       
;Use of Chemically Modified Nucleotides to Determine a 62-Nucleotide RNA Crystal Structure: A Survey of Phosphorothioates, Br, Pt, and Hg
;
J.Biomol.Struct.Dyn.    15 165 172 1997 JBSDD6 US 0739-1102 0646 ? ?       ?                               
2       'The Solution Structure of the Loop E/Loop D Region of E. coli 5S rRNA' 'To be Published'       ?  ?   ?   ?    ?      ?  
?         0353 ? ?       ?                               
# 
loop_
_citation_author.citation_id 
_citation_author.name 
_citation_author.ordinal 
_citation_author.identifier_ORCID 
primary 'Correll, C.C.' 1  ? 
primary 'Freeborn, B.'  2  ? 
primary 'Moore, P.B.'   3  ? 
primary 'Steitz, T.A.'  4  ? 
1       'Correll, C.C.' 5  ? 
1       'Freeborn, B.'  6  ? 
1       'Moore, P.B.'   7  ? 
1       'Steitz, T.A.'  8  ? 
2       'Dallas, A.'    9  ? 
2       'Moore, P.B.'   10 ? 
# 
loop_
_entity.id 
_entity.type 
_entity.src_method 
_entity.pdbx_description 
_entity.formula_weight 
_entity.pdbx_number_of_molecules 
_entity.pdbx_ec 
_entity.pdbx_mutation 
_entity.pdbx_fragment 
_entity.details 
1 polymer     man 
;RNA (5'-R(*CP*CP*GP*AP*UP*GP*GP*UP*AP*GP*UP*G)-3')
;
3868.344 1   ? ? ? ? 
2 polymer     man 
;RNA-DNA (5'-R(*GP*CP*GP*AP*GP*AP*GP*UP*AP*)-D(*DGP(S)*)-R(*GP*C)-3')
;
3930.489 1   ? ? ? ? 
3 non-polymer syn 'MAGNESIUM ION'                                                        24.305   5   ? ? ? ? 
4 water       nat water                                                                  18.015   124 ? ? ? ? 
# 
_entity_keywords.entity_id   2 
_entity_keywords.text        'MUTANT: G107 IS MUTATED TO C' 
# 
loop_
_entity_poly.entity_id 
_entity_poly.type 
_entity_poly.nstd_linkage 
_entity_poly.nstd_monomer 
_entity_poly.pdbx_seq_one_letter_code 
_entity_poly.pdbx_seq_one_letter_code_can 
_entity_poly.pdbx_strand_id 
_entity_poly.pdbx_target_identifier 
1 polyribonucleotide no no  CCGAUGGUAGUG          CCGAUGGUAGUG A ? 
2 polyribonucleotide no yes 'GCGAGAGUA(DG)(G46)C' GCGAGAGUAGGC B ? 
# 
loop_
_pdbx_entity_nonpoly.entity_id 
_pdbx_entity_nonpoly.name 
_pdbx_entity_nonpoly.comp_id 
3 'MAGNESIUM ION' MG  
4 water           HOH 
# 
loop_
_entity_poly_seq.entity_id 
_entity_poly_seq.num 
_entity_poly_seq.mon_id 
_entity_poly_seq.hetero 
1 1  C   n 
1 2  C   n 
1 3  G   n 
1 4  A   n 
1 5  U   n 
1 6  G   n 
1 7  G   n 
1 8  U   n 
1 9  A   n 
1 10 G   n 
1 11 U   n 
1 12 G   n 
2 1  G   n 
2 2  C   n 
2 3  G   n 
2 4  A   n 
2 5  G   n 
2 6  A   n 
2 7  G   n 
2 8  U   n 
2 9  A   n 
2 10 DG  n 
2 11 G46 n 
2 12 C   n 
# 
loop_
_entity_src_gen.entity_id 
_entity_src_gen.pdbx_src_id 
_entity_src_gen.pdbx_alt_source_flag 
_entity_src_gen.pdbx_seq_type 
_entity_src_gen.pdbx_beg_seq_num 
_entity_src_gen.pdbx_end_seq_num 
_entity_src_gen.gene_src_common_name 
_entity_src_gen.gene_src_genus 
_entity_src_gen.pdbx_gene_src_gene 
_entity_src_gen.gene_src_species 
_entity_src_gen.gene_src_strain 
_entity_src_gen.gene_src_tissue 
_entity_src_gen.gene_src_tissue_fraction 
_entity_src_gen.gene_src_details 
_entity_src_gen.pdbx_gene_src_fragment 
_entity_src_gen.pdbx_gene_src_scientific_name 
_entity_src_gen.pdbx_gene_src_ncbi_taxonomy_id 
_entity_src_gen.pdbx_gene_src_variant 
_entity_src_gen.pdbx_gene_src_cell_line 
_entity_src_gen.pdbx_gene_src_atcc 
_entity_src_gen.pdbx_gene_src_organ 
_entity_src_gen.pdbx_gene_src_organelle 
_entity_src_gen.pdbx_gene_src_cell 
_entity_src_gen.pdbx_gene_src_cellular_location 
_entity_src_gen.host_org_common_name 
_entity_src_gen.pdbx_host_org_scientific_name 
_entity_src_gen.pdbx_host_org_ncbi_taxonomy_id 
_entity_src_gen.host_org_genus 
_entity_src_gen.pdbx_host_org_gene 
_entity_src_gen.pdbx_host_org_organ 
_entity_src_gen.host_org_species 
_entity_src_gen.pdbx_host_org_tissue 
_entity_src_gen.pdbx_host_org_tissue_fraction 
_entity_src_gen.pdbx_host_org_strain 
_entity_src_gen.pdbx_host_org_variant 
_entity_src_gen.pdbx_host_org_cell_line 
_entity_src_gen.pdbx_host_org_atcc 
_entity_src_gen.pdbx_host_org_culture_collection 
_entity_src_gen.pdbx_host_org_cell 
_entity_src_gen.pdbx_host_org_organelle 
_entity_src_gen.pdbx_host_org_cellular_location 
_entity_src_gen.pdbx_host_org_vector_type 
_entity_src_gen.pdbx_host_org_vector 
_entity_src_gen.host_org_details 
_entity_src_gen.expression_system_id 
_entity_src_gen.plasmid_name 
_entity_src_gen.plasmid_details 
_entity_src_gen.pdbx_description 
1 1 sample ? ? ? ? Escherichia ? ? ? ? ? ? ? 'Escherichia coli' 562 ? ? ? ? ? ? ? ? 'Escherichia coli' 562 Escherichia ? ? ? ? ? ? 
? ? ? ? ? CYTOSOL ? ? ? ? ? ? ? ? 
2 1 sample ? ? ? ? Escherichia ? ? ? ? ? ? ? 'Escherichia coli' 562 ? ? ? ? ? ? ? ? 'Escherichia coli' 562 Escherichia ? ? ? ? ? ? 
? ? ? ? ? CYTOSOL ? ? ? ? ? ? ? ? 
# 
loop_
_chem_comp.id 
_chem_comp.type 
_chem_comp.mon_nstd_flag 
_chem_comp.name 
_chem_comp.pdbx_synonyms 
_chem_comp.formula 
_chem_comp.formula_weight 
A   'RNA linking' y "ADENOSINE-5'-MONOPHOSPHATE"         ?                             'C10 H14 N5 O7 P'   347.221 
C   'RNA linking' y "CYTIDINE-5'-MONOPHOSPHATE"          ?                             'C9 H14 N3 O8 P'    323.197 
DG  'DNA linking' y "2'-DEOXYGUANOSINE-5'-MONOPHOSPHATE" ?                             'C10 H14 N5 O7 P'   347.221 
G   'RNA linking' y "GUANOSINE-5'-MONOPHOSPHATE"         ?                             'C10 H14 N5 O8 P'   363.221 
G46 'RNA linking' n "GUANOSINE-5'-MONOTHIOPHOSPHATE"     "5'-O-thiophosphonoguanosine" 'C10 H14 N5 O7 P S' 379.286 
HOH non-polymer   . WATER                                ?                             'H2 O'              18.015  
MG  non-polymer   . 'MAGNESIUM ION'                      ?                             'Mg 2'              24.305  
U   'RNA linking' y "URIDINE-5'-MONOPHOSPHATE"           ?                             'C9 H13 N2 O9 P'    324.181 
# 
loop_
_pdbx_poly_seq_scheme.asym_id 
_pdbx_poly_seq_scheme.entity_id 
_pdbx_poly_seq_scheme.seq_id 
_pdbx_poly_seq_scheme.mon_id 
_pdbx_poly_seq_scheme.ndb_seq_num 
_pdbx_poly_seq_scheme.pdb_seq_num 
_pdbx_poly_seq_scheme.auth_seq_num 
_pdbx_poly_seq_scheme.pdb_mon_id 
_pdbx_poly_seq_scheme.auth_mon_id 
_pdbx_poly_seq_scheme.pdb_strand_id 
_pdbx_poly_seq_scheme.pdb_ins_code 
_pdbx_poly_seq_scheme.hetero 
A 1 1  C   1  70  70  C   C   A . n 
A 1 2  C   2  71  71  C   C   A . n 
A 1 3  G   3  72  72  G   G   A . n 
A 1 4  A   4  73  73  A   A   A . n 
A 1 5  U   5  74  74  U   U   A . n 
A 1 6  G   6  75  75  G   G   A . n 
A 1 7  G   7  76  76  G   G   A . n 
A 1 8  U   8  77  77  U   U   A . n 
A 1 9  A   9  78  78  A   A   A . n 
A 1 10 G   10 79  79  G   G   A . n 
A 1 11 U   11 80  80  U   U   A . n 
A 1 12 G   12 81  81  G   G   A . n 
B 2 1  G   1  96  96  G   G   B . n 
B 2 2  C   2  97  97  C   C   B . n 
B 2 3  G   3  98  98  G   G   B . n 
B 2 4  A   4  99  99  A   A   B . n 
B 2 5  G   5  100 100 G   G   B . n 
B 2 6  A   6  101 101 A   A   B . n 
B 2 7  G   7  102 102 G   G   B . n 
B 2 8  U   8  103 103 U   U   B . n 
B 2 9  A   9  104 104 A   A   B . n 
B 2 10 DG  10 105 105 DG  DG  B . n 
B 2 11 G46 11 106 106 G46 G46 B . n 
B 2 12 C   12 107 107 C   C   B . n 
# 
loop_
_pdbx_nonpoly_scheme.asym_id 
_pdbx_nonpoly_scheme.entity_id 
_pdbx_nonpoly_scheme.mon_id 
_pdbx_nonpoly_scheme.ndb_seq_num 
_pdbx_nonpoly_scheme.pdb_seq_num 
_pdbx_nonpoly_scheme.auth_seq_num 
_pdbx_nonpoly_scheme.pdb_mon_id 
_pdbx_nonpoly_scheme.auth_mon_id 
_pdbx_nonpoly_scheme.pdb_strand_id 
_pdbx_nonpoly_scheme.pdb_ins_code 
C 3 MG  1  203 203 MG  MG  A . 
D 3 MG  1  200 200 MG  MG  B . 
E 3 MG  1  201 201 MG  MG  B . 
F 3 MG  1  202 202 MG  MG  B . 
G 3 MG  1  204 204 MG  MG  B . 
H 4 HOH 1  315 315 HOH HOH A . 
H 4 HOH 2  316 316 HOH HOH A . 
H 4 HOH 3  317 317 HOH HOH A . 
H 4 HOH 4  318 318 HOH HOH A . 
H 4 HOH 5  319 319 HOH HOH A . 
H 4 HOH 6  323 323 HOH HOH A . 
H 4 HOH 7  328 328 HOH HOH A . 
H 4 HOH 8  329 329 HOH HOH A . 
H 4 HOH 9  331 331 HOH HOH A . 
H 4 HOH 10 335 335 HOH HOH A . 
H 4 HOH 11 340 340 HOH HOH A . 
H 4 HOH 12 350 350 HOH HOH A . 
H 4 HOH 13 352 352 HOH HOH A . 
H 4 HOH 14 353 353 HOH HOH A . 
H 4 HOH 15 356 356 HOH HOH A . 
H 4 HOH 16 358 358 HOH HOH A . 
H 4 HOH 17 363 363 HOH HOH A . 
H 4 HOH 18 367 367 HOH HOH A . 
H 4 HOH 19 368 368 HOH HOH A . 
H 4 HOH 20 369 369 HOH HOH A . 
H 4 HOH 21 376 376 HOH HOH A . 
H 4 HOH 22 378 378 HOH HOH A . 
H 4 HOH 23 382 382 HOH HOH A . 
H 4 HOH 24 384 384 HOH HOH A . 
H 4 HOH 25 385 385 HOH HOH A . 
H 4 HOH 26 386 386 HOH HOH A . 
H 4 HOH 27 387 387 HOH HOH A . 
H 4 HOH 28 388 388 HOH HOH A . 
H 4 HOH 29 390 390 HOH HOH A . 
H 4 HOH 30 391 391 HOH HOH A . 
H 4 HOH 31 392 392 HOH HOH A . 
H 4 HOH 32 394 394 HOH HOH A . 
H 4 HOH 33 395 395 HOH HOH A . 
H 4 HOH 34 397 397 HOH HOH A . 
H 4 HOH 35 398 398 HOH HOH A . 
H 4 HOH 36 399 399 HOH HOH A . 
H 4 HOH 37 400 400 HOH HOH A . 
H 4 HOH 38 402 402 HOH HOH A . 
H 4 HOH 39 405 405 HOH HOH A . 
H 4 HOH 40 406 406 HOH HOH A . 
H 4 HOH 41 407 407 HOH HOH A . 
H 4 HOH 42 409 409 HOH HOH A . 
H 4 HOH 43 412 412 HOH HOH A . 
H 4 HOH 44 413 413 HOH HOH A . 
H 4 HOH 45 417 417 HOH HOH A . 
H 4 HOH 46 421 421 HOH HOH A . 
H 4 HOH 47 423 423 HOH HOH A . 
I 4 HOH 1  300 300 HOH HOH B . 
I 4 HOH 2  301 301 HOH HOH B . 
I 4 HOH 3  302 302 HOH HOH B . 
I 4 HOH 4  303 303 HOH HOH B . 
I 4 HOH 5  304 304 HOH HOH B . 
I 4 HOH 6  305 305 HOH HOH B . 
I 4 HOH 7  306 306 HOH HOH B . 
I 4 HOH 8  307 307 HOH HOH B . 
I 4 HOH 9  308 308 HOH HOH B . 
I 4 HOH 10 309 309 HOH HOH B . 
I 4 HOH 11 310 310 HOH HOH B . 
I 4 HOH 12 311 311 HOH HOH B . 
I 4 HOH 13 312 312 HOH HOH B . 
I 4 HOH 14 313 313 HOH HOH B . 
I 4 HOH 15 314 314 HOH HOH B . 
I 4 HOH 16 320 320 HOH HOH B . 
I 4 HOH 17 321 321 HOH HOH B . 
I 4 HOH 18 322 322 HOH HOH B . 
I 4 HOH 19 324 324 HOH HOH B . 
I 4 HOH 20 325 325 HOH HOH B . 
I 4 HOH 21 326 326 HOH HOH B . 
I 4 HOH 22 327 327 HOH HOH B . 
I 4 HOH 23 330 330 HOH HOH B . 
I 4 HOH 24 332 332 HOH HOH B . 
I 4 HOH 25 333 333 HOH HOH B . 
I 4 HOH 26 334 334 HOH HOH B . 
I 4 HOH 27 336 336 HOH HOH B . 
I 4 HOH 28 337 337 HOH HOH B . 
I 4 HOH 29 338 338 HOH HOH B . 
I 4 HOH 30 339 339 HOH HOH B . 
I 4 HOH 31 341 341 HOH HOH B . 
I 4 HOH 32 342 342 HOH HOH B . 
I 4 HOH 33 343 343 HOH HOH B . 
I 4 HOH 34 344 344 HOH HOH B . 
I 4 HOH 35 345 345 HOH HOH B . 
I 4 HOH 36 346 346 HOH HOH B . 
I 4 HOH 37 347 347 HOH HOH B . 
I 4 HOH 38 348 348 HOH HOH B . 
I 4 HOH 39 349 349 HOH HOH B . 
I 4 HOH 40 351 351 HOH HOH B . 
I 4 HOH 41 354 354 HOH HOH B . 
I 4 HOH 42 355 355 HOH HOH B . 
I 4 HOH 43 357 357 HOH HOH B . 
I 4 HOH 44 359 359 HOH HOH B . 
I 4 HOH 45 360 360 HOH HOH B . 
I 4 HOH 46 361 361 HOH HOH B . 
I 4 HOH 47 362 362 HOH HOH B . 
I 4 HOH 48 364 364 HOH HOH B . 
I 4 HOH 49 365 365 HOH HOH B . 
I 4 HOH 50 366 366 HOH HOH B . 
I 4 HOH 51 370 370 HOH HOH B . 
I 4 HOH 52 371 371 HOH HOH B . 
I 4 HOH 53 372 372 HOH HOH B . 
I 4 HOH 54 373 373 HOH HOH B . 
I 4 HOH 55 374 374 HOH HOH B . 
I 4 HOH 56 375 375 HOH HOH B . 
I 4 HOH 57 377 377 HOH HOH B . 
I 4 HOH 58 379 379 HOH HOH B . 
I 4 HOH 59 380 380 HOH HOH B . 
I 4 HOH 60 381 381 HOH HOH B . 
I 4 HOH 61 383 383 HOH HOH B . 
I 4 HOH 62 389 389 HOH HOH B . 
I 4 HOH 63 393 393 HOH HOH B . 
I 4 HOH 64 396 396 HOH HOH B . 
I 4 HOH 65 401 401 HOH HOH B . 
I 4 HOH 66 403 403 HOH HOH B . 
I 4 HOH 67 404 404 HOH HOH B . 
I 4 HOH 68 408 408 HOH HOH B . 
I 4 HOH 69 410 410 HOH HOH B . 
I 4 HOH 70 411 411 HOH HOH B . 
I 4 HOH 71 414 414 HOH HOH B . 
I 4 HOH 72 415 415 HOH HOH B . 
I 4 HOH 73 416 416 HOH HOH B . 
I 4 HOH 74 418 418 HOH HOH B . 
I 4 HOH 75 419 419 HOH HOH B . 
I 4 HOH 76 420 420 HOH HOH B . 
I 4 HOH 77 422 422 HOH HOH B . 
# 
loop_
_software.name 
_software.classification 
_software.version 
_software.citation_id 
_software.pdbx_ordinal 
X-PLOR 'model building' .   ? 1 
CNS    refinement       0.1 ? 2 
DENZO  'data reduction' .   ? 3 
X-PLOR phasing          .   ? 4 
# 
_cell.entry_id           354D 
_cell.length_a           71.184 
_cell.length_b           37.654 
_cell.length_c           32.944 
_cell.angle_alpha        90.00 
_cell.angle_beta         105.90 
_cell.angle_gamma        90.00 
_cell.Z_PDB              4 
_cell.pdbx_unique_axis   ? 
_cell.length_a_esd       ? 
_cell.length_b_esd       ? 
_cell.length_c_esd       ? 
_cell.angle_alpha_esd    ? 
_cell.angle_beta_esd     ? 
_cell.angle_gamma_esd    ? 
# 
_symmetry.entry_id                         354D 
_symmetry.space_group_name_H-M             'C 1 2 1' 
_symmetry.pdbx_full_space_group_name_H-M   ? 
_symmetry.cell_setting                     ? 
_symmetry.Int_Tables_number                5 
_symmetry.space_group_name_Hall            ? 
# 
_exptl.entry_id          354D 
_exptl.method            'X-RAY DIFFRACTION' 
_exptl.crystals_number   1 
# 
_exptl_crystal.id                    1 
_exptl_crystal.density_meas          ? 
_exptl_crystal.density_percent_sol   54.82 
_exptl_crystal.density_Matthews      2.72 
_exptl_crystal.description           ? 
_exptl_crystal.F_000                 ? 
_exptl_crystal.preparation           ? 
# 
_exptl_crystal_grow.crystal_id      1 
_exptl_crystal_grow.method          'VAPOR DIFFUSION' 
_exptl_crystal_grow.temp            ? 
_exptl_crystal_grow.temp_details    ? 
_exptl_crystal_grow.pH              6.00 
_exptl_crystal_grow.pdbx_details    'pH 6.00, VAPOR DIFFUSION' 
_exptl_crystal_grow.pdbx_pH_range   ? 
# 
_diffrn.id                     1 
_diffrn.ambient_temp           100.00 
_diffrn.ambient_temp_details   ? 
_diffrn.crystal_id             1 
# 
_diffrn_detector.diffrn_id              1 
_diffrn_detector.detector               CCD 
_diffrn_detector.type                   'PRINCETON 2K' 
_diffrn_detector.pdbx_collection_date   1996-09-09 
_diffrn_detector.details                'SILICON 111 BENDING MIRROR' 
# 
_diffrn_radiation.diffrn_id                        1 
_diffrn_radiation.wavelength_id                    1 
_diffrn_radiation.pdbx_monochromatic_or_laue_m_l   M 
_diffrn_radiation.monochromator                    ? 
_diffrn_radiation.pdbx_diffrn_protocol             ? 
_diffrn_radiation.pdbx_scattering_type             x-ray 
# 
_diffrn_radiation_wavelength.id           1 
_diffrn_radiation_wavelength.wavelength   . 
_diffrn_radiation_wavelength.wt           1.0 
# 
_diffrn_source.diffrn_id                   1 
_diffrn_source.source                      SYNCHROTRON 
_diffrn_source.type                        'CHESS BEAMLINE A1' 
_diffrn_source.pdbx_synchrotron_site       CHESS 
_diffrn_source.pdbx_synchrotron_beamline   A1 
_diffrn_source.pdbx_wavelength             ? 
_diffrn_source.pdbx_wavelength_list        ? 
# 
_reflns.entry_id                     354D 
_reflns.observed_criterion_sigma_I   -3.000 
_reflns.observed_criterion_sigma_F   -3.000 
_reflns.d_resolution_low             20.000 
_reflns.d_resolution_high            1.500 
_reflns.number_obs                   12306 
_reflns.number_all                   ? 
_reflns.percent_possible_obs         90.700 
_reflns.pdbx_Rmerge_I_obs            0.0550000 
_reflns.pdbx_Rsym_value              0.0550000 
_reflns.pdbx_netI_over_sigmaI        7.100 
_reflns.B_iso_Wilson_estimate        19.40 
_reflns.pdbx_redundancy              4.600 
_reflns.R_free_details               ? 
_reflns.pdbx_chi_squared             ? 
_reflns.pdbx_scaling_rejects         ? 
_reflns.pdbx_ordinal                 1 
_reflns.pdbx_diffrn_id               1 
# 
_reflns_shell.d_res_high             1.500 
_reflns_shell.d_res_low              1.530 
_reflns_shell.percent_possible_all   54.00 
_reflns_shell.Rmerge_I_obs           0.4800000 
_reflns_shell.pdbx_Rsym_value        0.4800000 
_reflns_shell.meanI_over_sigI_obs    2.000 
_reflns_shell.pdbx_redundancy        ? 
_reflns_shell.percent_possible_obs   ? 
_reflns_shell.number_unique_all      ? 
_reflns_shell.number_measured_all    ? 
_reflns_shell.number_measured_obs    ? 
_reflns_shell.number_unique_obs      ? 
_reflns_shell.pdbx_chi_squared       ? 
_reflns_shell.pdbx_ordinal           1 
_reflns_shell.pdbx_diffrn_id         1 
# 
_refine.entry_id                                 354D 
_refine.ls_number_reflns_obs                     12296 
_refine.ls_number_reflns_all                     ? 
_refine.pdbx_ls_sigma_I                          ? 
_refine.pdbx_ls_sigma_F                          0.000 
_refine.pdbx_data_cutoff_high_absF               4170208.000 
_refine.pdbx_data_cutoff_low_absF                0.0000 
_refine.pdbx_data_cutoff_high_rms_absF           ? 
_refine.ls_d_res_low                             20.000 
_refine.ls_d_res_high                            1.500 
_refine.ls_percent_reflns_obs                    90.500 
_refine.ls_R_factor_obs                          0.2020000 
_refine.ls_R_factor_all                          ? 
_refine.ls_R_factor_R_work                       0.2020000 
_refine.ls_R_factor_R_free                       0.2280000 
_refine.ls_R_factor_R_free_error                 0.007 
_refine.ls_R_factor_R_free_error_details         ? 
_refine.ls_percent_reflns_R_free                 9.50 
_refine.ls_number_reflns_R_free                  1170 
_refine.ls_number_parameters                     ? 
_refine.ls_number_restraints                     ? 
_refine.occupancy_min                            ? 
_refine.occupancy_max                            ? 
_refine.B_iso_mean                               24.20 
_refine.aniso_B[1][1]                            -5.400 
_refine.aniso_B[2][2]                            2.7000 
_refine.aniso_B[3][3]                            2.8000 
_refine.aniso_B[1][2]                            0.0000 
_refine.aniso_B[1][3]                            0.7000 
_refine.aniso_B[2][3]                            0.0000 
_refine.solvent_model_details                    ? 
_refine.solvent_model_param_ksol                 ? 
_refine.solvent_model_param_bsol                 ? 
_refine.pdbx_ls_cross_valid_method               THROUGHOUT 
_refine.details                                  
;THERE IS A DIASTEREOMERIC MIXTURE OF RP AND SP
PHOSPHOROTHIOATE AT G106, BOTH FORMS ARE 0.5 OCCUPANCY AS
ALTERNATE CONFORMATIONS.
WATER MEDIATED BASE-PAIRS:
N3 U 74 - HOH 329 - N2 G 102
N1 G 75 - HOH 324 - N1 A 101
O6 G 76 - HOH 330 - N7 G 100
;
_refine.pdbx_starting_model                      ? 
_refine.pdbx_method_to_determine_struct          'MOLECULAR REPLACEMENT' 
_refine.pdbx_isotropic_thermal_model             ? 
_refine.pdbx_stereochemistry_target_values       ? 
_refine.pdbx_stereochem_target_val_spec_case     ? 
_refine.pdbx_R_Free_selection_details            RANDOM 
_refine.pdbx_overall_ESU_R                       ? 
_refine.pdbx_overall_ESU_R_Free                  ? 
_refine.overall_SU_ML                            ? 
_refine.overall_SU_B                             ? 
_refine.ls_redundancy_reflns_obs                 ? 
_refine.pdbx_overall_phase_error                 ? 
_refine.correlation_coeff_Fo_to_Fc               ? 
_refine.correlation_coeff_Fo_to_Fc_free          ? 
_refine.pdbx_solvent_vdw_probe_radii             ? 
_refine.pdbx_solvent_ion_probe_radii             ? 
_refine.pdbx_solvent_shrinkage_radii             ? 
_refine.overall_SU_R_Cruickshank_DPI             ? 
_refine.overall_SU_R_free                        ? 
_refine.ls_wR_factor_R_free                      ? 
_refine.ls_wR_factor_R_work                      ? 
_refine.overall_FOM_free_R_set                   ? 
_refine.overall_FOM_work_R_set                   ? 
_refine.pdbx_refine_id                           'X-RAY DIFFRACTION' 
_refine.pdbx_diffrn_id                           1 
_refine.pdbx_TLS_residual_ADP_flag               ? 
_refine.pdbx_overall_SU_R_free_Cruickshank_DPI   ? 
_refine.pdbx_overall_SU_R_Blow_DPI               ? 
_refine.pdbx_overall_SU_R_free_Blow_DPI          ? 
# 
_refine_analyze.entry_id                        354D 
_refine_analyze.Luzzati_coordinate_error_obs    0.18 
_refine_analyze.Luzzati_sigma_a_obs             0.15 
_refine_analyze.Luzzati_d_res_low_obs           5.00 
_refine_analyze.Luzzati_coordinate_error_free   0.20 
_refine_analyze.Luzzati_sigma_a_free            0.1 
_refine_analyze.Luzzati_d_res_low_free          ? 
_refine_analyze.number_disordered_residues      ? 
_refine_analyze.occupancy_sum_hydrogen          ? 
_refine_analyze.occupancy_sum_non_hydrogen      ? 
_refine_analyze.pdbx_refine_id                  'X-RAY DIFFRACTION' 
# 
_refine_hist.pdbx_refine_id                   'X-RAY DIFFRACTION' 
_refine_hist.cycle_id                         LAST 
_refine_hist.pdbx_number_atoms_protein        0 
_refine_hist.pdbx_number_atoms_nucleic_acid   516 
_refine_hist.pdbx_number_atoms_ligand         5 
_refine_hist.number_atoms_solvent             124 
_refine_hist.number_atoms_total               645 
_refine_hist.d_res_high                       1.500 
_refine_hist.d_res_low                        20.000 
# 
loop_
_refine_ls_restr.type 
_refine_ls_restr.dev_ideal 
_refine_ls_restr.dev_ideal_target 
_refine_ls_restr.weight 
_refine_ls_restr.number 
_refine_ls_restr.pdbx_refine_id 
_refine_ls_restr.pdbx_restraint_function 
c_bond_d                0.010 ?     ? ? 'X-RAY DIFFRACTION' ? 
c_bond_d_na             ?     ?     ? ? 'X-RAY DIFFRACTION' ? 
c_bond_d_prot           ?     ?     ? ? 'X-RAY DIFFRACTION' ? 
c_angle_d               ?     ?     ? ? 'X-RAY DIFFRACTION' ? 
c_angle_d_na            ?     ?     ? ? 'X-RAY DIFFRACTION' ? 
c_angle_d_prot          ?     ?     ? ? 'X-RAY DIFFRACTION' ? 
c_angle_deg             1.20  ?     ? ? 'X-RAY DIFFRACTION' ? 
c_angle_deg_na          ?     ?     ? ? 'X-RAY DIFFRACTION' ? 
c_angle_deg_prot        ?     ?     ? ? 'X-RAY DIFFRACTION' ? 
c_dihedral_angle_d      30.0  ?     ? ? 'X-RAY DIFFRACTION' ? 
c_dihedral_angle_d_na   ?     ?     ? ? 'X-RAY DIFFRACTION' ? 
c_dihedral_angle_d_prot ?     ?     ? ? 'X-RAY DIFFRACTION' ? 
c_improper_angle_d      1.42  ?     ? ? 'X-RAY DIFFRACTION' ? 
c_improper_angle_d_na   ?     ?     ? ? 'X-RAY DIFFRACTION' ? 
c_improper_angle_d_prot ?     ?     ? ? 'X-RAY DIFFRACTION' ? 
c_mcbond_it             1.790 1.500 ? ? 'X-RAY DIFFRACTION' ? 
c_mcangle_it            2.540 2.000 ? ? 'X-RAY DIFFRACTION' ? 
c_scbond_it             1.630 2.000 ? ? 'X-RAY DIFFRACTION' ? 
c_scangle_it            1.900 2.500 ? ? 'X-RAY DIFFRACTION' ? 
# 
_refine_ls_shell.pdbx_total_number_of_bins_used   7 
_refine_ls_shell.d_res_high                       1.50 
_refine_ls_shell.d_res_low                        1.58 
_refine_ls_shell.number_reflns_R_work             1007 
_refine_ls_shell.R_factor_R_work                  0.2870000 
_refine_ls_shell.percent_reflns_obs               58.00 
_refine_ls_shell.R_factor_R_free                  0.2680000 
_refine_ls_shell.R_factor_R_free_error            0.03 
_refine_ls_shell.percent_reflns_R_free            5.00 
_refine_ls_shell.number_reflns_R_free             96 
_refine_ls_shell.redundancy_reflns_obs            ? 
_refine_ls_shell.number_reflns_all                ? 
_refine_ls_shell.number_reflns_obs                ? 
_refine_ls_shell.R_factor_all                     ? 
_refine_ls_shell.pdbx_refine_id                   'X-RAY DIFFRACTION' 
# 
loop_
_pdbx_xplor_file.serial_no 
_pdbx_xplor_file.param_file 
_pdbx_xplor_file.topol_file 
_pdbx_xplor_file.pdbx_refine_id 
1 DNA-RNA-MULTI-ENDO.PARAM DNA-RNA-MULTI-ENDO.TOP 'X-RAY DIFFRACTION' 
2 MG.PARAM                 MG.PARAM               'X-RAY DIFFRACTION' 
3 PATCH.PAR                PATCH.PAR              'X-RAY DIFFRACTION' 
# 
_struct.entry_id                  354D 
_struct.title                     'Structure of loop E FROM E. coli 5S RRNA' 
_struct.pdbx_model_details        ? 
_struct.pdbx_CASP_flag            ? 
_struct.pdbx_model_type_details   ? 
# 
_struct_keywords.entry_id        354D 
_struct_keywords.pdbx_keywords   RNA 
_struct_keywords.text            'U-RNA, DOUBLE HELIX, INTERNAL LOOP, OVERHANGING BASE, MISMATCHED, RNA' 
# 
loop_
_struct_asym.id 
_struct_asym.pdbx_blank_PDB_chainid_flag 
_struct_asym.pdbx_modified 
_struct_asym.entity_id 
_struct_asym.details 
A N N 1 ? 
B N N 2 ? 
C N N 3 ? 
D N N 3 ? 
E N N 3 ? 
F N N 3 ? 
G N N 3 ? 
H N N 4 ? 
I N N 4 ? 
# 
loop_
_struct_ref.id 
_struct_ref.entity_id 
_struct_ref.db_name 
_struct_ref.db_code 
_struct_ref.pdbx_db_accession 
_struct_ref.pdbx_db_isoform 
_struct_ref.pdbx_seq_one_letter_code 
_struct_ref.pdbx_align_begin 
1 1 PDB 354D 354D ? ? ? 
2 2 PDB 354D 354D ? ? ? 
# 
loop_
_struct_ref_seq.align_id 
_struct_ref_seq.ref_id 
_struct_ref_seq.pdbx_PDB_id_code 
_struct_ref_seq.pdbx_strand_id 
_struct_ref_seq.seq_align_beg 
_struct_ref_seq.pdbx_seq_align_beg_ins_code 
_struct_ref_seq.seq_align_end 
_struct_ref_seq.pdbx_seq_align_end_ins_code 
_struct_ref_seq.pdbx_db_accession 
_struct_ref_seq.db_align_beg 
_struct_ref_seq.pdbx_db_align_beg_ins_code 
_struct_ref_seq.db_align_end 
_struct_ref_seq.pdbx_db_align_end_ins_code 
_struct_ref_seq.pdbx_auth_seq_align_beg 
_struct_ref_seq.pdbx_auth_seq_align_end 
1 1 354D A 1 ? 12 ? 354D 70 ? 81  ? 70 81  
2 2 354D B 1 ? 12 ? 354D 96 ? 107 ? 96 107 
# 
_pdbx_struct_assembly.id                   1 
_pdbx_struct_assembly.details              author_and_software_defined_assembly 
_pdbx_struct_assembly.method_details       PISA 
_pdbx_struct_assembly.oligomeric_details   dimeric 
_pdbx_struct_assembly.oligomeric_count     2 
# 
loop_
_pdbx_struct_assembly_prop.biol_id 
_pdbx_struct_assembly_prop.type 
_pdbx_struct_assembly_prop.value 
_pdbx_struct_assembly_prop.details 
1 'ABSA (A^2)' 2080  ? 
1 MORE         -46.9 ? 
1 'SSA (A^2)'  4500  ? 
# 
_pdbx_struct_assembly_gen.assembly_id       1 
_pdbx_struct_assembly_gen.oper_expression   1 
_pdbx_struct_assembly_gen.asym_id_list      A,B,C,D,E,F,G,H,I 
# 
_pdbx_struct_oper_list.id                   1 
_pdbx_struct_oper_list.type                 'identity operation' 
_pdbx_struct_oper_list.name                 1_555 
_pdbx_struct_oper_list.symmetry_operation   x,y,z 
_pdbx_struct_oper_list.matrix[1][1]         1.0000000000 
_pdbx_struct_oper_list.matrix[1][2]         0.0000000000 
_pdbx_struct_oper_list.matrix[1][3]         0.0000000000 
_pdbx_struct_oper_list.vector[1]            0.0000000000 
_pdbx_struct_oper_list.matrix[2][1]         0.0000000000 
_pdbx_struct_oper_list.matrix[2][2]         1.0000000000 
_pdbx_struct_oper_list.matrix[2][3]         0.0000000000 
_pdbx_struct_oper_list.vector[2]            0.0000000000 
_pdbx_struct_oper_list.matrix[3][1]         0.0000000000 
_pdbx_struct_oper_list.matrix[3][2]         0.0000000000 
_pdbx_struct_oper_list.matrix[3][3]         1.0000000000 
_pdbx_struct_oper_list.vector[3]            0.0000000000 
# 
_struct_biol.id        1 
_struct_biol.details   ? 
# 
loop_
_struct_conn.id 
_struct_conn.conn_type_id 
_struct_conn.pdbx_leaving_atom_flag 
_struct_conn.pdbx_PDB_id 
_struct_conn.ptnr1_label_asym_id 
_struct_conn.ptnr1_label_comp_id 
_struct_conn.ptnr1_label_seq_id 
_struct_conn.ptnr1_label_atom_id 
_struct_conn.pdbx_ptnr1_label_alt_id 
_struct_conn.pdbx_ptnr1_PDB_ins_code 
_struct_conn.pdbx_ptnr1_standard_comp_id 
_struct_conn.ptnr1_symmetry 
_struct_conn.ptnr2_label_asym_id 
_struct_conn.ptnr2_label_comp_id 
_struct_conn.ptnr2_label_seq_id 
_struct_conn.ptnr2_label_atom_id 
_struct_conn.pdbx_ptnr2_label_alt_id 
_struct_conn.pdbx_ptnr2_PDB_ins_code 
_struct_conn.ptnr1_auth_asym_id 
_struct_conn.ptnr1_auth_comp_id 
_struct_conn.ptnr1_auth_seq_id 
_struct_conn.ptnr2_auth_asym_id 
_struct_conn.ptnr2_auth_comp_id 
_struct_conn.ptnr2_auth_seq_id 
_struct_conn.ptnr2_symmetry 
_struct_conn.pdbx_ptnr3_label_atom_id 
_struct_conn.pdbx_ptnr3_label_seq_id 
_struct_conn.pdbx_ptnr3_label_comp_id 
_struct_conn.pdbx_ptnr3_label_asym_id 
_struct_conn.pdbx_ptnr3_label_alt_id 
_struct_conn.pdbx_ptnr3_PDB_ins_code 
_struct_conn.details 
_struct_conn.pdbx_dist_value 
_struct_conn.pdbx_value_order 
_struct_conn.pdbx_role 
covale1  covale both ? B DG  10 "O3'" ? ? ? 1_555 B G46 11 P  ? ? B DG  105 B G46 106 1_555 ? ? ? ? ? ? ?                    1.632 
? ? 
covale2  covale one  ? B G46 11 "O3'" ? ? ? 1_555 B C   12 P  ? ? B G46 106 B C   107 1_555 ? ? ? ? ? ? ?                    1.630 
? ? 
metalc1  metalc ?    ? C MG  .  MG    ? ? ? 1_555 H HOH .  O  ? ? A MG  203 A HOH 315 1_555 ? ? ? ? ? ? ?                    2.208 
? ? 
metalc2  metalc ?    ? C MG  .  MG    ? ? ? 1_555 H HOH .  O  ? ? A MG  203 A HOH 316 1_555 ? ? ? ? ? ? ?                    2.081 
? ? 
metalc3  metalc ?    ? C MG  .  MG    ? ? ? 1_555 H HOH .  O  ? ? A MG  203 A HOH 317 1_555 ? ? ? ? ? ? ?                    2.318 
? ? 
metalc4  metalc ?    ? C MG  .  MG    ? ? ? 1_555 H HOH .  O  ? ? A MG  203 A HOH 318 1_555 ? ? ? ? ? ? ?                    2.393 
? ? 
metalc5  metalc ?    ? C MG  .  MG    ? ? ? 1_555 I HOH .  O  ? ? A MG  203 B HOH 313 1_555 ? ? ? ? ? ? ?                    2.164 
? ? 
metalc6  metalc ?    ? C MG  .  MG    ? ? ? 1_555 I HOH .  O  ? ? A MG  203 B HOH 314 1_555 ? ? ? ? ? ? ?                    1.944 
? ? 
metalc7  metalc ?    ? H HOH .  O     ? ? ? 1_555 G MG  .  MG ? ? A HOH 319 B MG  204 1_555 ? ? ? ? ? ? ?                    2.012 
? ? 
metalc8  metalc ?    ? H HOH .  O     ? ? ? 1_555 G MG  .  MG ? ? A HOH 323 B MG  204 1_555 ? ? ? ? ? ? ?                    2.271 
? ? 
metalc9  metalc ?    ? B G   3  O6    ? ? ? 1_555 G MG  .  MG ? ? B G   98  B MG  204 1_555 ? ? ? ? ? ? ?                    2.595 
? ? 
metalc10 metalc ?    ? B G   5  OP2   ? ? ? 1_555 F MG  .  MG ? ? B G   100 B MG  202 1_555 ? ? ? ? ? ? ?                    2.141 
? ? 
metalc11 metalc ?    ? B A   6  OP2   ? ? ? 1_555 E MG  .  MG ? ? B A   101 B MG  201 1_555 ? ? ? ? ? ? ?                    2.051 
? ? 
metalc12 metalc ?    ? D MG  .  MG    ? ? ? 1_555 I HOH .  O  ? ? B MG  200 B HOH 300 1_555 ? ? ? ? ? ? ?                    2.291 
? ? 
metalc13 metalc ?    ? D MG  .  MG    ? ? ? 1_555 I HOH .  O  ? ? B MG  200 B HOH 301 1_555 ? ? ? ? ? ? ?                    1.899 
? ? 
metalc14 metalc ?    ? D MG  .  MG    ? ? ? 1_555 I HOH .  O  ? ? B MG  200 B HOH 302 1_555 ? ? ? ? ? ? ?                    2.190 
? ? 
metalc15 metalc ?    ? D MG  .  MG    ? ? ? 1_555 I HOH .  O  ? ? B MG  200 B HOH 303 1_555 ? ? ? ? ? ? ?                    1.973 
? ? 
metalc16 metalc ?    ? D MG  .  MG    ? ? ? 1_555 I HOH .  O  ? ? B MG  200 B HOH 304 1_555 ? ? ? ? ? ? ?                    2.264 
? ? 
metalc17 metalc ?    ? D MG  .  MG    ? ? ? 1_555 I HOH .  O  ? ? B MG  200 B HOH 305 1_555 ? ? ? ? ? ? ?                    2.117 
? ? 
metalc18 metalc ?    ? E MG  .  MG    ? ? ? 1_555 F MG  .  MG ? ? B MG  201 B MG  202 1_555 ? ? ? ? ? ? ?                    2.697 
? ? 
metalc19 metalc ?    ? E MG  .  MG    ? ? ? 1_555 I HOH .  O  ? ? B MG  201 B HOH 306 1_555 ? ? ? ? ? ? ?                    2.144 
? ? 
metalc20 metalc ?    ? E MG  .  MG    ? ? ? 1_555 I HOH .  O  ? ? B MG  201 B HOH 307 1_555 ? ? ? ? ? ? ?                    2.269 
? ? 
metalc21 metalc ?    ? E MG  .  MG    ? ? ? 1_555 I HOH .  O  ? ? B MG  201 B HOH 308 1_555 ? ? ? ? ? ? ?                    2.474 
? ? 
metalc22 metalc ?    ? E MG  .  MG    ? ? ? 1_555 I HOH .  O  ? ? B MG  201 B HOH 309 1_555 ? ? ? ? ? ? ?                    2.208 
? ? 
metalc23 metalc ?    ? E MG  .  MG    ? ? ? 1_555 I HOH .  O  ? ? B MG  201 B HOH 310 1_555 ? ? ? ? ? ? ?                    1.814 
? ? 
metalc24 metalc ?    ? F MG  .  MG    ? ? ? 1_555 I HOH .  O  ? ? B MG  202 B HOH 308 1_555 ? ? ? ? ? ? ?                    2.407 
? ? 
metalc25 metalc ?    ? F MG  .  MG    ? ? ? 1_555 I HOH .  O  ? ? B MG  202 B HOH 309 1_555 ? ? ? ? ? ? ?                    2.202 
? ? 
metalc26 metalc ?    ? F MG  .  MG    ? ? ? 1_555 I HOH .  O  ? ? B MG  202 B HOH 310 1_555 ? ? ? ? ? ? ?                    1.881 
? ? 
metalc27 metalc ?    ? F MG  .  MG    ? ? ? 1_555 I HOH .  O  ? ? B MG  202 B HOH 311 1_555 ? ? ? ? ? ? ?                    2.108 
? ? 
metalc28 metalc ?    ? F MG  .  MG    ? ? ? 1_555 I HOH .  O  ? ? B MG  202 B HOH 312 1_555 ? ? ? ? ? ? ?                    2.682 
? ? 
metalc29 metalc ?    ? G MG  .  MG    ? ? ? 1_555 I HOH .  O  ? ? B MG  204 B HOH 320 1_555 ? ? ? ? ? ? ?                    2.265 
? ? 
metalc30 metalc ?    ? G MG  .  MG    ? ? ? 1_555 I HOH .  O  ? ? B MG  204 B HOH 321 1_555 ? ? ? ? ? ? ?                    2.224 
? ? 
metalc31 metalc ?    ? G MG  .  MG    ? ? ? 1_555 I HOH .  O  ? ? B MG  204 B HOH 322 1_555 ? ? ? ? ? ? ?                    2.346 
? ? 
hydrog1  hydrog ?    ? A C   1  N3    ? ? ? 1_555 B G46 11 N1 ? ? A C   70  B G46 106 1_555 ? ? ? ? ? ? WATSON-CRICK         ?     
? ? 
hydrog2  hydrog ?    ? A C   1  N4    ? ? ? 1_555 B G46 11 O6 ? ? A C   70  B G46 106 1_555 ? ? ? ? ? ? WATSON-CRICK         ?     
? ? 
hydrog3  hydrog ?    ? A C   1  O2    ? ? ? 1_555 B G46 11 N2 ? ? A C   70  B G46 106 1_555 ? ? ? ? ? ? WATSON-CRICK         ?     
? ? 
hydrog4  hydrog ?    ? A C   2  N3    ? ? ? 1_555 B DG  10 N1 ? ? A C   71  B DG  105 1_555 ? ? ? ? ? ? WATSON-CRICK         ?     
? ? 
hydrog5  hydrog ?    ? A C   2  N4    ? ? ? 1_555 B DG  10 O6 ? ? A C   71  B DG  105 1_555 ? ? ? ? ? ? WATSON-CRICK         ?     
? ? 
hydrog6  hydrog ?    ? A C   2  O2    ? ? ? 1_555 B DG  10 N2 ? ? A C   71  B DG  105 1_555 ? ? ? ? ? ? WATSON-CRICK         ?     
? ? 
hydrog7  hydrog ?    ? A G   3  N2    ? ? ? 1_555 B A   9  N7 ? ? A G   72  B A   104 1_555 ? ? ? ? ? ? TYPE_11_PAIR         ?     
? ? 
hydrog8  hydrog ?    ? A G   3  N3    ? ? ? 1_555 B A   9  N6 ? ? A G   72  B A   104 1_555 ? ? ? ? ? ? TYPE_11_PAIR         ?     
? ? 
hydrog9  hydrog ?    ? A A   4  N6    ? ? ? 1_555 B U   8  O2 ? ? A A   73  B U   103 1_555 ? ? ? ? ? ? 'REVERSED HOOGSTEEN' ?     
? ? 
hydrog10 hydrog ?    ? A A   4  N7    ? ? ? 1_555 B U   8  N3 ? ? A A   73  B U   103 1_555 ? ? ? ? ? ? 'REVERSED HOOGSTEEN' ?     
? ? 
hydrog11 hydrog ?    ? A U   5  O4    ? ? ? 1_555 B G   7  N1 ? ? A U   74  B G   102 1_555 ? ? ? ? ? ? 'U-G MISPAIR'        ?     
? ? 
hydrog12 hydrog ?    ? A G   6  O6    ? ? ? 1_555 B A   6  N6 ? ? A G   75  B A   101 1_555 ? ? ? ? ? ? 'G-A MISPAIR'        ?     
? ? 
hydrog13 hydrog ?    ? A G   7  N1    ? ? ? 1_555 B G   5  O6 ? ? A G   76  B G   100 1_555 ? ? ? ? ? ? 'G-G MISPAIR'        ?     
? ? 
hydrog14 hydrog ?    ? A U   8  N3    ? ? ? 1_555 B A   4  N7 ? ? A U   77  B A   99  1_555 ? ? ? ? ? ? 'REVERSED HOOGSTEEN' ?     
? ? 
hydrog15 hydrog ?    ? A U   8  O2    ? ? ? 1_555 B A   4  N6 ? ? A U   77  B A   99  1_555 ? ? ? ? ? ? 'REVERSED HOOGSTEEN' ?     
? ? 
hydrog16 hydrog ?    ? A A   9  N6    ? ? ? 1_555 B G   3  N3 ? ? A A   78  B G   98  1_555 ? ? ? ? ? ? TYPE_11_PAIR         ?     
? ? 
hydrog17 hydrog ?    ? A A   9  N7    ? ? ? 1_555 B G   3  N2 ? ? A A   78  B G   98  1_555 ? ? ? ? ? ? TYPE_11_PAIR         ?     
? ? 
hydrog18 hydrog ?    ? A G   10 N1    ? ? ? 1_555 B C   2  N3 ? ? A G   79  B C   97  1_555 ? ? ? ? ? ? WATSON-CRICK         ?     
? ? 
hydrog19 hydrog ?    ? A G   10 N2    ? ? ? 1_555 B C   2  O2 ? ? A G   79  B C   97  1_555 ? ? ? ? ? ? WATSON-CRICK         ?     
? ? 
hydrog20 hydrog ?    ? A G   10 O6    ? ? ? 1_555 B C   2  N4 ? ? A G   79  B C   97  1_555 ? ? ? ? ? ? WATSON-CRICK         ?     
? ? 
hydrog21 hydrog ?    ? A U   11 N3    ? ? ? 1_555 B G   1  O6 ? ? A U   80  B G   96  1_555 ? ? ? ? ? ? TYPE_28_PAIR         ?     
? ? 
hydrog22 hydrog ?    ? A U   11 O2    ? ? ? 1_555 B G   1  N1 ? ? A U   80  B G   96  1_555 ? ? ? ? ? ? TYPE_28_PAIR         ?     
? ? 
# 
loop_
_struct_conn_type.id 
_struct_conn_type.criteria 
_struct_conn_type.reference 
covale ? ? 
metalc ? ? 
hydrog ? ? 
# 
loop_
_pdbx_struct_conn_angle.id 
_pdbx_struct_conn_angle.ptnr1_label_atom_id 
_pdbx_struct_conn_angle.ptnr1_label_alt_id 
_pdbx_struct_conn_angle.ptnr1_label_asym_id 
_pdbx_struct_conn_angle.ptnr1_label_comp_id 
_pdbx_struct_conn_angle.ptnr1_label_seq_id 
_pdbx_struct_conn_angle.ptnr1_auth_atom_id 
_pdbx_struct_conn_angle.ptnr1_auth_asym_id 
_pdbx_struct_conn_angle.ptnr1_auth_comp_id 
_pdbx_struct_conn_angle.ptnr1_auth_seq_id 
_pdbx_struct_conn_angle.ptnr1_PDB_ins_code 
_pdbx_struct_conn_angle.ptnr1_symmetry 
_pdbx_struct_conn_angle.ptnr2_label_atom_id 
_pdbx_struct_conn_angle.ptnr2_label_alt_id 
_pdbx_struct_conn_angle.ptnr2_label_asym_id 
_pdbx_struct_conn_angle.ptnr2_label_comp_id 
_pdbx_struct_conn_angle.ptnr2_label_seq_id 
_pdbx_struct_conn_angle.ptnr2_auth_atom_id 
_pdbx_struct_conn_angle.ptnr2_auth_asym_id 
_pdbx_struct_conn_angle.ptnr2_auth_comp_id 
_pdbx_struct_conn_angle.ptnr2_auth_seq_id 
_pdbx_struct_conn_angle.ptnr2_PDB_ins_code 
_pdbx_struct_conn_angle.ptnr2_symmetry 
_pdbx_struct_conn_angle.ptnr3_label_atom_id 
_pdbx_struct_conn_angle.ptnr3_label_alt_id 
_pdbx_struct_conn_angle.ptnr3_label_asym_id 
_pdbx_struct_conn_angle.ptnr3_label_comp_id 
_pdbx_struct_conn_angle.ptnr3_label_seq_id 
_pdbx_struct_conn_angle.ptnr3_auth_atom_id 
_pdbx_struct_conn_angle.ptnr3_auth_asym_id 
_pdbx_struct_conn_angle.ptnr3_auth_comp_id 
_pdbx_struct_conn_angle.ptnr3_auth_seq_id 
_pdbx_struct_conn_angle.ptnr3_PDB_ins_code 
_pdbx_struct_conn_angle.ptnr3_symmetry 
_pdbx_struct_conn_angle.value 
_pdbx_struct_conn_angle.value_esd 
1  O   ? H HOH . ? A HOH 315 ? 1_555 MG ? C MG . ? A MG 203 ? 1_555 O  ? H HOH . ? A HOH 316 ? 1_555 94.4  ? 
2  O   ? H HOH . ? A HOH 315 ? 1_555 MG ? C MG . ? A MG 203 ? 1_555 O  ? H HOH . ? A HOH 317 ? 1_555 110.2 ? 
3  O   ? H HOH . ? A HOH 316 ? 1_555 MG ? C MG . ? A MG 203 ? 1_555 O  ? H HOH . ? A HOH 317 ? 1_555 144.9 ? 
4  O   ? H HOH . ? A HOH 315 ? 1_555 MG ? C MG . ? A MG 203 ? 1_555 O  ? H HOH . ? A HOH 318 ? 1_555 119.5 ? 
5  O   ? H HOH . ? A HOH 316 ? 1_555 MG ? C MG . ? A MG 203 ? 1_555 O  ? H HOH . ? A HOH 318 ? 1_555 82.0  ? 
6  O   ? H HOH . ? A HOH 317 ? 1_555 MG ? C MG . ? A MG 203 ? 1_555 O  ? H HOH . ? A HOH 318 ? 1_555 64.3  ? 
7  O   ? H HOH . ? A HOH 315 ? 1_555 MG ? C MG . ? A MG 203 ? 1_555 O  ? I HOH . ? B HOH 313 ? 1_555 154.9 ? 
8  O   ? H HOH . ? A HOH 316 ? 1_555 MG ? C MG . ? A MG 203 ? 1_555 O  ? I HOH . ? B HOH 313 ? 1_555 85.9  ? 
9  O   ? H HOH . ? A HOH 317 ? 1_555 MG ? C MG . ? A MG 203 ? 1_555 O  ? I HOH . ? B HOH 313 ? 1_555 82.1  ? 
10 O   ? H HOH . ? A HOH 318 ? 1_555 MG ? C MG . ? A MG 203 ? 1_555 O  ? I HOH . ? B HOH 313 ? 1_555 85.5  ? 
11 O   ? H HOH . ? A HOH 315 ? 1_555 MG ? C MG . ? A MG 203 ? 1_555 O  ? I HOH . ? B HOH 314 ? 1_555 88.1  ? 
12 O   ? H HOH . ? A HOH 316 ? 1_555 MG ? C MG . ? A MG 203 ? 1_555 O  ? I HOH . ? B HOH 314 ? 1_555 124.4 ? 
13 O   ? H HOH . ? A HOH 317 ? 1_555 MG ? C MG . ? A MG 203 ? 1_555 O  ? I HOH . ? B HOH 314 ? 1_555 82.4  ? 
14 O   ? H HOH . ? A HOH 318 ? 1_555 MG ? C MG . ? A MG 203 ? 1_555 O  ? I HOH . ? B HOH 314 ? 1_555 141.9 ? 
15 O   ? I HOH . ? B HOH 313 ? 1_555 MG ? C MG . ? A MG 203 ? 1_555 O  ? I HOH . ? B HOH 314 ? 1_555 71.4  ? 
16 O   ? H HOH . ? A HOH 319 ? 1_555 MG ? G MG . ? B MG 204 ? 1_555 O  ? H HOH . ? A HOH 323 ? 1_555 93.2  ? 
17 O   ? H HOH . ? A HOH 319 ? 1_555 MG ? G MG . ? B MG 204 ? 1_555 O6 ? B G   3 ? B G   98  ? 1_555 178.8 ? 
18 O   ? H HOH . ? A HOH 323 ? 1_555 MG ? G MG . ? B MG 204 ? 1_555 O6 ? B G   3 ? B G   98  ? 1_555 85.7  ? 
19 O   ? H HOH . ? A HOH 319 ? 1_555 MG ? G MG . ? B MG 204 ? 1_555 O  ? I HOH . ? B HOH 320 ? 1_555 94.4  ? 
20 O   ? H HOH . ? A HOH 323 ? 1_555 MG ? G MG . ? B MG 204 ? 1_555 O  ? I HOH . ? B HOH 320 ? 1_555 97.5  ? 
21 O6  ? B G   3 ? B G   98  ? 1_555 MG ? G MG . ? B MG 204 ? 1_555 O  ? I HOH . ? B HOH 320 ? 1_555 86.0  ? 
22 O   ? H HOH . ? A HOH 319 ? 1_555 MG ? G MG . ? B MG 204 ? 1_555 O  ? I HOH . ? B HOH 321 ? 1_555 98.2  ? 
23 O   ? H HOH . ? A HOH 323 ? 1_555 MG ? G MG . ? B MG 204 ? 1_555 O  ? I HOH . ? B HOH 321 ? 1_555 84.8  ? 
24 O6  ? B G   3 ? B G   98  ? 1_555 MG ? G MG . ? B MG 204 ? 1_555 O  ? I HOH . ? B HOH 321 ? 1_555 81.4  ? 
25 O   ? I HOH . ? B HOH 320 ? 1_555 MG ? G MG . ? B MG 204 ? 1_555 O  ? I HOH . ? B HOH 321 ? 1_555 167.0 ? 
26 O   ? H HOH . ? A HOH 319 ? 1_555 MG ? G MG . ? B MG 204 ? 1_555 O  ? I HOH . ? B HOH 322 ? 1_555 87.2  ? 
27 O   ? H HOH . ? A HOH 323 ? 1_555 MG ? G MG . ? B MG 204 ? 1_555 O  ? I HOH . ? B HOH 322 ? 1_555 165.2 ? 
28 O6  ? B G   3 ? B G   98  ? 1_555 MG ? G MG . ? B MG 204 ? 1_555 O  ? I HOH . ? B HOH 322 ? 1_555 93.8  ? 
29 O   ? I HOH . ? B HOH 320 ? 1_555 MG ? G MG . ? B MG 204 ? 1_555 O  ? I HOH . ? B HOH 322 ? 1_555 97.3  ? 
30 O   ? I HOH . ? B HOH 321 ? 1_555 MG ? G MG . ? B MG 204 ? 1_555 O  ? I HOH . ? B HOH 322 ? 1_555 80.5  ? 
31 OP2 ? B G   5 ? B G   100 ? 1_555 MG ? F MG . ? B MG 202 ? 1_555 O  ? I HOH . ? B HOH 308 ? 1_555 160.4 ? 
32 OP2 ? B G   5 ? B G   100 ? 1_555 MG ? F MG . ? B MG 202 ? 1_555 O  ? I HOH . ? B HOH 309 ? 1_555 88.4  ? 
33 O   ? I HOH . ? B HOH 308 ? 1_555 MG ? F MG . ? B MG 202 ? 1_555 O  ? I HOH . ? B HOH 309 ? 1_555 77.3  ? 
34 OP2 ? B G   5 ? B G   100 ? 1_555 MG ? F MG . ? B MG 202 ? 1_555 O  ? I HOH . ? B HOH 310 ? 1_555 86.1  ? 
35 O   ? I HOH . ? B HOH 308 ? 1_555 MG ? F MG . ? B MG 202 ? 1_555 O  ? I HOH . ? B HOH 310 ? 1_555 80.6  ? 
36 O   ? I HOH . ? B HOH 309 ? 1_555 MG ? F MG . ? B MG 202 ? 1_555 O  ? I HOH . ? B HOH 310 ? 1_555 89.5  ? 
37 OP2 ? B G   5 ? B G   100 ? 1_555 MG ? F MG . ? B MG 202 ? 1_555 O  ? I HOH . ? B HOH 311 ? 1_555 79.3  ? 
38 O   ? I HOH . ? B HOH 308 ? 1_555 MG ? F MG . ? B MG 202 ? 1_555 O  ? I HOH . ? B HOH 311 ? 1_555 117.5 ? 
39 O   ? I HOH . ? B HOH 309 ? 1_555 MG ? F MG . ? B MG 202 ? 1_555 O  ? I HOH . ? B HOH 311 ? 1_555 107.2 ? 
40 O   ? I HOH . ? B HOH 310 ? 1_555 MG ? F MG . ? B MG 202 ? 1_555 O  ? I HOH . ? B HOH 311 ? 1_555 157.3 ? 
41 OP2 ? B G   5 ? B G   100 ? 1_555 MG ? F MG . ? B MG 202 ? 1_555 O  ? I HOH . ? B HOH 312 ? 1_555 93.3  ? 
42 O   ? I HOH . ? B HOH 308 ? 1_555 MG ? F MG . ? B MG 202 ? 1_555 O  ? I HOH . ? B HOH 312 ? 1_555 100.0 ? 
43 O   ? I HOH . ? B HOH 309 ? 1_555 MG ? F MG . ? B MG 202 ? 1_555 O  ? I HOH . ? B HOH 312 ? 1_555 175.3 ? 
44 O   ? I HOH . ? B HOH 310 ? 1_555 MG ? F MG . ? B MG 202 ? 1_555 O  ? I HOH . ? B HOH 312 ? 1_555 86.3  ? 
45 O   ? I HOH . ? B HOH 311 ? 1_555 MG ? F MG . ? B MG 202 ? 1_555 O  ? I HOH . ? B HOH 312 ? 1_555 77.4  ? 
46 OP2 ? B A   6 ? B A   101 ? 1_555 MG ? E MG . ? B MG 201 ? 1_555 MG ? F MG  . ? B MG  202 ? 1_555 125.1 ? 
47 OP2 ? B A   6 ? B A   101 ? 1_555 MG ? E MG . ? B MG 201 ? 1_555 O  ? I HOH . ? B HOH 306 ? 1_555 101.5 ? 
48 MG  ? F MG  . ? B MG  202 ? 1_555 MG ? E MG . ? B MG 201 ? 1_555 O  ? I HOH . ? B HOH 306 ? 1_555 128.2 ? 
49 OP2 ? B A   6 ? B A   101 ? 1_555 MG ? E MG . ? B MG 201 ? 1_555 O  ? I HOH . ? B HOH 307 ? 1_555 89.7  ? 
50 MG  ? F MG  . ? B MG  202 ? 1_555 MG ? E MG . ? B MG 201 ? 1_555 O  ? I HOH . ? B HOH 307 ? 1_555 123.8 ? 
51 O   ? I HOH . ? B HOH 306 ? 1_555 MG ? E MG . ? B MG 201 ? 1_555 O  ? I HOH . ? B HOH 307 ? 1_555 71.7  ? 
52 OP2 ? B A   6 ? B A   101 ? 1_555 MG ? E MG . ? B MG 201 ? 1_555 O  ? I HOH . ? B HOH 308 ? 1_555 179.1 ? 
53 MG  ? F MG  . ? B MG  202 ? 1_555 MG ? E MG . ? B MG 201 ? 1_555 O  ? I HOH . ? B HOH 308 ? 1_555 55.3  ? 
54 O   ? I HOH . ? B HOH 306 ? 1_555 MG ? E MG . ? B MG 201 ? 1_555 O  ? I HOH . ? B HOH 308 ? 1_555 78.5  ? 
55 O   ? I HOH . ? B HOH 307 ? 1_555 MG ? E MG . ? B MG 201 ? 1_555 O  ? I HOH . ? B HOH 308 ? 1_555 89.4  ? 
56 OP2 ? B A   6 ? B A   101 ? 1_555 MG ? E MG . ? B MG 201 ? 1_555 O  ? I HOH . ? B HOH 309 ? 1_555 103.7 ? 
57 MG  ? F MG  . ? B MG  202 ? 1_555 MG ? E MG . ? B MG 201 ? 1_555 O  ? I HOH . ? B HOH 309 ? 1_555 52.2  ? 
58 O   ? I HOH . ? B HOH 306 ? 1_555 MG ? E MG . ? B MG 201 ? 1_555 O  ? I HOH . ? B HOH 309 ? 1_555 141.5 ? 
59 O   ? I HOH . ? B HOH 307 ? 1_555 MG ? E MG . ? B MG 201 ? 1_555 O  ? I HOH . ? B HOH 309 ? 1_555 79.8  ? 
60 O   ? I HOH . ? B HOH 308 ? 1_555 MG ? E MG . ? B MG 201 ? 1_555 O  ? I HOH . ? B HOH 309 ? 1_555 75.8  ? 
61 OP2 ? B A   6 ? B A   101 ? 1_555 MG ? E MG . ? B MG 201 ? 1_555 O  ? I HOH . ? B HOH 310 ? 1_555 100.8 ? 
62 MG  ? F MG  . ? B MG  202 ? 1_555 MG ? E MG . ? B MG 201 ? 1_555 O  ? I HOH . ? B HOH 310 ? 1_555 44.1  ? 
63 O   ? I HOH . ? B HOH 306 ? 1_555 MG ? E MG . ? B MG 201 ? 1_555 O  ? I HOH . ? B HOH 310 ? 1_555 112.2 ? 
64 O   ? I HOH . ? B HOH 307 ? 1_555 MG ? E MG . ? B MG 201 ? 1_555 O  ? I HOH . ? B HOH 310 ? 1_555 167.4 ? 
65 O   ? I HOH . ? B HOH 308 ? 1_555 MG ? E MG . ? B MG 201 ? 1_555 O  ? I HOH . ? B HOH 310 ? 1_555 80.0  ? 
66 O   ? I HOH . ? B HOH 309 ? 1_555 MG ? E MG . ? B MG 201 ? 1_555 O  ? I HOH . ? B HOH 310 ? 1_555 91.0  ? 
67 O   ? I HOH . ? B HOH 300 ? 1_555 MG ? D MG . ? B MG 200 ? 1_555 O  ? I HOH . ? B HOH 301 ? 1_555 169.9 ? 
68 O   ? I HOH . ? B HOH 300 ? 1_555 MG ? D MG . ? B MG 200 ? 1_555 O  ? I HOH . ? B HOH 302 ? 1_555 82.0  ? 
69 O   ? I HOH . ? B HOH 301 ? 1_555 MG ? D MG . ? B MG 200 ? 1_555 O  ? I HOH . ? B HOH 302 ? 1_555 93.4  ? 
70 O   ? I HOH . ? B HOH 300 ? 1_555 MG ? D MG . ? B MG 200 ? 1_555 O  ? I HOH . ? B HOH 303 ? 1_555 92.2  ? 
71 O   ? I HOH . ? B HOH 301 ? 1_555 MG ? D MG . ? B MG 200 ? 1_555 O  ? I HOH . ? B HOH 303 ? 1_555 90.4  ? 
72 O   ? I HOH . ? B HOH 302 ? 1_555 MG ? D MG . ? B MG 200 ? 1_555 O  ? I HOH . ? B HOH 303 ? 1_555 167.5 ? 
73 O   ? I HOH . ? B HOH 300 ? 1_555 MG ? D MG . ? B MG 200 ? 1_555 O  ? I HOH . ? B HOH 304 ? 1_555 96.7  ? 
74 O   ? I HOH . ? B HOH 301 ? 1_555 MG ? D MG . ? B MG 200 ? 1_555 O  ? I HOH . ? B HOH 304 ? 1_555 93.3  ? 
75 O   ? I HOH . ? B HOH 302 ? 1_555 MG ? D MG . ? B MG 200 ? 1_555 O  ? I HOH . ? B HOH 304 ? 1_555 105.4 ? 
76 O   ? I HOH . ? B HOH 303 ? 1_555 MG ? D MG . ? B MG 200 ? 1_555 O  ? I HOH . ? B HOH 304 ? 1_555 86.2  ? 
77 O   ? I HOH . ? B HOH 300 ? 1_555 MG ? D MG . ? B MG 200 ? 1_555 O  ? I HOH . ? B HOH 305 ? 1_555 80.7  ? 
78 O   ? I HOH . ? B HOH 301 ? 1_555 MG ? D MG . ? B MG 200 ? 1_555 O  ? I HOH . ? B HOH 305 ? 1_555 89.5  ? 
79 O   ? I HOH . ? B HOH 302 ? 1_555 MG ? D MG . ? B MG 200 ? 1_555 O  ? I HOH . ? B HOH 305 ? 1_555 76.3  ? 
80 O   ? I HOH . ? B HOH 303 ? 1_555 MG ? D MG . ? B MG 200 ? 1_555 O  ? I HOH . ? B HOH 305 ? 1_555 91.9  ? 
81 O   ? I HOH . ? B HOH 304 ? 1_555 MG ? D MG . ? B MG 200 ? 1_555 O  ? I HOH . ? B HOH 305 ? 1_555 176.7 ? 
# 
loop_
_struct_site.id 
_struct_site.pdbx_evidence_code 
_struct_site.pdbx_auth_asym_id 
_struct_site.pdbx_auth_comp_id 
_struct_site.pdbx_auth_seq_id 
_struct_site.pdbx_auth_ins_code 
_struct_site.pdbx_num_residues 
_struct_site.details 
AC1 Software A MG 203 ? 7 'BINDING SITE FOR RESIDUE MG A 203' 
AC2 Software B MG 200 ? 6 'BINDING SITE FOR RESIDUE MG B 200' 
AC3 Software B MG 201 ? 7 'BINDING SITE FOR RESIDUE MG B 201' 
AC4 Software B MG 202 ? 7 'BINDING SITE FOR RESIDUE MG B 202' 
AC5 Software B MG 204 ? 6 'BINDING SITE FOR RESIDUE MG B 204' 
# 
loop_
_struct_site_gen.id 
_struct_site_gen.site_id 
_struct_site_gen.pdbx_num_res 
_struct_site_gen.label_comp_id 
_struct_site_gen.label_asym_id 
_struct_site_gen.label_seq_id 
_struct_site_gen.pdbx_auth_ins_code 
_struct_site_gen.auth_comp_id 
_struct_site_gen.auth_asym_id 
_struct_site_gen.auth_seq_id 
_struct_site_gen.label_atom_id 
_struct_site_gen.label_alt_id 
_struct_site_gen.symmetry 
_struct_site_gen.details 
1  AC1 7 G   A 7 ? G   A 76  . ? 1_555 ? 
2  AC1 7 HOH H . ? HOH A 315 . ? 1_555 ? 
3  AC1 7 HOH H . ? HOH A 316 . ? 1_555 ? 
4  AC1 7 HOH H . ? HOH A 317 . ? 1_555 ? 
5  AC1 7 HOH H . ? HOH A 318 . ? 1_555 ? 
6  AC1 7 HOH I . ? HOH B 313 . ? 1_555 ? 
7  AC1 7 HOH I . ? HOH B 314 . ? 1_555 ? 
8  AC2 6 HOH I . ? HOH B 300 . ? 1_555 ? 
9  AC2 6 HOH I . ? HOH B 301 . ? 1_555 ? 
10 AC2 6 HOH I . ? HOH B 302 . ? 1_555 ? 
11 AC2 6 HOH I . ? HOH B 303 . ? 1_555 ? 
12 AC2 6 HOH I . ? HOH B 304 . ? 1_555 ? 
13 AC2 6 HOH I . ? HOH B 305 . ? 1_555 ? 
14 AC3 7 A   B 6 ? A   B 101 . ? 1_555 ? 
15 AC3 7 MG  F . ? MG  B 202 . ? 1_555 ? 
16 AC3 7 HOH I . ? HOH B 306 . ? 1_555 ? 
17 AC3 7 HOH I . ? HOH B 307 . ? 1_555 ? 
18 AC3 7 HOH I . ? HOH B 308 . ? 1_555 ? 
19 AC3 7 HOH I . ? HOH B 309 . ? 1_555 ? 
20 AC3 7 HOH I . ? HOH B 310 . ? 1_555 ? 
21 AC4 7 G   B 5 ? G   B 100 . ? 1_555 ? 
22 AC4 7 MG  E . ? MG  B 201 . ? 1_555 ? 
23 AC4 7 HOH I . ? HOH B 308 . ? 1_555 ? 
24 AC4 7 HOH I . ? HOH B 309 . ? 1_555 ? 
25 AC4 7 HOH I . ? HOH B 310 . ? 1_555 ? 
26 AC4 7 HOH I . ? HOH B 311 . ? 1_555 ? 
27 AC4 7 HOH I . ? HOH B 312 . ? 1_555 ? 
28 AC5 6 HOH H . ? HOH A 319 . ? 1_555 ? 
29 AC5 6 HOH H . ? HOH A 323 . ? 1_555 ? 
30 AC5 6 G   B 3 ? G   B 98  . ? 1_555 ? 
31 AC5 6 HOH I . ? HOH B 320 . ? 1_555 ? 
32 AC5 6 HOH I . ? HOH B 321 . ? 1_555 ? 
33 AC5 6 HOH I . ? HOH B 322 . ? 1_555 ? 
# 
loop_
_pdbx_validate_close_contact.id 
_pdbx_validate_close_contact.PDB_model_num 
_pdbx_validate_close_contact.auth_atom_id_1 
_pdbx_validate_close_contact.auth_asym_id_1 
_pdbx_validate_close_contact.auth_comp_id_1 
_pdbx_validate_close_contact.auth_seq_id_1 
_pdbx_validate_close_contact.PDB_ins_code_1 
_pdbx_validate_close_contact.label_alt_id_1 
_pdbx_validate_close_contact.auth_atom_id_2 
_pdbx_validate_close_contact.auth_asym_id_2 
_pdbx_validate_close_contact.auth_comp_id_2 
_pdbx_validate_close_contact.auth_seq_id_2 
_pdbx_validate_close_contact.PDB_ins_code_2 
_pdbx_validate_close_contact.label_alt_id_2 
_pdbx_validate_close_contact.dist 
1 1 O B HOH 375 ? ? O B HOH 411 ? ? 2.09 
2 1 O A HOH 353 ? ? O A HOH 402 ? ? 2.12 
3 1 O A HOH 387 ? ? O A HOH 417 ? ? 2.15 
4 1 O B HOH 372 ? ? O B HOH 389 ? ? 2.17 
# 
_pdbx_struct_mod_residue.id               1 
_pdbx_struct_mod_residue.label_asym_id    B 
_pdbx_struct_mod_residue.label_comp_id    G46 
_pdbx_struct_mod_residue.label_seq_id     11 
_pdbx_struct_mod_residue.auth_asym_id     B 
_pdbx_struct_mod_residue.auth_comp_id     G46 
_pdbx_struct_mod_residue.auth_seq_id      106 
_pdbx_struct_mod_residue.PDB_ins_code     ? 
_pdbx_struct_mod_residue.parent_comp_id   G 
_pdbx_struct_mod_residue.details          "GUANOSINE-5'-MONOTHIOPHOSPHATE" 
# 
loop_
_chem_comp_atom.comp_id 
_chem_comp_atom.atom_id 
_chem_comp_atom.type_symbol 
_chem_comp_atom.pdbx_aromatic_flag 
_chem_comp_atom.pdbx_stereo_config 
_chem_comp_atom.pdbx_ordinal 
A   OP3    O  N N 1   
A   P      P  N N 2   
A   OP1    O  N N 3   
A   OP2    O  N N 4   
A   "O5'"  O  N N 5   
A   "C5'"  C  N N 6   
A   "C4'"  C  N R 7   
A   "O4'"  O  N N 8   
A   "C3'"  C  N S 9   
A   "O3'"  O  N N 10  
A   "C2'"  C  N R 11  
A   "O2'"  O  N N 12  
A   "C1'"  C  N R 13  
A   N9     N  Y N 14  
A   C8     C  Y N 15  
A   N7     N  Y N 16  
A   C5     C  Y N 17  
A   C6     C  Y N 18  
A   N6     N  N N 19  
A   N1     N  Y N 20  
A   C2     C  Y N 21  
A   N3     N  Y N 22  
A   C4     C  Y N 23  
A   HOP3   H  N N 24  
A   HOP2   H  N N 25  
A   "H5'"  H  N N 26  
A   "H5''" H  N N 27  
A   "H4'"  H  N N 28  
A   "H3'"  H  N N 29  
A   "HO3'" H  N N 30  
A   "H2'"  H  N N 31  
A   "HO2'" H  N N 32  
A   "H1'"  H  N N 33  
A   H8     H  N N 34  
A   H61    H  N N 35  
A   H62    H  N N 36  
A   H2     H  N N 37  
C   OP3    O  N N 38  
C   P      P  N N 39  
C   OP1    O  N N 40  
C   OP2    O  N N 41  
C   "O5'"  O  N N 42  
C   "C5'"  C  N N 43  
C   "C4'"  C  N R 44  
C   "O4'"  O  N N 45  
C   "C3'"  C  N S 46  
C   "O3'"  O  N N 47  
C   "C2'"  C  N R 48  
C   "O2'"  O  N N 49  
C   "C1'"  C  N R 50  
C   N1     N  N N 51  
C   C2     C  N N 52  
C   O2     O  N N 53  
C   N3     N  N N 54  
C   C4     C  N N 55  
C   N4     N  N N 56  
C   C5     C  N N 57  
C   C6     C  N N 58  
C   HOP3   H  N N 59  
C   HOP2   H  N N 60  
C   "H5'"  H  N N 61  
C   "H5''" H  N N 62  
C   "H4'"  H  N N 63  
C   "H3'"  H  N N 64  
C   "HO3'" H  N N 65  
C   "H2'"  H  N N 66  
C   "HO2'" H  N N 67  
C   "H1'"  H  N N 68  
C   H41    H  N N 69  
C   H42    H  N N 70  
C   H5     H  N N 71  
C   H6     H  N N 72  
DG  OP3    O  N N 73  
DG  P      P  N N 74  
DG  OP1    O  N N 75  
DG  OP2    O  N N 76  
DG  "O5'"  O  N N 77  
DG  "C5'"  C  N N 78  
DG  "C4'"  C  N R 79  
DG  "O4'"  O  N N 80  
DG  "C3'"  C  N S 81  
DG  "O3'"  O  N N 82  
DG  "C2'"  C  N N 83  
DG  "C1'"  C  N R 84  
DG  N9     N  Y N 85  
DG  C8     C  Y N 86  
DG  N7     N  Y N 87  
DG  C5     C  Y N 88  
DG  C6     C  N N 89  
DG  O6     O  N N 90  
DG  N1     N  N N 91  
DG  C2     C  N N 92  
DG  N2     N  N N 93  
DG  N3     N  N N 94  
DG  C4     C  Y N 95  
DG  HOP3   H  N N 96  
DG  HOP2   H  N N 97  
DG  "H5'"  H  N N 98  
DG  "H5''" H  N N 99  
DG  "H4'"  H  N N 100 
DG  "H3'"  H  N N 101 
DG  "HO3'" H  N N 102 
DG  "H2'"  H  N N 103 
DG  "H2''" H  N N 104 
DG  "H1'"  H  N N 105 
DG  H8     H  N N 106 
DG  H1     H  N N 107 
DG  H21    H  N N 108 
DG  H22    H  N N 109 
G   OP3    O  N N 110 
G   P      P  N N 111 
G   OP1    O  N N 112 
G   OP2    O  N N 113 
G   "O5'"  O  N N 114 
G   "C5'"  C  N N 115 
G   "C4'"  C  N R 116 
G   "O4'"  O  N N 117 
G   "C3'"  C  N S 118 
G   "O3'"  O  N N 119 
G   "C2'"  C  N R 120 
G   "O2'"  O  N N 121 
G   "C1'"  C  N R 122 
G   N9     N  Y N 123 
G   C8     C  Y N 124 
G   N7     N  Y N 125 
G   C5     C  Y N 126 
G   C6     C  N N 127 
G   O6     O  N N 128 
G   N1     N  N N 129 
G   C2     C  N N 130 
G   N2     N  N N 131 
G   N3     N  N N 132 
G   C4     C  Y N 133 
G   HOP3   H  N N 134 
G   HOP2   H  N N 135 
G   "H5'"  H  N N 136 
G   "H5''" H  N N 137 
G   "H4'"  H  N N 138 
G   "H3'"  H  N N 139 
G   "HO3'" H  N N 140 
G   "H2'"  H  N N 141 
G   "HO2'" H  N N 142 
G   "H1'"  H  N N 143 
G   H8     H  N N 144 
G   H1     H  N N 145 
G   H21    H  N N 146 
G   H22    H  N N 147 
G46 P      P  N N 148 
G46 O1P    O  N N 149 
G46 S2P    S  N N 150 
G46 O3P    O  N N 151 
G46 "O5'"  O  N N 152 
G46 "C5'"  C  N N 153 
G46 "C4'"  C  N R 154 
G46 "O4'"  O  N N 155 
G46 "C3'"  C  N S 156 
G46 "O3'"  O  N N 157 
G46 "C2'"  C  N R 158 
G46 "C1'"  C  N R 159 
G46 "O2'"  O  N N 160 
G46 N9     N  Y N 161 
G46 C8     C  Y N 162 
G46 N7     N  Y N 163 
G46 C5     C  Y N 164 
G46 C6     C  N N 165 
G46 O6     O  N N 166 
G46 N1     N  N N 167 
G46 C2     C  N N 168 
G46 N2     N  N N 169 
G46 N3     N  N N 170 
G46 C4     C  Y N 171 
G46 H1P    H  N N 172 
G46 HS     H  N N 173 
G46 "H5'1" H  N N 174 
G46 "H5'2" H  N N 175 
G46 "H4'"  H  N N 176 
G46 "H3'"  H  N N 177 
G46 HA     H  N N 178 
G46 "H2'"  H  N N 179 
G46 "H1'"  H  N N 180 
G46 HB     H  N N 181 
G46 H8     H  N N 182 
G46 H1     H  N N 183 
G46 H2N1   H  N N 184 
G46 H2N2   H  N N 185 
HOH O      O  N N 186 
HOH H1     H  N N 187 
HOH H2     H  N N 188 
MG  MG     MG N N 189 
U   OP3    O  N N 190 
U   P      P  N N 191 
U   OP1    O  N N 192 
U   OP2    O  N N 193 
U   "O5'"  O  N N 194 
U   "C5'"  C  N N 195 
U   "C4'"  C  N R 196 
U   "O4'"  O  N N 197 
U   "C3'"  C  N S 198 
U   "O3'"  O  N N 199 
U   "C2'"  C  N R 200 
U   "O2'"  O  N N 201 
U   "C1'"  C  N R 202 
U   N1     N  N N 203 
U   C2     C  N N 204 
U   O2     O  N N 205 
U   N3     N  N N 206 
U   C4     C  N N 207 
U   O4     O  N N 208 
U   C5     C  N N 209 
U   C6     C  N N 210 
U   HOP3   H  N N 211 
U   HOP2   H  N N 212 
U   "H5'"  H  N N 213 
U   "H5''" H  N N 214 
U   "H4'"  H  N N 215 
U   "H3'"  H  N N 216 
U   "HO3'" H  N N 217 
U   "H2'"  H  N N 218 
U   "HO2'" H  N N 219 
U   "H1'"  H  N N 220 
U   H3     H  N N 221 
U   H5     H  N N 222 
U   H6     H  N N 223 
# 
loop_
_chem_comp_bond.comp_id 
_chem_comp_bond.atom_id_1 
_chem_comp_bond.atom_id_2 
_chem_comp_bond.value_order 
_chem_comp_bond.pdbx_aromatic_flag 
_chem_comp_bond.pdbx_stereo_config 
_chem_comp_bond.pdbx_ordinal 
A   OP3   P      sing N N 1   
A   OP3   HOP3   sing N N 2   
A   P     OP1    doub N N 3   
A   P     OP2    sing N N 4   
A   P     "O5'"  sing N N 5   
A   OP2   HOP2   sing N N 6   
A   "O5'" "C5'"  sing N N 7   
A   "C5'" "C4'"  sing N N 8   
A   "C5'" "H5'"  sing N N 9   
A   "C5'" "H5''" sing N N 10  
A   "C4'" "O4'"  sing N N 11  
A   "C4'" "C3'"  sing N N 12  
A   "C4'" "H4'"  sing N N 13  
A   "O4'" "C1'"  sing N N 14  
A   "C3'" "O3'"  sing N N 15  
A   "C3'" "C2'"  sing N N 16  
A   "C3'" "H3'"  sing N N 17  
A   "O3'" "HO3'" sing N N 18  
A   "C2'" "O2'"  sing N N 19  
A   "C2'" "C1'"  sing N N 20  
A   "C2'" "H2'"  sing N N 21  
A   "O2'" "HO2'" sing N N 22  
A   "C1'" N9     sing N N 23  
A   "C1'" "H1'"  sing N N 24  
A   N9    C8     sing Y N 25  
A   N9    C4     sing Y N 26  
A   C8    N7     doub Y N 27  
A   C8    H8     sing N N 28  
A   N7    C5     sing Y N 29  
A   C5    C6     sing Y N 30  
A   C5    C4     doub Y N 31  
A   C6    N6     sing N N 32  
A   C6    N1     doub Y N 33  
A   N6    H61    sing N N 34  
A   N6    H62    sing N N 35  
A   N1    C2     sing Y N 36  
A   C2    N3     doub Y N 37  
A   C2    H2     sing N N 38  
A   N3    C4     sing Y N 39  
C   OP3   P      sing N N 40  
C   OP3   HOP3   sing N N 41  
C   P     OP1    doub N N 42  
C   P     OP2    sing N N 43  
C   P     "O5'"  sing N N 44  
C   OP2   HOP2   sing N N 45  
C   "O5'" "C5'"  sing N N 46  
C   "C5'" "C4'"  sing N N 47  
C   "C5'" "H5'"  sing N N 48  
C   "C5'" "H5''" sing N N 49  
C   "C4'" "O4'"  sing N N 50  
C   "C4'" "C3'"  sing N N 51  
C   "C4'" "H4'"  sing N N 52  
C   "O4'" "C1'"  sing N N 53  
C   "C3'" "O3'"  sing N N 54  
C   "C3'" "C2'"  sing N N 55  
C   "C3'" "H3'"  sing N N 56  
C   "O3'" "HO3'" sing N N 57  
C   "C2'" "O2'"  sing N N 58  
C   "C2'" "C1'"  sing N N 59  
C   "C2'" "H2'"  sing N N 60  
C   "O2'" "HO2'" sing N N 61  
C   "C1'" N1     sing N N 62  
C   "C1'" "H1'"  sing N N 63  
C   N1    C2     sing N N 64  
C   N1    C6     sing N N 65  
C   C2    O2     doub N N 66  
C   C2    N3     sing N N 67  
C   N3    C4     doub N N 68  
C   C4    N4     sing N N 69  
C   C4    C5     sing N N 70  
C   N4    H41    sing N N 71  
C   N4    H42    sing N N 72  
C   C5    C6     doub N N 73  
C   C5    H5     sing N N 74  
C   C6    H6     sing N N 75  
DG  OP3   P      sing N N 76  
DG  OP3   HOP3   sing N N 77  
DG  P     OP1    doub N N 78  
DG  P     OP2    sing N N 79  
DG  P     "O5'"  sing N N 80  
DG  OP2   HOP2   sing N N 81  
DG  "O5'" "C5'"  sing N N 82  
DG  "C5'" "C4'"  sing N N 83  
DG  "C5'" "H5'"  sing N N 84  
DG  "C5'" "H5''" sing N N 85  
DG  "C4'" "O4'"  sing N N 86  
DG  "C4'" "C3'"  sing N N 87  
DG  "C4'" "H4'"  sing N N 88  
DG  "O4'" "C1'"  sing N N 89  
DG  "C3'" "O3'"  sing N N 90  
DG  "C3'" "C2'"  sing N N 91  
DG  "C3'" "H3'"  sing N N 92  
DG  "O3'" "HO3'" sing N N 93  
DG  "C2'" "C1'"  sing N N 94  
DG  "C2'" "H2'"  sing N N 95  
DG  "C2'" "H2''" sing N N 96  
DG  "C1'" N9     sing N N 97  
DG  "C1'" "H1'"  sing N N 98  
DG  N9    C8     sing Y N 99  
DG  N9    C4     sing Y N 100 
DG  C8    N7     doub Y N 101 
DG  C8    H8     sing N N 102 
DG  N7    C5     sing Y N 103 
DG  C5    C6     sing N N 104 
DG  C5    C4     doub Y N 105 
DG  C6    O6     doub N N 106 
DG  C6    N1     sing N N 107 
DG  N1    C2     sing N N 108 
DG  N1    H1     sing N N 109 
DG  C2    N2     sing N N 110 
DG  C2    N3     doub N N 111 
DG  N2    H21    sing N N 112 
DG  N2    H22    sing N N 113 
DG  N3    C4     sing N N 114 
G   OP3   P      sing N N 115 
G   OP3   HOP3   sing N N 116 
G   P     OP1    doub N N 117 
G   P     OP2    sing N N 118 
G   P     "O5'"  sing N N 119 
G   OP2   HOP2   sing N N 120 
G   "O5'" "C5'"  sing N N 121 
G   "C5'" "C4'"  sing N N 122 
G   "C5'" "H5'"  sing N N 123 
G   "C5'" "H5''" sing N N 124 
G   "C4'" "O4'"  sing N N 125 
G   "C4'" "C3'"  sing N N 126 
G   "C4'" "H4'"  sing N N 127 
G   "O4'" "C1'"  sing N N 128 
G   "C3'" "O3'"  sing N N 129 
G   "C3'" "C2'"  sing N N 130 
G   "C3'" "H3'"  sing N N 131 
G   "O3'" "HO3'" sing N N 132 
G   "C2'" "O2'"  sing N N 133 
G   "C2'" "C1'"  sing N N 134 
G   "C2'" "H2'"  sing N N 135 
G   "O2'" "HO2'" sing N N 136 
G   "C1'" N9     sing N N 137 
G   "C1'" "H1'"  sing N N 138 
G   N9    C8     sing Y N 139 
G   N9    C4     sing Y N 140 
G   C8    N7     doub Y N 141 
G   C8    H8     sing N N 142 
G   N7    C5     sing Y N 143 
G   C5    C6     sing N N 144 
G   C5    C4     doub Y N 145 
G   C6    O6     doub N N 146 
G   C6    N1     sing N N 147 
G   N1    C2     sing N N 148 
G   N1    H1     sing N N 149 
G   C2    N2     sing N N 150 
G   C2    N3     doub N N 151 
G   N2    H21    sing N N 152 
G   N2    H22    sing N N 153 
G   N3    C4     sing N N 154 
G46 P     O1P    sing N N 155 
G46 P     S2P    sing N N 156 
G46 P     O3P    doub N N 157 
G46 P     "O5'"  sing N N 158 
G46 O1P   H1P    sing N N 159 
G46 S2P   HS     sing N N 160 
G46 "O5'" "C5'"  sing N N 161 
G46 "C5'" "C4'"  sing N N 162 
G46 "C5'" "H5'1" sing N N 163 
G46 "C5'" "H5'2" sing N N 164 
G46 "C4'" "O4'"  sing N N 165 
G46 "C4'" "C3'"  sing N N 166 
G46 "C4'" "H4'"  sing N N 167 
G46 "O4'" "C1'"  sing N N 168 
G46 "C3'" "O3'"  sing N N 169 
G46 "C3'" "C2'"  sing N N 170 
G46 "C3'" "H3'"  sing N N 171 
G46 "O3'" HA     sing N N 172 
G46 "C2'" "C1'"  sing N N 173 
G46 "C2'" "O2'"  sing N N 174 
G46 "C2'" "H2'"  sing N N 175 
G46 "C1'" N9     sing N N 176 
G46 "C1'" "H1'"  sing N N 177 
G46 "O2'" HB     sing N N 178 
G46 N9    C8     sing Y N 179 
G46 N9    C4     sing Y N 180 
G46 C8    N7     doub Y N 181 
G46 C8    H8     sing N N 182 
G46 N7    C5     sing Y N 183 
G46 C5    C6     sing N N 184 
G46 C5    C4     doub Y N 185 
G46 C6    O6     doub N N 186 
G46 C6    N1     sing N N 187 
G46 N1    C2     sing N N 188 
G46 N1    H1     sing N N 189 
G46 C2    N2     sing N N 190 
G46 C2    N3     doub N N 191 
G46 N2    H2N1   sing N N 192 
G46 N2    H2N2   sing N N 193 
G46 N3    C4     sing N N 194 
HOH O     H1     sing N N 195 
HOH O     H2     sing N N 196 
U   OP3   P      sing N N 197 
U   OP3   HOP3   sing N N 198 
U   P     OP1    doub N N 199 
U   P     OP2    sing N N 200 
U   P     "O5'"  sing N N 201 
U   OP2   HOP2   sing N N 202 
U   "O5'" "C5'"  sing N N 203 
U   "C5'" "C4'"  sing N N 204 
U   "C5'" "H5'"  sing N N 205 
U   "C5'" "H5''" sing N N 206 
U   "C4'" "O4'"  sing N N 207 
U   "C4'" "C3'"  sing N N 208 
U   "C4'" "H4'"  sing N N 209 
U   "O4'" "C1'"  sing N N 210 
U   "C3'" "O3'"  sing N N 211 
U   "C3'" "C2'"  sing N N 212 
U   "C3'" "H3'"  sing N N 213 
U   "O3'" "HO3'" sing N N 214 
U   "C2'" "O2'"  sing N N 215 
U   "C2'" "C1'"  sing N N 216 
U   "C2'" "H2'"  sing N N 217 
U   "O2'" "HO2'" sing N N 218 
U   "C1'" N1     sing N N 219 
U   "C1'" "H1'"  sing N N 220 
U   N1    C2     sing N N 221 
U   N1    C6     sing N N 222 
U   C2    O2     doub N N 223 
U   C2    N3     sing N N 224 
U   N3    C4     sing N N 225 
U   N3    H3     sing N N 226 
U   C4    O4     doub N N 227 
U   C4    C5     sing N N 228 
U   C5    C6     doub N N 229 
U   C5    H5     sing N N 230 
U   C6    H6     sing N N 231 
# 
loop_
_ndb_struct_conf_na.entry_id 
_ndb_struct_conf_na.feature 
354D 'double helix'         
354D 'a-form double helix'  
354D 'mismatched base pair' 
# 
loop_
_ndb_struct_na_base_pair.model_number 
_ndb_struct_na_base_pair.i_label_asym_id 
_ndb_struct_na_base_pair.i_label_comp_id 
_ndb_struct_na_base_pair.i_label_seq_id 
_ndb_struct_na_base_pair.i_symmetry 
_ndb_struct_na_base_pair.j_label_asym_id 
_ndb_struct_na_base_pair.j_label_comp_id 
_ndb_struct_na_base_pair.j_label_seq_id 
_ndb_struct_na_base_pair.j_symmetry 
_ndb_struct_na_base_pair.shear 
_ndb_struct_na_base_pair.stretch 
_ndb_struct_na_base_pair.stagger 
_ndb_struct_na_base_pair.buckle 
_ndb_struct_na_base_pair.propeller 
_ndb_struct_na_base_pair.opening 
_ndb_struct_na_base_pair.pair_number 
_ndb_struct_na_base_pair.pair_name 
_ndb_struct_na_base_pair.i_auth_asym_id 
_ndb_struct_na_base_pair.i_auth_seq_id 
_ndb_struct_na_base_pair.i_PDB_ins_code 
_ndb_struct_na_base_pair.j_auth_asym_id 
_ndb_struct_na_base_pair.j_auth_seq_id 
_ndb_struct_na_base_pair.j_PDB_ins_code 
_ndb_struct_na_base_pair.hbond_type_28 
_ndb_struct_na_base_pair.hbond_type_12 
1 A C 1  1_555 B G46 11 1_555 0.036  -0.050 -0.072 4.749  -2.863  -2.171  1  A_C70:G46106_B A 70 ? B 106 ? 19 1  
1 A C 2  1_555 B DG  10 1_555 0.274  -0.112 -0.184 2.743  -5.378  0.210   2  A_C71:DG105_B  A 71 ? B 105 ? 19 1  
1 A G 3  1_555 B A   9  1_555 6.939  -4.314 -0.206 -0.762 -2.603  -3.354  3  A_G72:A104_B   A 72 ? B 104 ? 11 10 
1 A A 4  1_555 B U   8  1_555 -4.320 -2.267 -0.681 -2.256 -16.357 -89.324 4  A_A73:U103_B   A 73 ? B 103 ? 24 4  
1 A U 5  1_555 B G   7  1_555 -4.704 0.408  -0.221 -2.394 -9.581  -52.681 5  A_U74:G102_B   A 74 ? B 102 ? ?  1  
1 A G 6  1_555 B A   6  1_555 -0.534 3.057  -0.348 -0.999 -6.988  -63.638 6  A_G75:A101_B   A 75 ? B 101 ? ?  ?  
1 A G 7  1_555 B G   5  1_555 3.977  1.254  -0.124 5.979  -8.561  -66.267 7  A_G76:G100_B   A 76 ? B 100 ? ?  ?  
1 A U 8  1_555 B A   4  1_555 4.277  -2.134 -0.721 2.297  -20.545 -95.647 8  A_U77:A99_B    A 77 ? B 99  ? 24 4  
1 A A 9  1_555 B G   3  1_555 -6.976 -4.202 -0.227 -0.309 -3.249  -0.434  9  A_A78:G98_B    A 78 ? B 98  ? 11 9  
1 A G 10 1_555 B C   2  1_555 -0.280 -0.048 -0.140 -1.630 -4.944  -1.749  10 A_G79:C97_B    A 79 ? B 97  ? 19 1  
1 A U 11 1_555 B G   1  1_555 2.358  -0.529 -0.183 2.962  -2.263  -3.999  11 A_U80:G96_B    A 80 ? B 96  ? 28 ?  
# 
loop_
_ndb_struct_na_base_pair_step.model_number 
_ndb_struct_na_base_pair_step.i_label_asym_id_1 
_ndb_struct_na_base_pair_step.i_label_comp_id_1 
_ndb_struct_na_base_pair_step.i_label_seq_id_1 
_ndb_struct_na_base_pair_step.i_symmetry_1 
_ndb_struct_na_base_pair_step.j_label_asym_id_1 
_ndb_struct_na_base_pair_step.j_label_comp_id_1 
_ndb_struct_na_base_pair_step.j_label_seq_id_1 
_ndb_struct_na_base_pair_step.j_symmetry_1 
_ndb_struct_na_base_pair_step.i_label_asym_id_2 
_ndb_struct_na_base_pair_step.i_label_comp_id_2 
_ndb_struct_na_base_pair_step.i_label_seq_id_2 
_ndb_struct_na_base_pair_step.i_symmetry_2 
_ndb_struct_na_base_pair_step.j_label_asym_id_2 
_ndb_struct_na_base_pair_step.j_label_comp_id_2 
_ndb_struct_na_base_pair_step.j_label_seq_id_2 
_ndb_struct_na_base_pair_step.j_symmetry_2 
_ndb_struct_na_base_pair_step.shift 
_ndb_struct_na_base_pair_step.slide 
_ndb_struct_na_base_pair_step.rise 
_ndb_struct_na_base_pair_step.tilt 
_ndb_struct_na_base_pair_step.roll 
_ndb_struct_na_base_pair_step.twist 
_ndb_struct_na_base_pair_step.x_displacement 
_ndb_struct_na_base_pair_step.y_displacement 
_ndb_struct_na_base_pair_step.helical_rise 
_ndb_struct_na_base_pair_step.inclination 
_ndb_struct_na_base_pair_step.tip 
_ndb_struct_na_base_pair_step.helical_twist 
_ndb_struct_na_base_pair_step.step_number 
_ndb_struct_na_base_pair_step.step_name 
_ndb_struct_na_base_pair_step.i_auth_asym_id_1 
_ndb_struct_na_base_pair_step.i_auth_seq_id_1 
_ndb_struct_na_base_pair_step.i_PDB_ins_code_1 
_ndb_struct_na_base_pair_step.j_auth_asym_id_1 
_ndb_struct_na_base_pair_step.j_auth_seq_id_1 
_ndb_struct_na_base_pair_step.j_PDB_ins_code_1 
_ndb_struct_na_base_pair_step.i_auth_asym_id_2 
_ndb_struct_na_base_pair_step.i_auth_seq_id_2 
_ndb_struct_na_base_pair_step.i_PDB_ins_code_2 
_ndb_struct_na_base_pair_step.j_auth_asym_id_2 
_ndb_struct_na_base_pair_step.j_auth_seq_id_2 
_ndb_struct_na_base_pair_step.j_PDB_ins_code_2 
1 A C 1  1_555 B G46 11 1_555 A C 2  1_555 B DG 10 1_555 -0.164 -2.326 3.410 -0.615 1.533  31.319  -4.600 0.185   3.298 2.837   
1.137  31.362  1  AA_C70C71:DG105G46106_BB A 70 ? B 106 ? A 71 ? B 105 ? 
1 A C 2  1_555 B DG  10 1_555 A G 3  1_555 B A  9  1_555 -0.531 -0.928 3.582 2.208  3.066  61.783  -1.056 0.627   3.518 2.983   
-2.148 61.887  2  AA_C71G72:A104DG105_BB   A 71 ? B 105 ? A 72 ? B 104 ? 
1 A G 3  1_555 B A   9  1_555 A A 4  1_555 B U  8  1_555 -4.645 -1.318 3.447 -1.921 3.346  -16.508 2.270  -17.023 3.093 -11.451 
-6.573 -16.949 3  AA_G72A73:U103A104_BB    A 72 ? B 104 ? A 73 ? B 103 ? 
1 A A 4  1_555 B U   8  1_555 A U 5  1_555 B G  7  1_555 1.905  -2.351 3.224 2.110  -0.022 45.873  -3.012 -2.260  3.305 -0.028  
-2.705 45.919  4  AA_A73U74:G102U103_BB    A 73 ? B 103 ? A 74 ? B 102 ? 
1 A U 5  1_555 B G   7  1_555 A G 6  1_555 B A  6  1_555 -0.488 -2.662 3.413 -1.343 7.024  46.092  -3.946 0.506   3.011 8.908   
1.703  46.613  5  AA_U74G75:A101G102_BB    A 74 ? B 102 ? A 75 ? B 101 ? 
1 A G 6  1_555 B A   6  1_555 A G 7  1_555 B G  5  1_555 -0.469 -2.552 3.221 -1.483 3.379  46.646  -3.484 0.472   3.052 4.259   
1.870  46.784  6  AA_G75G76:G100A101_BB    A 75 ? B 101 ? A 76 ? B 100 ? 
1 A G 7  1_555 B G   5  1_555 A U 8  1_555 B A  4  1_555 -0.880 -2.548 3.314 0.859  0.200  48.137  -3.139 1.147   3.289 0.245   
-1.052 48.145  7  AA_G76U77:A99G100_BB     A 76 ? B 100 ? A 77 ? B 99  ? 
1 A U 8  1_555 B A   4  1_555 A A 9  1_555 B G  3  1_555 5.108  -1.521 3.464 2.245  1.815  -15.118 4.285  20.796  2.841 -6.818  
8.433  -15.390 8  AA_U77A78:G98A99_BB      A 77 ? B 99  ? A 78 ? B 98  ? 
1 A A 9  1_555 B G   3  1_555 A G 10 1_555 B C  2  1_555 -0.013 -0.941 3.542 -1.731 2.568  61.551  -1.048 -0.074  3.504 2.508   
1.690  61.621  9  AA_A78G79:C97G98_BB      A 78 ? B 98  ? A 79 ? B 97  ? 
1 A G 10 1_555 B C   2  1_555 A U 11 1_555 B G  1  1_555 0.088  -1.981 3.314 0.806  1.947  38.099  -3.275 -0.032  3.214 2.980   
-1.234 38.155  10 AA_G79U80:G96C97_BB      A 79 ? B 97  ? A 80 ? B 96  ? 
# 
_atom_sites.entry_id                    354D 
_atom_sites.fract_transf_matrix[1][1]   -0.01305033 
_atom_sites.fract_transf_matrix[1][2]   0.00252852 
_atom_sites.fract_transf_matrix[1][3]   -0.00605456 
_atom_sites.fract_transf_matrix[2][1]   -0.00799098 
_atom_sites.fract_transf_matrix[2][2]   -0.02432136 
_atom_sites.fract_transf_matrix[2][3]   0.00706704 
_atom_sites.fract_transf_matrix[3][1]   -0.01784986 
_atom_sites.fract_transf_matrix[3][2]   0.01249909 
_atom_sites.fract_transf_matrix[3][3]   0.02283232 
_atom_sites.fract_transf_vector[1]      0.097038 
_atom_sites.fract_transf_vector[2]      0.238874 
_atom_sites.fract_transf_vector[3]      0.762614 
# 
loop_
_atom_type.symbol 
C  
MG 
N  
O  
P  
S  
# 
loop_
_atom_site.group_PDB 
_atom_site.id 
_atom_site.type_symbol 
_atom_site.label_atom_id 
_atom_site.label_alt_id 
_atom_site.label_comp_id 
_atom_site.label_asym_id 
_atom_site.label_entity_id 
_atom_site.label_seq_id 
_atom_site.pdbx_PDB_ins_code 
_atom_site.Cartn_x 
_atom_site.Cartn_y 
_atom_site.Cartn_z 
_atom_site.occupancy 
_atom_site.B_iso_or_equiv 
_atom_site.pdbx_formal_charge 
_atom_site.auth_seq_id 
_atom_site.auth_comp_id 
_atom_site.auth_asym_id 
_atom_site.auth_atom_id 
_atom_site.pdbx_PDB_model_num 
ATOM   1   O  "O5'" . C   A 1 1  ? -5.277  4.594   -16.312 1.00 32.21 ? 70  C   A "O5'" 1 
ATOM   2   C  "C5'" . C   A 1 1  ? -4.225  4.915   -17.210 1.00 28.23 ? 70  C   A "C5'" 1 
ATOM   3   C  "C4'" . C   A 1 1  ? -3.600  6.245   -16.861 1.00 26.63 ? 70  C   A "C4'" 1 
ATOM   4   O  "O4'" . C   A 1 1  ? -4.633  7.273   -16.876 1.00 25.21 ? 70  C   A "O4'" 1 
ATOM   5   C  "C3'" . C   A 1 1  ? -3.021  6.339   -15.459 1.00 26.52 ? 70  C   A "C3'" 1 
ATOM   6   O  "O3'" . C   A 1 1  ? -1.704  5.776   -15.433 1.00 26.82 ? 70  C   A "O3'" 1 
ATOM   7   C  "C2'" . C   A 1 1  ? -3.006  7.849   -15.265 1.00 25.40 ? 70  C   A "C2'" 1 
ATOM   8   O  "O2'" . C   A 1 1  ? -1.983  8.464   -16.014 1.00 28.54 ? 70  C   A "O2'" 1 
ATOM   9   C  "C1'" . C   A 1 1  ? -4.357  8.238   -15.869 1.00 23.97 ? 70  C   A "C1'" 1 
ATOM   10  N  N1    . C   A 1 1  ? -5.459  8.230   -14.897 1.00 20.47 ? 70  C   A N1    1 
ATOM   11  C  C2    . C   A 1 1  ? -5.448  9.190   -13.855 1.00 18.96 ? 70  C   A C2    1 
ATOM   12  O  O2    . C   A 1 1  ? -4.525  10.008  -13.811 1.00 20.97 ? 70  C   A O2    1 
ATOM   13  N  N3    . C   A 1 1  ? -6.443  9.181   -12.942 1.00 20.73 ? 70  C   A N3    1 
ATOM   14  C  C4    . C   A 1 1  ? -7.426  8.280   -13.032 1.00 18.94 ? 70  C   A C4    1 
ATOM   15  N  N4    . C   A 1 1  ? -8.404  8.304   -12.114 1.00 22.54 ? 70  C   A N4    1 
ATOM   16  C  C5    . C   A 1 1  ? -7.464  7.301   -14.080 1.00 21.33 ? 70  C   A C5    1 
ATOM   17  C  C6    . C   A 1 1  ? -6.470  7.318   -14.980 1.00 18.59 ? 70  C   A C6    1 
ATOM   18  P  P     . C   A 1 2  ? -1.134  5.107   -14.071 1.00 28.33 ? 71  C   A P     1 
ATOM   19  O  OP1   . C   A 1 2  ? 0.196   4.488   -14.379 1.00 30.90 ? 71  C   A OP1   1 
ATOM   20  O  OP2   . C   A 1 2  ? -2.217  4.280   -13.541 1.00 26.83 ? 71  C   A OP2   1 
ATOM   21  O  "O5'" . C   A 1 2  ? -0.864  6.344   -13.110 1.00 25.67 ? 71  C   A "O5'" 1 
ATOM   22  C  "C5'" . C   A 1 2  ? 0.118   7.346   -13.428 1.00 21.90 ? 71  C   A "C5'" 1 
ATOM   23  C  "C4'" . C   A 1 2  ? 0.085   8.447   -12.400 1.00 26.41 ? 71  C   A "C4'" 1 
ATOM   24  O  "O4'" . C   A 1 2  ? -1.237  9.058   -12.404 1.00 23.86 ? 71  C   A "O4'" 1 
ATOM   25  C  "C3'" . C   A 1 2  ? 0.255   8.007   -10.952 1.00 25.69 ? 71  C   A "C3'" 1 
ATOM   26  O  "O3'" . C   A 1 2  ? 1.631   7.805   -10.611 1.00 27.27 ? 71  C   A "O3'" 1 
ATOM   27  C  "C2'" . C   A 1 2  ? -0.337  9.193   -10.205 1.00 24.57 ? 71  C   A "C2'" 1 
ATOM   28  O  "O2'" . C   A 1 2  ? 0.542   10.296  -10.123 1.00 24.88 ? 71  C   A "O2'" 1 
ATOM   29  C  "C1'" . C   A 1 2  ? -1.530  9.546   -11.095 1.00 22.32 ? 71  C   A "C1'" 1 
ATOM   30  N  N1    . C   A 1 2  ? -2.761  8.895   -10.617 1.00 19.21 ? 71  C   A N1    1 
ATOM   31  C  C2    . C   A 1 2  ? -3.364  9.384   -9.457  1.00 16.93 ? 71  C   A C2    1 
ATOM   32  O  O2    . C   A 1 2  ? -2.796  10.303  -8.833  1.00 21.82 ? 71  C   A O2    1 
ATOM   33  N  N3    . C   A 1 2  ? -4.538  8.836   -9.047  1.00 19.43 ? 71  C   A N3    1 
ATOM   34  C  C4    . C   A 1 2  ? -5.082  7.828   -9.736  1.00 19.03 ? 71  C   A C4    1 
ATOM   35  N  N4    . C   A 1 2  ? -6.247  7.339   -9.321  1.00 21.38 ? 71  C   A N4    1 
ATOM   36  C  C5    . C   A 1 2  ? -4.457  7.282   -10.894 1.00 20.52 ? 71  C   A C5    1 
ATOM   37  C  C6    . C   A 1 2  ? -3.311  7.842   -11.293 1.00 17.10 ? 71  C   A C6    1 
ATOM   38  P  P     . G   A 1 3  ? 2.047   6.631   -9.567  1.00 27.03 ? 72  G   A P     1 
ATOM   39  O  OP1   . G   A 1 3  ? 3.506   6.805   -9.323  1.00 29.04 ? 72  G   A OP1   1 
ATOM   40  O  OP2   . G   A 1 3  ? 1.536   5.345   -10.053 1.00 24.99 ? 72  G   A OP2   1 
ATOM   41  O  "O5'" . G   A 1 3  ? 1.235   6.960   -8.215  1.00 26.94 ? 72  G   A "O5'" 1 
ATOM   42  C  "C5'" . G   A 1 3  ? 1.479   8.158   -7.486  1.00 27.79 ? 72  G   A "C5'" 1 
ATOM   43  C  "C4'" . G   A 1 3  ? 0.510   8.280   -6.317  1.00 28.71 ? 72  G   A "C4'" 1 
ATOM   44  O  "O4'" . G   A 1 3  ? -0.826  8.583   -6.805  1.00 26.86 ? 72  G   A "O4'" 1 
ATOM   45  C  "C3'" . G   A 1 3  ? 0.327   7.048   -5.442  1.00 27.94 ? 72  G   A "C3'" 1 
ATOM   46  O  "O3'" . G   A 1 3  ? 1.358   7.034   -4.457  1.00 33.75 ? 72  G   A "O3'" 1 
ATOM   47  C  "C2'" . G   A 1 3  ? -1.040  7.312   -4.819  1.00 25.72 ? 72  G   A "C2'" 1 
ATOM   48  O  "O2'" . G   A 1 3  ? -0.998  8.282   -3.804  1.00 26.74 ? 72  G   A "O2'" 1 
ATOM   49  C  "C1'" . G   A 1 3  ? -1.793  7.896   -6.018  1.00 24.20 ? 72  G   A "C1'" 1 
ATOM   50  N  N9    . G   A 1 3  ? -2.425  6.879   -6.845  1.00 22.48 ? 72  G   A N9    1 
ATOM   51  C  C8    . G   A 1 3  ? -1.912  6.314   -7.992  1.00 21.90 ? 72  G   A C8    1 
ATOM   52  N  N7    . G   A 1 3  ? -2.710  5.434   -8.528  1.00 23.68 ? 72  G   A N7    1 
ATOM   53  C  C5    . G   A 1 3  ? -3.813  5.410   -7.686  1.00 22.47 ? 72  G   A C5    1 
ATOM   54  C  C6    . G   A 1 3  ? -4.988  4.617   -7.737  1.00 24.79 ? 72  G   A C6    1 
ATOM   55  O  O6    . G   A 1 3  ? -5.318  3.773   -8.583  1.00 27.75 ? 72  G   A O6    1 
ATOM   56  N  N1    . G   A 1 3  ? -5.835  4.883   -6.664  1.00 22.96 ? 72  G   A N1    1 
ATOM   57  C  C2    . G   A 1 3  ? -5.584  5.791   -5.668  1.00 22.70 ? 72  G   A C2    1 
ATOM   58  N  N2    . G   A 1 3  ? -6.531  5.889   -4.712  1.00 23.08 ? 72  G   A N2    1 
ATOM   59  N  N3    . G   A 1 3  ? -4.492  6.543   -5.607  1.00 22.42 ? 72  G   A N3    1 
ATOM   60  C  C4    . G   A 1 3  ? -3.652  6.297   -6.644  1.00 21.98 ? 72  G   A C4    1 
ATOM   61  P  P     . A   A 1 4  ? 1.943   5.632   -3.926  1.00 36.67 ? 73  A   A P     1 
ATOM   62  O  OP1   . A   A 1 4  ? 3.283   5.972   -3.358  1.00 38.43 ? 73  A   A OP1   1 
ATOM   63  O  OP2   . A   A 1 4  ? 1.814   4.573   -4.950  1.00 36.82 ? 73  A   A OP2   1 
ATOM   64  O  "O5'" . A   A 1 4  ? 0.953   5.232   -2.750  1.00 35.01 ? 73  A   A "O5'" 1 
ATOM   65  C  "C5'" . A   A 1 4  ? 1.369   5.347   -1.396  1.00 29.47 ? 73  A   A "C5'" 1 
ATOM   66  C  "C4'" . A   A 1 4  ? 1.269   6.778   -0.934  1.00 24.81 ? 73  A   A "C4'" 1 
ATOM   67  O  "O4'" . A   A 1 4  ? -0.002  7.372   -1.348  1.00 22.41 ? 73  A   A "O4'" 1 
ATOM   68  C  "C3'" . A   A 1 4  ? 1.256   6.865   0.579   1.00 24.44 ? 73  A   A "C3'" 1 
ATOM   69  O  "O3'" . A   A 1 4  ? 2.586   6.869   1.074   1.00 23.75 ? 73  A   A "O3'" 1 
ATOM   70  C  "C2'" . A   A 1 4  ? 0.516   8.173   0.818   1.00 23.33 ? 73  A   A "C2'" 1 
ATOM   71  O  "O2'" . A   A 1 4  ? 1.335   9.319   0.617   1.00 26.89 ? 73  A   A "O2'" 1 
ATOM   72  C  "C1'" . A   A 1 4  ? -0.560  8.104   -0.272  1.00 20.95 ? 73  A   A "C1'" 1 
ATOM   73  N  N9    . A   A 1 4  ? -1.800  7.430   0.143   1.00 19.92 ? 73  A   A N9    1 
ATOM   74  C  C8    . A   A 1 4  ? -2.430  6.364   -0.452  1.00 19.54 ? 73  A   A C8    1 
ATOM   75  N  N7    . A   A 1 4  ? -3.560  6.028   0.129   1.00 18.33 ? 73  A   A N7    1 
ATOM   76  C  C5    . A   A 1 4  ? -3.672  6.927   1.187   1.00 18.86 ? 73  A   A C5    1 
ATOM   77  C  C6    . A   A 1 4  ? -4.622  7.068   2.234   1.00 17.42 ? 73  A   A C6    1 
ATOM   78  N  N6    . A   A 1 4  ? -5.736  6.324   2.342   1.00 17.80 ? 73  A   A N6    1 
ATOM   79  N  N1    . A   A 1 4  ? -4.386  8.017   3.177   1.00 21.20 ? 73  A   A N1    1 
ATOM   80  C  C2    . A   A 1 4  ? -3.281  8.768   3.068   1.00 19.90 ? 73  A   A C2    1 
ATOM   81  N  N3    . A   A 1 4  ? -2.329  8.742   2.132   1.00 21.87 ? 73  A   A N3    1 
ATOM   82  C  C4    . A   A 1 4  ? -2.583  7.785   1.213   1.00 19.31 ? 73  A   A C4    1 
ATOM   83  P  P     . U   A 1 5  ? 3.085   5.655   2.007   1.00 23.30 ? 74  U   A P     1 
ATOM   84  O  OP1   . U   A 1 5  ? 4.498   5.965   2.390   1.00 26.32 ? 74  U   A OP1   1 
ATOM   85  O  OP2   . U   A 1 5  ? 2.772   4.341   1.381   1.00 24.83 ? 74  U   A OP2   1 
ATOM   86  O  "O5'" . U   A 1 5  ? 2.133   5.764   3.280   1.00 22.90 ? 74  U   A "O5'" 1 
ATOM   87  C  "C5'" . U   A 1 5  ? 2.165   6.924   4.143   1.00 21.73 ? 74  U   A "C5'" 1 
ATOM   88  C  "C4'" . U   A 1 5  ? 0.992   6.894   5.102   1.00 22.26 ? 74  U   A "C4'" 1 
ATOM   89  O  "O4'" . U   A 1 5  ? -0.242  7.124   4.355   1.00 21.23 ? 74  U   A "O4'" 1 
ATOM   90  C  "C3'" . U   A 1 5  ? 0.719   5.561   5.781   1.00 23.64 ? 74  U   A "C3'" 1 
ATOM   91  O  "O3'" . U   A 1 5  ? 1.584   5.284   6.888   1.00 25.89 ? 74  U   A "O3'" 1 
ATOM   92  C  "C2'" . U   A 1 5  ? -0.725  5.746   6.222   1.00 21.86 ? 74  U   A "C2'" 1 
ATOM   93  O  "O2'" . U   A 1 5  ? -0.852  6.614   7.344   1.00 22.12 ? 74  U   A "O2'" 1 
ATOM   94  C  "C1'" . U   A 1 5  ? -1.320  6.414   4.975   1.00 19.77 ? 74  U   A "C1'" 1 
ATOM   95  N  N1    . U   A 1 5  ? -1.850  5.419   4.022   1.00 18.59 ? 74  U   A N1    1 
ATOM   96  C  C2    . U   A 1 5  ? -3.109  4.899   4.281   1.00 18.47 ? 74  U   A C2    1 
ATOM   97  O  O2    . U   A 1 5  ? -3.766  5.221   5.238   1.00 20.45 ? 74  U   A O2    1 
ATOM   98  N  N3    . U   A 1 5  ? -3.568  3.977   3.371   1.00 19.05 ? 74  U   A N3    1 
ATOM   99  C  C4    . U   A 1 5  ? -2.903  3.526   2.247   1.00 16.52 ? 74  U   A C4    1 
ATOM   100 O  O4    . U   A 1 5  ? -3.440  2.704   1.520   1.00 17.55 ? 74  U   A O4    1 
ATOM   101 C  C5    . U   A 1 5  ? -1.605  4.094   2.049   1.00 16.65 ? 74  U   A C5    1 
ATOM   102 C  C6    . U   A 1 5  ? -1.133  5.006   2.931   1.00 17.95 ? 74  U   A C6    1 
ATOM   103 P  P     . G   A 1 6  ? 2.011   3.759   7.209   1.00 25.48 ? 75  G   A P     1 
ATOM   104 O  OP1   . G   A 1 6  ? 2.921   3.812   8.419   1.00 28.63 ? 75  G   A OP1   1 
ATOM   105 O  OP2   . G   A 1 6  ? 2.474   3.038   5.997   1.00 27.07 ? 75  G   A OP2   1 
ATOM   106 O  "O5'" . G   A 1 6  ? 0.652   3.047   7.644   1.00 24.57 ? 75  G   A "O5'" 1 
ATOM   107 C  "C5'" . G   A 1 6  ? -0.064  3.473   8.841   1.00 22.81 ? 75  G   A "C5'" 1 
ATOM   108 C  "C4'" . G   A 1 6  ? -1.392  2.761   8.938   1.00 22.92 ? 75  G   A "C4'" 1 
ATOM   109 O  "O4'" . G   A 1 6  ? -2.188  3.112   7.777   1.00 21.52 ? 75  G   A "O4'" 1 
ATOM   110 C  "C3'" . G   A 1 6  ? -1.358  1.243   8.876   1.00 23.23 ? 75  G   A "C3'" 1 
ATOM   111 O  "O3'" . G   A 1 6  ? -1.027  0.689   10.152  1.00 26.12 ? 75  G   A "O3'" 1 
ATOM   112 C  "C2'" . G   A 1 6  ? -2.805  0.945   8.514   1.00 23.06 ? 75  G   A "C2'" 1 
ATOM   113 O  "O2'" . G   A 1 6  ? -3.660  1.170   9.634   1.00 22.85 ? 75  G   A "O2'" 1 
ATOM   114 C  "C1'" . G   A 1 6  ? -3.062  2.031   7.459   1.00 20.13 ? 75  G   A "C1'" 1 
ATOM   115 N  N9    . G   A 1 6  ? -2.772  1.557   6.099   1.00 19.60 ? 75  G   A N9    1 
ATOM   116 C  C8    . G   A 1 6  ? -1.675  1.838   5.307   1.00 21.91 ? 75  G   A C8    1 
ATOM   117 N  N7    . G   A 1 6  ? -1.689  1.189   4.161   1.00 19.55 ? 75  G   A N7    1 
ATOM   118 C  C5    . G   A 1 6  ? -2.873  0.454   4.198   1.00 19.19 ? 75  G   A C5    1 
ATOM   119 C  C6    . G   A 1 6  ? -3.450  -0.468  3.241   1.00 18.29 ? 75  G   A C6    1 
ATOM   120 O  O6    . G   A 1 6  ? -3.011  -0.792  2.118   1.00 20.24 ? 75  G   A O6    1 
ATOM   121 N  N1    . G   A 1 6  ? -4.650  -1.013  3.696   1.00 19.28 ? 75  G   A N1    1 
ATOM   122 C  C2    . G   A 1 6  ? -5.242  -0.701  4.896   1.00 19.12 ? 75  G   A C2    1 
ATOM   123 N  N2    . G   A 1 6  ? -6.401  -1.314  5.157   1.00 21.50 ? 75  G   A N2    1 
ATOM   124 N  N3    . G   A 1 6  ? -4.730  0.159   5.780   1.00 19.82 ? 75  G   A N3    1 
ATOM   125 C  C4    . G   A 1 6  ? -3.560  0.688   5.376   1.00 18.67 ? 75  G   A C4    1 
ATOM   126 P  P     . G   A 1 7  ? -0.140  -0.660  10.241  1.00 29.88 ? 76  G   A P     1 
ATOM   127 O  OP1   . G   A 1 7  ? 0.076   -0.913  11.699  1.00 34.07 ? 76  G   A OP1   1 
ATOM   128 O  OP2   . G   A 1 7  ? 1.033   -0.518  9.342   1.00 31.11 ? 76  G   A OP2   1 
ATOM   129 O  "O5'" . G   A 1 7  ? -1.076  -1.793  9.630   1.00 26.59 ? 76  G   A "O5'" 1 
ATOM   130 C  "C5'" . G   A 1 7  ? -2.305  -2.156  10.276  1.00 24.92 ? 76  G   A "C5'" 1 
ATOM   131 C  "C4'" . G   A 1 7  ? -3.125  -3.090  9.409   1.00 24.70 ? 76  G   A "C4'" 1 
ATOM   132 O  "O4'" . G   A 1 7  ? -3.579  -2.425  8.190   1.00 23.73 ? 76  G   A "O4'" 1 
ATOM   133 C  "C3'" . G   A 1 7  ? -2.463  -4.357  8.902   1.00 24.89 ? 76  G   A "C3'" 1 
ATOM   134 O  "O3'" . G   A 1 7  ? -2.348  -5.332  9.962   1.00 24.63 ? 76  G   A "O3'" 1 
ATOM   135 C  "C2'" . G   A 1 7  ? -3.436  -4.760  7.798   1.00 24.45 ? 76  G   A "C2'" 1 
ATOM   136 O  "O2'" . G   A 1 7  ? -4.641  -5.372  8.252   1.00 26.74 ? 76  G   A "O2'" 1 
ATOM   137 C  "C1'" . G   A 1 7  ? -3.728  -3.393  7.156   1.00 22.70 ? 76  G   A "C1'" 1 
ATOM   138 N  N9    . G   A 1 7  ? -2.758  -3.088  6.107   1.00 20.44 ? 76  G   A N9    1 
ATOM   139 C  C8    . G   A 1 7  ? -1.680  -2.247  6.207   1.00 19.24 ? 76  G   A C8    1 
ATOM   140 N  N7    . G   A 1 7  ? -0.961  -2.198  5.114   1.00 20.79 ? 76  G   A N7    1 
ATOM   141 C  C5    . G   A 1 7  ? -1.612  -3.056  4.239   1.00 19.61 ? 76  G   A C5    1 
ATOM   142 C  C6    . G   A 1 7  ? -1.274  -3.444  2.911   1.00 20.49 ? 76  G   A C6    1 
ATOM   143 O  O6    . G   A 1 7  ? -0.318  -3.031  2.208   1.00 20.56 ? 76  G   A O6    1 
ATOM   144 N  N1    . G   A 1 7  ? -2.170  -4.393  2.402   1.00 20.31 ? 76  G   A N1    1 
ATOM   145 C  C2    . G   A 1 7  ? -3.275  -4.882  3.086   1.00 19.65 ? 76  G   A C2    1 
ATOM   146 N  N2    . G   A 1 7  ? -4.028  -5.799  2.434   1.00 19.16 ? 76  G   A N2    1 
ATOM   147 N  N3    . G   A 1 7  ? -3.604  -4.504  4.320   1.00 19.79 ? 76  G   A N3    1 
ATOM   148 C  C4    . G   A 1 7  ? -2.731  -3.611  4.832   1.00 19.74 ? 76  G   A C4    1 
ATOM   149 P  P     . U   A 1 8  ? -1.067  -6.316  10.013  1.00 26.05 ? 77  U   A P     1 
ATOM   150 O  OP1   . U   A 1 8  ? -1.181  -7.141  11.261  1.00 28.47 ? 77  U   A OP1   1 
ATOM   151 O  OP2   . U   A 1 8  ? 0.157   -5.510  9.781   1.00 27.77 ? 77  U   A OP2   1 
ATOM   152 O  "O5'" . U   A 1 8  ? -1.286  -7.281  8.774   1.00 25.67 ? 77  U   A "O5'" 1 
ATOM   153 C  "C5'" . U   A 1 8  ? -2.514  -8.025  8.614   1.00 25.45 ? 77  U   A "C5'" 1 
ATOM   154 C  "C4'" . U   A 1 8  ? -2.626  -8.608  7.215   1.00 26.69 ? 77  U   A "C4'" 1 
ATOM   155 O  "O4'" . U   A 1 8  ? -2.746  -7.543  6.226   1.00 24.69 ? 77  U   A "O4'" 1 
ATOM   156 C  "C3'" . U   A 1 8  ? -1.460  -9.434  6.686   1.00 27.01 ? 77  U   A "C3'" 1 
ATOM   157 O  "O3'" . U   A 1 8  ? -1.470  -10.772 7.205   1.00 28.42 ? 77  U   A "O3'" 1 
ATOM   158 C  "C2'" . U   A 1 8  ? -1.777  -9.460  5.203   1.00 25.79 ? 77  U   A "C2'" 1 
ATOM   159 O  "O2'" . U   A 1 8  ? -2.854  -10.324 4.877   1.00 28.27 ? 77  U   A "O2'" 1 
ATOM   160 C  "C1'" . U   A 1 8  ? -2.214  -8.007  4.983   1.00 24.12 ? 77  U   A "C1'" 1 
ATOM   161 N  N1    . U   A 1 8  ? -1.057  -7.176  4.641   1.00 22.78 ? 77  U   A N1    1 
ATOM   162 C  C2    . U   A 1 8  ? -0.621  -7.249  3.336   1.00 22.81 ? 77  U   A C2    1 
ATOM   163 O  O2    . U   A 1 8  ? -1.179  -7.934  2.503   1.00 22.32 ? 77  U   A O2    1 
ATOM   164 N  N3    . U   A 1 8  ? 0.488   -6.495  3.047   1.00 21.47 ? 77  U   A N3    1 
ATOM   165 C  C4    . U   A 1 8  ? 1.190   -5.684  3.908   1.00 21.70 ? 77  U   A C4    1 
ATOM   166 O  O4    . U   A 1 8  ? 2.194   -5.102  3.504   1.00 22.72 ? 77  U   A O4    1 
ATOM   167 C  C5    . U   A 1 8  ? 0.661   -5.639  5.258   1.00 21.26 ? 77  U   A C5    1 
ATOM   168 C  C6    . U   A 1 8  ? -0.420  -6.382  5.562   1.00 21.49 ? 77  U   A C6    1 
ATOM   169 P  P     . A   A 1 9  ? -0.102  -11.609 7.277   1.00 29.08 ? 78  A   A P     1 
ATOM   170 O  OP1   . A   A 1 9  ? -0.400  -12.863 8.033   1.00 32.45 ? 78  A   A OP1   1 
ATOM   171 O  OP2   . A   A 1 9  ? 0.988   -10.725 7.748   1.00 28.25 ? 78  A   A OP2   1 
ATOM   172 O  "O5'" . A   A 1 9  ? 0.223   -12.015 5.768   1.00 28.93 ? 78  A   A "O5'" 1 
ATOM   173 C  "C5'" . A   A 1 9  ? -0.642  -12.875 5.019   1.00 25.23 ? 78  A   A "C5'" 1 
ATOM   174 C  "C4'" . A   A 1 9  ? -0.101  -13.038 3.618   1.00 27.31 ? 78  A   A "C4'" 1 
ATOM   175 O  "O4'" . A   A 1 9  ? -0.024  -11.741 2.961   1.00 25.11 ? 78  A   A "O4'" 1 
ATOM   176 C  "C3'" . A   A 1 9  ? 1.329   -13.540 3.528   1.00 25.70 ? 78  A   A "C3'" 1 
ATOM   177 O  "O3'" . A   A 1 9  ? 1.363   -14.957 3.741   1.00 25.36 ? 78  A   A "O3'" 1 
ATOM   178 C  "C2'" . A   A 1 9  ? 1.680   -13.142 2.099   1.00 23.31 ? 78  A   A "C2'" 1 
ATOM   179 O  "O2'" . A   A 1 9  ? 1.079   -13.994 1.150   1.00 24.97 ? 78  A   A "O2'" 1 
ATOM   180 C  "C1'" . A   A 1 9  ? 1.047   -11.746 2.020   1.00 22.92 ? 78  A   A "C1'" 1 
ATOM   181 N  N9    . A   A 1 9  ? 1.968   -10.668 2.383   1.00 21.27 ? 78  A   A N9    1 
ATOM   182 C  C8    . A   A 1 9  ? 2.009   -9.933  3.540   1.00 20.53 ? 78  A   A C8    1 
ATOM   183 N  N7    . A   A 1 9  ? 2.979   -9.038  3.575   1.00 20.07 ? 78  A   A N7    1 
ATOM   184 C  C5    . A   A 1 9  ? 3.615   -9.194  2.353   1.00 20.46 ? 78  A   A C5    1 
ATOM   185 C  C6    . A   A 1 9  ? 4.719   -8.517  1.746   1.00 16.57 ? 78  A   A C6    1 
ATOM   186 N  N6    . A   A 1 9  ? 5.411   -7.518  2.310   1.00 18.21 ? 78  A   A N6    1 
ATOM   187 N  N1    . A   A 1 9  ? 5.081   -8.915  0.511   1.00 18.77 ? 78  A   A N1    1 
ATOM   188 C  C2    . A   A 1 9  ? 4.387   -9.895  -0.088  1.00 19.28 ? 78  A   A C2    1 
ATOM   189 N  N3    . A   A 1 9  ? 3.335   -10.608 0.371   1.00 21.42 ? 78  A   A N3    1 
ATOM   190 C  C4    . A   A 1 9  ? 3.000   -10.200 1.607   1.00 19.94 ? 78  A   A C4    1 
ATOM   191 P  P     . G   A 1 10 ? 2.576   -15.612 4.569   1.00 26.03 ? 79  G   A P     1 
ATOM   192 O  OP1   . G   A 1 10 ? 2.394   -17.093 4.421   1.00 26.63 ? 79  G   A OP1   1 
ATOM   193 O  OP2   . G   A 1 10 ? 2.709   -15.006 5.917   1.00 26.92 ? 79  G   A OP2   1 
ATOM   194 O  "O5'" . G   A 1 10 ? 3.881   -15.155 3.774   1.00 26.20 ? 79  G   A "O5'" 1 
ATOM   195 C  "C5'" . G   A 1 10 ? 4.190   -15.682 2.474   1.00 23.73 ? 79  G   A "C5'" 1 
ATOM   196 C  "C4'" . G   A 1 10 ? 5.358   -14.921 1.858   1.00 21.57 ? 79  G   A "C4'" 1 
ATOM   197 O  "O4'" . G   A 1 10 ? 5.013   -13.510 1.682   1.00 21.52 ? 79  G   A "O4'" 1 
ATOM   198 C  "C3'" . G   A 1 10 ? 6.666   -14.882 2.628   1.00 22.06 ? 79  G   A "C3'" 1 
ATOM   199 O  "O3'" . G   A 1 10 ? 7.387   -16.108 2.425   1.00 23.37 ? 79  G   A "O3'" 1 
ATOM   200 C  "C2'" . G   A 1 10 ? 7.346   -13.698 1.931   1.00 20.73 ? 79  G   A "C2'" 1 
ATOM   201 O  "O2'" . G   A 1 10 ? 7.759   -14.056 0.632   1.00 21.64 ? 79  G   A "O2'" 1 
ATOM   202 C  "C1'" . G   A 1 10 ? 6.183   -12.693 1.852   1.00 21.11 ? 79  G   A "C1'" 1 
ATOM   203 N  N9    . G   A 1 10 ? 6.005   -11.897 3.073   1.00 20.86 ? 79  G   A N9    1 
ATOM   204 C  C8    . G   A 1 10 ? 5.064   -12.133 4.050   1.00 20.64 ? 79  G   A C8    1 
ATOM   205 N  N7    . G   A 1 10 ? 5.164   -11.326 5.073   1.00 22.37 ? 79  G   A N7    1 
ATOM   206 C  C5    . G   A 1 10 ? 6.225   -10.493 4.757   1.00 17.53 ? 79  G   A C5    1 
ATOM   207 C  C6    . G   A 1 10 ? 6.869   -9.496  5.542   1.00 19.19 ? 79  G   A C6    1 
ATOM   208 O  O6    . G   A 1 10 ? 6.575   -9.087  6.686   1.00 20.76 ? 79  G   A O6    1 
ATOM   209 N  N1    . G   A 1 10 ? 7.967   -8.958  4.879   1.00 17.49 ? 79  G   A N1    1 
ATOM   210 C  C2    . G   A 1 10 ? 8.391   -9.319  3.626   1.00 17.03 ? 79  G   A C2    1 
ATOM   211 N  N2    . G   A 1 10 ? 9.470   -8.664  3.149   1.00 17.55 ? 79  G   A N2    1 
ATOM   212 N  N3    . G   A 1 10 ? 7.803   -10.256 2.886   1.00 16.91 ? 79  G   A N3    1 
ATOM   213 C  C4    . G   A 1 10 ? 6.745   -10.807 3.513   1.00 19.92 ? 79  G   A C4    1 
ATOM   214 P  P     . U   A 1 11 ? 8.421   -16.637 3.543   1.00 23.69 ? 80  U   A P     1 
ATOM   215 O  OP1   . U   A 1 11 ? 9.007   -17.885 2.991   1.00 26.33 ? 80  U   A OP1   1 
ATOM   216 O  OP2   . U   A 1 11 ? 7.753   -16.643 4.862   1.00 22.97 ? 80  U   A OP2   1 
ATOM   217 O  "O5'" . U   A 1 11 ? 9.559   -15.516 3.658   1.00 23.74 ? 80  U   A "O5'" 1 
ATOM   218 C  "C5'" . U   A 1 11 ? 10.476  -15.253 2.587   1.00 22.68 ? 80  U   A "C5'" 1 
ATOM   219 C  "C4'" . U   A 1 11 ? 11.306  -14.026 2.917   1.00 21.36 ? 80  U   A "C4'" 1 
ATOM   220 O  "O4'" . U   A 1 11 ? 10.417  -12.896 3.183   1.00 19.80 ? 80  U   A "O4'" 1 
ATOM   221 C  "C3'" . U   A 1 11 ? 12.126  -14.143 4.191   1.00 22.71 ? 80  U   A "C3'" 1 
ATOM   222 O  "O3'" . U   A 1 11 ? 13.371  -14.784 3.926   1.00 24.17 ? 80  U   A "O3'" 1 
ATOM   223 C  "C2'" . U   A 1 11 ? 12.320  -12.685 4.605   1.00 22.20 ? 80  U   A "C2'" 1 
ATOM   224 O  "O2'" . U   A 1 11 ? 13.431  -12.028 4.031   1.00 25.22 ? 80  U   A "O2'" 1 
ATOM   225 C  "C1'" . U   A 1 11 ? 10.986  -12.062 4.191   1.00 19.28 ? 80  U   A "C1'" 1 
ATOM   226 N  N1    . U   A 1 11 ? 10.080  -11.984 5.353   1.00 19.43 ? 80  U   A N1    1 
ATOM   227 C  C2    . U   A 1 11 ? 10.356  -11.001 6.290   1.00 18.29 ? 80  U   A C2    1 
ATOM   228 O  O2    . U   A 1 11 ? 11.319  -10.263 6.193   1.00 18.99 ? 80  U   A O2    1 
ATOM   229 N  N3    . U   A 1 11 ? 9.478   -10.941 7.359   1.00 20.13 ? 80  U   A N3    1 
ATOM   230 C  C4    . U   A 1 11 ? 8.399   -11.783 7.598   1.00 20.43 ? 80  U   A C4    1 
ATOM   231 O  O4    . U   A 1 11 ? 7.700   -11.610 8.616   1.00 22.91 ? 80  U   A O4    1 
ATOM   232 C  C5    . U   A 1 11 ? 8.206   -12.790 6.603   1.00 19.18 ? 80  U   A C5    1 
ATOM   233 C  C6    . U   A 1 11 ? 9.022   -12.846 5.528   1.00 18.90 ? 80  U   A C6    1 
ATOM   234 P  P     . G   A 1 12 ? 14.187  -15.482 5.131   1.00 25.35 ? 81  G   A P     1 
ATOM   235 O  OP1   . G   A 1 12 ? 15.100  -16.503 4.503   1.00 26.64 ? 81  G   A OP1   1 
ATOM   236 O  OP2   . G   A 1 12 ? 13.258  -15.900 6.211   1.00 25.67 ? 81  G   A OP2   1 
ATOM   237 O  "O5'" . G   A 1 12 ? 15.074  -14.303 5.745   1.00 22.51 ? 81  G   A "O5'" 1 
ATOM   238 C  "C5'" . G   A 1 12 ? 16.199  -13.764 5.006   1.00 21.02 ? 81  G   A "C5'" 1 
ATOM   239 C  "C4'" . G   A 1 12 ? 16.808  -12.564 5.712   1.00 22.27 ? 81  G   A "C4'" 1 
ATOM   240 O  "O4'" . G   A 1 12 ? 15.830  -11.518 5.981   1.00 21.69 ? 81  G   A "O4'" 1 
ATOM   241 C  "C3'" . G   A 1 12 ? 17.411  -12.798 7.085   1.00 22.18 ? 81  G   A "C3'" 1 
ATOM   242 O  "O3'" . G   A 1 12 ? 18.631  -13.538 6.983   1.00 22.91 ? 81  G   A "O3'" 1 
ATOM   243 C  "C2'" . G   A 1 12 ? 17.600  -11.365 7.562   1.00 23.50 ? 81  G   A "C2'" 1 
ATOM   244 O  "O2'" . G   A 1 12 ? 18.710  -10.717 6.963   1.00 24.15 ? 81  G   A "O2'" 1 
ATOM   245 C  "C1'" . G   A 1 12 ? 16.293  -10.728 7.069   1.00 22.07 ? 81  G   A "C1'" 1 
ATOM   246 N  N9    . G   A 1 12 ? 15.291  -10.687 8.137   1.00 20.22 ? 81  G   A N9    1 
ATOM   247 C  C8    . G   A 1 12 ? 14.181  -11.469 8.334   1.00 19.60 ? 81  G   A C8    1 
ATOM   248 N  N7    . G   A 1 12 ? 13.532  -11.169 9.444   1.00 19.85 ? 81  G   A N7    1 
ATOM   249 C  C5    . G   A 1 12 ? 14.268  -10.125 9.996   1.00 16.93 ? 81  G   A C5    1 
ATOM   250 C  C6    . G   A 1 12 ? 14.086  -9.378  11.228  1.00 17.64 ? 81  G   A C6    1 
ATOM   251 O  O6    . G   A 1 12 ? 13.212  -9.514  12.102  1.00 19.87 ? 81  G   A O6    1 
ATOM   252 N  N1    . G   A 1 12 ? 15.070  -8.397  11.382  1.00 19.19 ? 81  G   A N1    1 
ATOM   253 C  C2    . G   A 1 12 ? 16.097  -8.164  10.481  1.00 19.63 ? 81  G   A C2    1 
ATOM   254 N  N2    . G   A 1 12 ? 16.938  -7.173  10.762  1.00 22.98 ? 81  G   A N2    1 
ATOM   255 N  N3    . G   A 1 12 ? 16.279  -8.866  9.366   1.00 19.78 ? 81  G   A N3    1 
ATOM   256 C  C4    . G   A 1 12 ? 15.342  -9.812  9.193   1.00 19.69 ? 81  G   A C4    1 
ATOM   257 O  "O5'" . G   B 2 1  ? 11.001  -3.166  13.377  1.00 24.03 ? 96  G   B "O5'" 1 
ATOM   258 C  "C5'" . G   B 2 1  ? 12.145  -2.322  13.448  1.00 22.58 ? 96  G   B "C5'" 1 
ATOM   259 C  "C4'" . G   B 2 1  ? 13.142  -2.654  12.357  1.00 21.79 ? 96  G   B "C4'" 1 
ATOM   260 O  "O4'" . G   B 2 1  ? 13.615  -4.026  12.501  1.00 20.02 ? 96  G   B "O4'" 1 
ATOM   261 C  "C3'" . G   B 2 1  ? 12.608  -2.596  10.938  1.00 19.62 ? 96  G   B "C3'" 1 
ATOM   262 O  "O3'" . G   B 2 1  ? 12.598  -1.230  10.486  1.00 19.53 ? 96  G   B "O3'" 1 
ATOM   263 C  "C2'" . G   B 2 1  ? 13.634  -3.464  10.206  1.00 15.86 ? 96  G   B "C2'" 1 
ATOM   264 O  "O2'" . G   B 2 1  ? 14.868  -2.779  10.063  1.00 19.55 ? 96  G   B "O2'" 1 
ATOM   265 C  "C1'" . G   B 2 1  ? 13.810  -4.610  11.209  1.00 19.54 ? 96  G   B "C1'" 1 
ATOM   266 N  N9    . G   B 2 1  ? 12.795  -5.646  11.024  1.00 18.10 ? 96  G   B N9    1 
ATOM   267 C  C8    . G   B 2 1  ? 11.734  -5.922  11.849  1.00 19.90 ? 96  G   B C8    1 
ATOM   268 N  N7    . G   B 2 1  ? 10.971  -6.885  11.408  1.00 20.15 ? 96  G   B N7    1 
ATOM   269 C  C5    . G   B 2 1  ? 11.573  -7.272  10.212  1.00 18.22 ? 96  G   B C5    1 
ATOM   270 C  C6    . G   B 2 1  ? 11.188  -8.255  9.263   1.00 18.86 ? 96  G   B C6    1 
ATOM   271 O  O6    . G   B 2 1  ? 10.219  -9.040  9.312   1.00 19.41 ? 96  G   B O6    1 
ATOM   272 N  N1    . G   B 2 1  ? 12.054  -8.276  8.169   1.00 16.41 ? 96  G   B N1    1 
ATOM   273 C  C2    . G   B 2 1  ? 13.157  -7.461  8.016   1.00 16.52 ? 96  G   B C2    1 
ATOM   274 N  N2    . G   B 2 1  ? 13.863  -7.594  6.869   1.00 18.91 ? 96  G   B N2    1 
ATOM   275 N  N3    . G   B 2 1  ? 13.537  -6.566  8.910   1.00 18.70 ? 96  G   B N3    1 
ATOM   276 C  C4    . G   B 2 1  ? 12.702  -6.521  9.969   1.00 19.28 ? 96  G   B C4    1 
ATOM   277 P  P     . C   B 2 2  ? 11.457  -0.728  9.446   1.00 20.80 ? 97  C   B P     1 
ATOM   278 O  OP1   . C   B 2 2  ? 11.692  0.711   9.152   1.00 24.18 ? 97  C   B OP1   1 
ATOM   279 O  OP2   . C   B 2 2  ? 10.143  -1.172  9.913   1.00 20.48 ? 97  C   B OP2   1 
ATOM   280 O  "O5'" . C   B 2 2  ? 11.757  -1.573  8.116   1.00 19.80 ? 97  C   B "O5'" 1 
ATOM   281 C  "C5'" . C   B 2 2  ? 12.961  -1.380  7.371   1.00 20.35 ? 97  C   B "C5'" 1 
ATOM   282 C  "C4'" . C   B 2 2  ? 13.037  -2.380  6.230   1.00 20.15 ? 97  C   B "C4'" 1 
ATOM   283 O  "O4'" . C   B 2 2  ? 12.994  -3.730  6.777   1.00 18.22 ? 97  C   B "O4'" 1 
ATOM   284 C  "C3'" . C   B 2 2  ? 11.868  -2.372  5.252   1.00 20.05 ? 97  C   B "C3'" 1 
ATOM   285 O  "O3'" . C   B 2 2  ? 12.045  -1.345  4.263   1.00 21.75 ? 97  C   B "O3'" 1 
ATOM   286 C  "C2'" . C   B 2 2  ? 12.009  -3.756  4.621   1.00 18.40 ? 97  C   B "C2'" 1 
ATOM   287 O  "O2'" . C   B 2 2  ? 13.094  -3.792  3.704   1.00 21.06 ? 97  C   B "O2'" 1 
ATOM   288 C  "C1'" . C   B 2 2  ? 12.326  -4.601  5.857   1.00 17.44 ? 97  C   B "C1'" 1 
ATOM   289 N  N1    . C   B 2 2  ? 11.109  -5.162  6.491   1.00 16.11 ? 97  C   B N1    1 
ATOM   290 C  C2    . C   B 2 2  ? 10.447  -6.236  5.855   1.00 16.72 ? 97  C   B C2    1 
ATOM   291 O  O2    . C   B 2 2  ? 10.900  -6.657  4.768   1.00 18.56 ? 97  C   B O2    1 
ATOM   292 N  N3    . C   B 2 2  ? 9.350   -6.787  6.432   1.00 16.15 ? 97  C   B N3    1 
ATOM   293 C  C4    . C   B 2 2  ? 8.893   -6.297  7.598   1.00 17.74 ? 97  C   B C4    1 
ATOM   294 N  N4    . C   B 2 2  ? 7.790   -6.876  8.142   1.00 19.09 ? 97  C   B N4    1 
ATOM   295 C  C5    . C   B 2 2  ? 9.532   -5.194  8.258   1.00 16.93 ? 97  C   B C5    1 
ATOM   296 C  C6    . C   B 2 2  ? 10.631  -4.661  7.666   1.00 15.19 ? 97  C   B C6    1 
ATOM   297 P  P     . G   B 2 3  ? 10.764  -0.533  3.716   1.00 23.12 ? 98  G   B P     1 
ATOM   298 O  OP1   . G   B 2 3  ? 11.253  0.305   2.574   1.00 26.25 ? 98  G   B OP1   1 
ATOM   299 O  OP2   . G   B 2 3  ? 10.049  0.095   4.845   1.00 23.39 ? 98  G   B OP2   1 
ATOM   300 O  "O5'" . G   B 2 3  ? 9.759   -1.645  3.174   1.00 21.31 ? 98  G   B "O5'" 1 
ATOM   301 C  "C5'" . G   B 2 3  ? 10.042  -2.393  1.964   1.00 21.08 ? 98  G   B "C5'" 1 
ATOM   302 C  "C4'" . G   B 2 3  ? 9.029   -3.509  1.790   1.00 18.82 ? 98  G   B "C4'" 1 
ATOM   303 O  "O4'" . G   B 2 3  ? 9.097   -4.455  2.919   1.00 17.65 ? 98  G   B "O4'" 1 
ATOM   304 C  "C3'" . G   B 2 3  ? 7.570   -3.092  1.769   1.00 20.29 ? 98  G   B "C3'" 1 
ATOM   305 O  "O3'" . G   B 2 3  ? 7.234   -2.552  0.477   1.00 21.69 ? 98  G   B "O3'" 1 
ATOM   306 C  "C2'" . G   B 2 3  ? 6.879   -4.420  2.099   1.00 19.62 ? 98  G   B "C2'" 1 
ATOM   307 O  "O2'" . G   B 2 3  ? 6.899   -5.344  1.009   1.00 18.73 ? 98  G   B "O2'" 1 
ATOM   308 C  "C1'" . G   B 2 3  ? 7.799   -4.953  3.212   1.00 17.11 ? 98  G   B "C1'" 1 
ATOM   309 N  N9    . G   B 2 3  ? 7.426   -4.489  4.554   1.00 18.50 ? 98  G   B N9    1 
ATOM   310 C  C8    . G   B 2 3  ? 8.029   -3.459  5.235   1.00 17.64 ? 98  G   B C8    1 
ATOM   311 N  N7    . G   B 2 3  ? 7.475   -3.213  6.391   1.00 20.00 ? 98  G   B N7    1 
ATOM   312 C  C5    . G   B 2 3  ? 6.447   -4.150  6.486   1.00 17.00 ? 98  G   B C5    1 
ATOM   313 C  C6    . G   B 2 3  ? 5.493   -4.383  7.539   1.00 21.00 ? 98  G   B C6    1 
ATOM   314 O  O6    . G   B 2 3  ? 5.342   -3.747  8.610   1.00 24.86 ? 98  G   B O6    1 
ATOM   315 N  N1    . G   B 2 3  ? 4.658   -5.452  7.254   1.00 20.23 ? 98  G   B N1    1 
ATOM   316 C  C2    . G   B 2 3  ? 4.701   -6.197  6.092   1.00 20.34 ? 98  G   B C2    1 
ATOM   317 N  N2    . G   B 2 3  ? 3.774   -7.171  5.999   1.00 20.54 ? 98  G   B N2    1 
ATOM   318 N  N3    . G   B 2 3  ? 5.580   -5.989  5.102   1.00 18.24 ? 98  G   B N3    1 
ATOM   319 C  C4    . G   B 2 3  ? 6.414   -4.954  5.367   1.00 18.69 ? 98  G   B C4    1 
ATOM   320 P  P     . A   B 2 4  ? 6.084   -1.430  0.349   1.00 20.83 ? 99  A   B P     1 
ATOM   321 O  OP1   . A   B 2 4  ? 6.314   -0.790  -0.982  1.00 24.34 ? 99  A   B OP1   1 
ATOM   322 O  OP2   . A   B 2 4  ? 6.065   -0.597  1.585   1.00 24.62 ? 99  A   B OP2   1 
ATOM   323 O  "O5'" . A   B 2 4  ? 4.759   -2.304  0.280   1.00 23.09 ? 99  A   B "O5'" 1 
ATOM   324 C  "C5'" . A   B 2 4  ? 4.089   -2.556  -0.994  1.00 20.20 ? 99  A   B "C5'" 1 
ATOM   325 C  "C4'" . A   B 2 4  ? 4.748   -3.701  -1.749  1.00 17.81 ? 99  A   B "C4'" 1 
ATOM   326 O  "O4'" . A   B 2 4  ? 4.890   -4.879  -0.894  1.00 17.90 ? 99  A   B "O4'" 1 
ATOM   327 C  "C3'" . A   B 2 4  ? 3.951   -4.192  -2.950  1.00 17.50 ? 99  A   B "C3'" 1 
ATOM   328 O  "O3'" . A   B 2 4  ? 4.234   -3.431  -4.135  1.00 17.58 ? 99  A   B "O3'" 1 
ATOM   329 C  "C2'" . A   B 2 4  ? 4.402   -5.639  -3.096  1.00 17.87 ? 99  A   B "C2'" 1 
ATOM   330 O  "O2'" . A   B 2 4  ? 5.631   -5.791  -3.786  1.00 17.52 ? 99  A   B "O2'" 1 
ATOM   331 C  "C1'" . A   B 2 4  ? 4.541   -6.054  -1.633  1.00 17.35 ? 99  A   B "C1'" 1 
ATOM   332 N  N9    . A   B 2 4  ? 3.302   -6.609  -1.077  1.00 17.65 ? 99  A   B N9    1 
ATOM   333 C  C8    . A   B 2 4  ? 2.648   -6.156  0.039   1.00 15.82 ? 99  A   B C8    1 
ATOM   334 N  N7    . A   B 2 4  ? 1.592   -6.880  0.363   1.00 17.82 ? 99  A   B N7    1 
ATOM   335 C  C5    . A   B 2 4  ? 1.539   -7.866  -0.609  1.00 18.65 ? 99  A   B C5    1 
ATOM   336 C  C6    . A   B 2 4  ? 0.642   -8.948  -0.817  1.00 17.18 ? 99  A   B C6    1 
ATOM   337 N  N6    . A   B 2 4  ? -0.398  -9.212  0.014   1.00 20.35 ? 99  A   B N6    1 
ATOM   338 N  N1    . A   B 2 4  ? 0.849   -9.746  -1.888  1.00 18.13 ? 99  A   B N1    1 
ATOM   339 C  C2    . A   B 2 4  ? 1.904   -9.475  -2.693  1.00 19.82 ? 99  A   B C2    1 
ATOM   340 N  N3    . A   B 2 4  ? 2.821   -8.486  -2.595  1.00 19.21 ? 99  A   B N3    1 
ATOM   341 C  C4    . A   B 2 4  ? 2.577   -7.707  -1.518  1.00 17.92 ? 99  A   B C4    1 
ATOM   342 P  P     . G   B 2 5  ? 3.015   -2.791  -4.970  1.00 19.02 ? 100 G   B P     1 
ATOM   343 O  OP1   . G   B 2 5  ? 3.637   -2.129  -6.154  1.00 19.83 ? 100 G   B OP1   1 
ATOM   344 O  OP2   . G   B 2 5  ? 2.202   -1.984  -4.018  1.00 18.68 ? 100 G   B OP2   1 
ATOM   345 O  "O5'" . G   B 2 5  ? 2.122   -4.024  -5.429  1.00 16.53 ? 100 G   B "O5'" 1 
ATOM   346 C  "C5'" . G   B 2 5  ? 2.560   -4.920  -6.470  1.00 18.94 ? 100 G   B "C5'" 1 
ATOM   347 C  "C4'" . G   B 2 5  ? 1.541   -6.046  -6.655  1.00 19.20 ? 100 G   B "C4'" 1 
ATOM   348 O  "O4'" . G   B 2 5  ? 1.562   -6.957  -5.515  1.00 19.09 ? 100 G   B "O4'" 1 
ATOM   349 C  "C3'" . G   B 2 5  ? 0.086   -5.611  -6.723  1.00 19.18 ? 100 G   B "C3'" 1 
ATOM   350 O  "O3'" . G   B 2 5  ? -0.218  -5.107  -8.020  1.00 19.43 ? 100 G   B "O3'" 1 
ATOM   351 C  "C2'" . G   B 2 5  ? -0.635  -6.905  -6.377  1.00 19.43 ? 100 G   B "C2'" 1 
ATOM   352 O  "O2'" . G   B 2 5  ? -0.637  -7.859  -7.428  1.00 19.35 ? 100 G   B "O2'" 1 
ATOM   353 C  "C1'" . G   B 2 5  ? 0.234   -7.399  -5.226  1.00 19.43 ? 100 G   B "C1'" 1 
ATOM   354 N  N9    . G   B 2 5  ? -0.170  -6.821  -3.942  1.00 18.55 ? 100 G   B N9    1 
ATOM   355 C  C8    . G   B 2 5  ? 0.412   -5.762  -3.289  1.00 18.25 ? 100 G   B C8    1 
ATOM   356 N  N7    . G   B 2 5  ? -0.181  -5.461  -2.153  1.00 19.84 ? 100 G   B N7    1 
ATOM   357 C  C5    . G   B 2 5  ? -1.211  -6.397  -2.046  1.00 19.58 ? 100 G   B C5    1 
ATOM   358 C  C6    . G   B 2 5  ? -2.234  -6.563  -1.025  1.00 20.04 ? 100 G   B C6    1 
ATOM   359 O  O6    . G   B 2 5  ? -2.408  -5.899  0.030   1.00 19.60 ? 100 G   B O6    1 
ATOM   360 N  N1    . G   B 2 5  ? -3.108  -7.610  -1.344  1.00 19.12 ? 100 G   B N1    1 
ATOM   361 C  C2    . G   B 2 5  ? -3.020  -8.388  -2.474  1.00 20.35 ? 100 G   B C2    1 
ATOM   362 N  N2    . G   B 2 5  ? -3.952  -9.358  -2.613  1.00 21.48 ? 100 G   B N2    1 
ATOM   363 N  N3    . G   B 2 5  ? -2.083  -8.241  -3.423  1.00 19.37 ? 100 G   B N3    1 
ATOM   364 C  C4    . G   B 2 5  ? -1.221  -7.240  -3.140  1.00 19.97 ? 100 G   B C4    1 
ATOM   365 P  P     . A   B 2 6  ? -1.132  -3.788  -8.175  1.00 20.75 ? 101 A   B P     1 
ATOM   366 O  OP1   . A   B 2 6  ? -1.291  -3.530  -9.647  1.00 22.41 ? 101 A   B OP1   1 
ATOM   367 O  OP2   . A   B 2 6  ? -0.621  -2.705  -7.284  1.00 23.81 ? 101 A   B OP2   1 
ATOM   368 O  "O5'" . A   B 2 6  ? -2.556  -4.188  -7.584  1.00 20.69 ? 101 A   B "O5'" 1 
ATOM   369 C  "C5'" . A   B 2 6  ? -3.358  -5.229  -8.197  1.00 20.80 ? 101 A   B "C5'" 1 
ATOM   370 C  "C4'" . A   B 2 6  ? -4.482  -5.661  -7.261  1.00 20.01 ? 101 A   B "C4'" 1 
ATOM   371 O  "O4'" . A   B 2 6  ? -3.926  -6.239  -6.049  1.00 19.55 ? 101 A   B "O4'" 1 
ATOM   372 C  "C3'" . A   B 2 6  ? -5.363  -4.543  -6.721  1.00 21.80 ? 101 A   B "C3'" 1 
ATOM   373 O  "O3'" . A   B 2 6  ? -6.348  -4.154  -7.678  1.00 22.14 ? 101 A   B "O3'" 1 
ATOM   374 C  "C2'" . A   B 2 6  ? -5.989  -5.232  -5.519  1.00 19.99 ? 101 A   B "C2'" 1 
ATOM   375 O  "O2'" . A   B 2 6  ? -6.970  -6.175  -5.912  1.00 21.62 ? 101 A   B "O2'" 1 
ATOM   376 C  "C1'" . A   B 2 6  ? -4.767  -5.934  -4.929  1.00 19.62 ? 101 A   B "C1'" 1 
ATOM   377 N  N9    . A   B 2 6  ? -4.041  -5.023  -4.032  1.00 18.11 ? 101 A   B N9    1 
ATOM   378 C  C8    . A   B 2 6  ? -2.920  -4.259  -4.301  1.00 18.86 ? 101 A   B C8    1 
ATOM   379 N  N7    . A   B 2 6  ? -2.564  -3.475  -3.307  1.00 18.82 ? 101 A   B N7    1 
ATOM   380 C  C5    . A   B 2 6  ? -3.488  -3.755  -2.302  1.00 17.74 ? 101 A   B C5    1 
ATOM   381 C  C6    . A   B 2 6  ? -3.674  -3.219  -0.996  1.00 17.90 ? 101 A   B C6    1 
ATOM   382 N  N6    . A   B 2 6  ? -2.860  -2.301  -0.453  1.00 18.60 ? 101 A   B N6    1 
ATOM   383 N  N1    . A   B 2 6  ? -4.734  -3.675  -0.271  1.00 18.38 ? 101 A   B N1    1 
ATOM   384 C  C2    . A   B 2 6  ? -5.524  -4.612  -0.817  1.00 18.86 ? 101 A   B C2    1 
ATOM   385 N  N3    . A   B 2 6  ? -5.446  -5.201  -2.032  1.00 19.67 ? 101 A   B N3    1 
ATOM   386 C  C4    . A   B 2 6  ? -4.397  -4.717  -2.729  1.00 18.70 ? 101 A   B C4    1 
ATOM   387 P  P     . G   B 2 7  ? -6.806  -2.607  -7.780  1.00 24.36 ? 102 G   B P     1 
ATOM   388 O  OP1   . G   B 2 7  ? -7.777  -2.537  -8.906  1.00 27.87 ? 102 G   B OP1   1 
ATOM   389 O  OP2   . G   B 2 7  ? -5.599  -1.747  -7.808  1.00 24.94 ? 102 G   B OP2   1 
ATOM   390 O  "O5'" . G   B 2 7  ? -7.529  -2.268  -6.399  1.00 21.90 ? 102 G   B "O5'" 1 
ATOM   391 C  "C5'" . G   B 2 7  ? -8.773  -2.890  -5.998  1.00 20.57 ? 102 G   B "C5'" 1 
ATOM   392 C  "C4'" . G   B 2 7  ? -9.049  -2.601  -4.536  1.00 21.46 ? 102 G   B "C4'" 1 
ATOM   393 O  "O4'" . G   B 2 7  ? -7.928  -3.064  -3.719  1.00 20.91 ? 102 G   B "O4'" 1 
ATOM   394 C  "C3'" . G   B 2 7  ? -9.160  -1.128  -4.159  1.00 22.31 ? 102 G   B "C3'" 1 
ATOM   395 O  "O3'" . G   B 2 7  ? -10.467 -0.629  -4.426  1.00 23.33 ? 102 G   B "O3'" 1 
ATOM   396 C  "C2'" . G   B 2 7  ? -8.902  -1.188  -2.663  1.00 22.11 ? 102 G   B "C2'" 1 
ATOM   397 O  "O2'" . G   B 2 7  ? -10.003 -1.755  -1.949  1.00 22.56 ? 102 G   B "O2'" 1 
ATOM   398 C  "C1'" . G   B 2 7  ? -7.724  -2.167  -2.630  1.00 22.40 ? 102 G   B "C1'" 1 
ATOM   399 N  N9    . G   B 2 7  ? -6.442  -1.494  -2.834  1.00 20.34 ? 102 G   B N9    1 
ATOM   400 C  C8    . G   B 2 7  ? -5.642  -1.544  -3.952  1.00 19.05 ? 102 G   B C8    1 
ATOM   401 N  N7    . G   B 2 7  ? -4.546  -0.830  -3.822  1.00 20.40 ? 102 G   B N7    1 
ATOM   402 C  C5    . G   B 2 7  ? -4.628  -0.295  -2.543  1.00 19.57 ? 102 G   B C5    1 
ATOM   403 C  C6    . G   B 2 7  ? -3.726  0.574   -1.836  1.00 18.24 ? 102 G   B C6    1 
ATOM   404 O  O6    . G   B 2 7  ? -2.619  1.015   -2.210  1.00 18.94 ? 102 G   B O6    1 
ATOM   405 N  N1    . G   B 2 7  ? -4.234  0.922   -0.582  1.00 17.71 ? 102 G   B N1    1 
ATOM   406 C  C2    . G   B 2 7  ? -5.435  0.493   -0.071  1.00 17.09 ? 102 G   B C2    1 
ATOM   407 N  N2    . G   B 2 7  ? -5.794  0.971   1.159   1.00 18.14 ? 102 G   B N2    1 
ATOM   408 N  N3    . G   B 2 7  ? -6.248  -0.329  -0.706  1.00 18.33 ? 102 G   B N3    1 
ATOM   409 C  C4    . G   B 2 7  ? -5.791  -0.674  -1.926  1.00 18.47 ? 102 G   B C4    1 
ATOM   410 P  P     . U   B 2 8  ? -10.666 0.917   -4.818  1.00 23.17 ? 103 U   B P     1 
ATOM   411 O  OP1   . U   B 2 8  ? -12.091 1.067   -5.268  1.00 26.46 ? 103 U   B OP1   1 
ATOM   412 O  OP2   . U   B 2 8  ? -9.554  1.414   -5.694  1.00 23.63 ? 103 U   B OP2   1 
ATOM   413 O  "O5'" . U   B 2 8  ? -10.468 1.686   -3.437  1.00 20.51 ? 103 U   B "O5'" 1 
ATOM   414 C  "C5'" . U   B 2 8  ? -11.356 1.471   -2.346  1.00 19.15 ? 103 U   B "C5'" 1 
ATOM   415 C  "C4'" . U   B 2 8  ? -10.880 2.236   -1.128  1.00 19.09 ? 103 U   B "C4'" 1 
ATOM   416 O  "O4'" . U   B 2 8  ? -9.577  1.727   -0.697  1.00 19.51 ? 103 U   B "O4'" 1 
ATOM   417 C  "C3'" . U   B 2 8  ? -10.614 3.733   -1.300  1.00 19.66 ? 103 U   B "C3'" 1 
ATOM   418 O  "O3'" . U   B 2 8  ? -11.808 4.508   -1.293  1.00 21.13 ? 103 U   B "O3'" 1 
ATOM   419 C  "C2'" . U   B 2 8  ? -9.782  4.004   -0.052  1.00 18.44 ? 103 U   B "C2'" 1 
ATOM   420 O  "O2'" . U   B 2 8  ? -10.552 3.999   1.151   1.00 20.61 ? 103 U   B "O2'" 1 
ATOM   421 C  "C1'" . U   B 2 8  ? -8.837  2.793   -0.095  1.00 17.56 ? 103 U   B "C1'" 1 
ATOM   422 N  N1    . U   B 2 8  ? -7.630  3.062   -0.900  1.00 16.75 ? 103 U   B N1    1 
ATOM   423 C  C2    . U   B 2 8  ? -6.624  3.838   -0.296  1.00 16.22 ? 103 U   B C2    1 
ATOM   424 O  O2    . U   B 2 8  ? -6.734  4.278   0.839   1.00 18.69 ? 103 U   B O2    1 
ATOM   425 N  N3    . U   B 2 8  ? -5.515  4.066   -1.079  1.00 18.30 ? 103 U   B N3    1 
ATOM   426 C  C4    . U   B 2 8  ? -5.304  3.623   -2.379  1.00 18.67 ? 103 U   B C4    1 
ATOM   427 O  O4    . U   B 2 8  ? -4.253  3.908   -2.953  1.00 20.28 ? 103 U   B O4    1 
ATOM   428 C  C5    . U   B 2 8  ? -6.377  2.839   -2.931  1.00 18.20 ? 103 U   B C5    1 
ATOM   429 C  C6    . U   B 2 8  ? -7.474  2.589   -2.189  1.00 17.00 ? 103 U   B C6    1 
ATOM   430 P  P     . A   B 2 9  ? -11.870 5.897   -2.122  1.00 21.81 ? 104 A   B P     1 
ATOM   431 O  OP1   . A   B 2 9  ? -13.319 6.253   -2.223  1.00 27.25 ? 104 A   B OP1   1 
ATOM   432 O  OP2   . A   B 2 9  ? -11.065 5.765   -3.351  1.00 21.78 ? 104 A   B OP2   1 
ATOM   433 O  "O5'" . A   B 2 9  ? -11.117 6.947   -1.182  1.00 22.04 ? 104 A   B "O5'" 1 
ATOM   434 C  "C5'" . A   B 2 9  ? -11.614 7.238   0.145   1.00 22.20 ? 104 A   B "C5'" 1 
ATOM   435 C  "C4'" . A   B 2 9  ? -10.644 8.125   0.884   1.00 22.11 ? 104 A   B "C4'" 1 
ATOM   436 O  "O4'" . A   B 2 9  ? -9.351  7.468   0.982   1.00 19.86 ? 104 A   B "O4'" 1 
ATOM   437 C  "C3'" . A   B 2 9  ? -10.312 9.435   0.192   1.00 21.67 ? 104 A   B "C3'" 1 
ATOM   438 O  "O3'" . A   B 2 9  ? -11.363 10.376  0.397   1.00 21.70 ? 104 A   B "O3'" 1 
ATOM   439 C  "C2'" . A   B 2 9  ? -9.029  9.817   0.914   1.00 21.36 ? 104 A   B "C2'" 1 
ATOM   440 O  "O2'" . A   B 2 9  ? -9.256  10.236  2.249   1.00 21.75 ? 104 A   B "O2'" 1 
ATOM   441 C  "C1'" . A   B 2 9  ? -8.323  8.457   0.969   1.00 21.24 ? 104 A   B "C1'" 1 
ATOM   442 N  N9    . A   B 2 9  ? -7.450  8.236   -0.185  1.00 19.70 ? 104 A   B N9    1 
ATOM   443 C  C8    . A   B 2 9  ? -7.640  7.436   -1.283  1.00 18.84 ? 104 A   B C8    1 
ATOM   444 N  N7    . A   B 2 9  ? -6.632  7.454   -2.131  1.00 17.77 ? 104 A   B N7    1 
ATOM   445 C  C5    . A   B 2 9  ? -5.709  8.313   -1.539  1.00 16.77 ? 104 A   B C5    1 
ATOM   446 C  C6    . A   B 2 9  ? -4.447  8.797   -1.955  1.00 19.15 ? 104 A   B C6    1 
ATOM   447 N  N6    . A   B 2 9  ? -3.814  8.392   -3.067  1.00 22.18 ? 104 A   B N6    1 
ATOM   448 N  N1    . A   B 2 9  ? -3.843  9.722   -1.182  1.00 20.04 ? 104 A   B N1    1 
ATOM   449 C  C2    . A   B 2 9  ? -4.463  10.141  -0.060  1.00 19.09 ? 104 A   B C2    1 
ATOM   450 N  N3    . A   B 2 9  ? -5.632  9.751   0.439   1.00 19.73 ? 104 A   B N3    1 
ATOM   451 C  C4    . A   B 2 9  ? -6.209  8.819   -0.354  1.00 19.05 ? 104 A   B C4    1 
ATOM   452 P  P     . DG  B 2 10 ? -11.875 11.308  -0.830  1.00 22.67 ? 105 DG  B P     1 
ATOM   453 O  OP1   . DG  B 2 10 ? -12.883 12.262  -0.235  1.00 25.66 ? 105 DG  B OP1   1 
ATOM   454 O  OP2   . DG  B 2 10 ? -12.264 10.443  -1.948  1.00 23.74 ? 105 DG  B OP2   1 
ATOM   455 O  "O5'" . DG  B 2 10 ? -10.586 12.120  -1.297  1.00 22.19 ? 105 DG  B "O5'" 1 
ATOM   456 C  "C5'" . DG  B 2 10 ? -9.877  12.983  -0.409  1.00 21.54 ? 105 DG  B "C5'" 1 
ATOM   457 C  "C4'" . DG  B 2 10 ? -8.536  13.359  -1.015  1.00 21.39 ? 105 DG  B "C4'" 1 
ATOM   458 O  "O4'" . DG  B 2 10 ? -7.665  12.189  -1.035  1.00 22.15 ? 105 DG  B "O4'" 1 
ATOM   459 C  "C3'" . DG  B 2 10 ? -8.557  13.814  -2.470  1.00 19.43 ? 105 DG  B "C3'" 1 
ATOM   460 O  "O3'" . DG  B 2 10 ? -8.869  15.218  -2.560  1.00 20.85 ? 105 DG  B "O3'" 1 
ATOM   461 C  "C2'" . DG  B 2 10 ? -7.087  13.603  -2.847  1.00 19.94 ? 105 DG  B "C2'" 1 
ATOM   462 C  "C1'" . DG  B 2 10 ? -6.803  12.243  -2.183  1.00 20.38 ? 105 DG  B "C1'" 1 
ATOM   463 N  N9    . DG  B 2 10 ? -7.163  11.162  -3.109  1.00 20.73 ? 105 DG  B N9    1 
ATOM   464 C  C8    . DG  B 2 10 ? -8.294  10.390  -3.097  1.00 20.18 ? 105 DG  B C8    1 
ATOM   465 N  N7    . DG  B 2 10 ? -8.395  9.595   -4.140  1.00 20.77 ? 105 DG  B N7    1 
ATOM   466 C  C5    . DG  B 2 10 ? -7.234  9.834   -4.865  1.00 19.32 ? 105 DG  B C5    1 
ATOM   467 C  C6    . DG  B 2 10 ? -6.778  9.293   -6.115  1.00 20.13 ? 105 DG  B C6    1 
ATOM   468 O  O6    . DG  B 2 10 ? -7.330  8.462   -6.855  1.00 21.37 ? 105 DG  B O6    1 
ATOM   469 N  N1    . DG  B 2 10 ? -5.551  9.835   -6.487  1.00 20.68 ? 105 DG  B N1    1 
ATOM   470 C  C2    . DG  B 2 10 ? -4.855  10.773  -5.778  1.00 19.51 ? 105 DG  B C2    1 
ATOM   471 N  N2    . DG  B 2 10 ? -3.691  11.179  -6.324  1.00 21.68 ? 105 DG  B N2    1 
ATOM   472 N  N3    . DG  B 2 10 ? -5.265  11.280  -4.623  1.00 19.09 ? 105 DG  B N3    1 
ATOM   473 C  C4    . DG  B 2 10 ? -6.449  10.774  -4.232  1.00 19.91 ? 105 DG  B C4    1 
HETATM 474 P  P     . G46 B 2 11 ? -9.541  15.834  -3.915  1.00 19.58 ? 106 G46 B P     1 
HETATM 475 O  O1P   A G46 B 2 11 ? -9.963  17.238  -3.656  0.50 23.70 ? 106 G46 B O1P   1 
HETATM 476 O  O1P   B G46 B 2 11 ? -10.538 14.848  -4.397  0.50 24.67 ? 106 G46 B O1P   1 
HETATM 477 S  S2P   A G46 B 2 11 ? -10.164 17.552  -3.449  0.50 20.02 ? 106 G46 B S2P   1 
HETATM 478 S  S2P   B G46 B 2 11 ? -10.724 14.673  -4.774  0.50 23.44 ? 106 G46 B S2P   1 
HETATM 479 O  "O5'" . G46 B 2 11 ? -8.337  15.872  -4.960  1.00 19.12 ? 106 G46 B "O5'" 1 
HETATM 480 C  "C5'" . G46 B 2 11 ? -7.146  16.667  -4.724  1.00 16.26 ? 106 G46 B "C5'" 1 
HETATM 481 C  "C4'" . G46 B 2 11 ? -6.091  16.361  -5.771  1.00 16.83 ? 106 G46 B "C4'" 1 
HETATM 482 O  "O4'" . G46 B 2 11 ? -5.738  14.944  -5.759  1.00 19.20 ? 106 G46 B "O4'" 1 
HETATM 483 C  "C3'" . G46 B 2 11 ? -6.509  16.585  -7.213  1.00 17.31 ? 106 G46 B "C3'" 1 
HETATM 484 O  "O3'" . G46 B 2 11 ? -6.500  17.976  -7.521  1.00 18.65 ? 106 G46 B "O3'" 1 
HETATM 485 C  "C2'" . G46 B 2 11 ? -5.425  15.789  -7.938  1.00 18.50 ? 106 G46 B "C2'" 1 
HETATM 486 C  "C1'" . G46 B 2 11 ? -5.356  14.528  -7.062  1.00 19.33 ? 106 G46 B "C1'" 1 
HETATM 487 O  "O2'" . G46 B 2 11 ? -4.156  16.440  -7.899  1.00 17.47 ? 106 G46 B "O2'" 1 
HETATM 488 N  N9    . G46 B 2 11 ? -6.273  13.471  -7.497  1.00 18.54 ? 106 G46 B N9    1 
HETATM 489 C  C8    . G46 B 2 11 ? -7.459  13.110  -6.910  1.00 18.63 ? 106 G46 B C8    1 
HETATM 490 N  N7    . G46 B 2 11 ? -8.076  12.148  -7.540  1.00 19.16 ? 106 G46 B N7    1 
HETATM 491 C  C5    . G46 B 2 11 ? -7.250  11.857  -8.623  1.00 17.17 ? 106 G46 B C5    1 
HETATM 492 C  C6    . G46 B 2 11 ? -7.452  10.984  -9.748  1.00 17.45 ? 106 G46 B C6    1 
HETATM 493 O  O6    . G46 B 2 11 ? -8.415  10.242  -9.987  1.00 21.40 ? 106 G46 B O6    1 
HETATM 494 N  N1    . G46 B 2 11 ? -6.415  11.063  -10.647 1.00 20.39 ? 106 G46 B N1    1 
HETATM 495 C  C2    . G46 B 2 11 ? -5.334  11.908  -10.542 1.00 16.96 ? 106 G46 B C2    1 
HETATM 496 N  N2    . G46 B 2 11 ? -4.448  11.868  -11.553 1.00 19.05 ? 106 G46 B N2    1 
HETATM 497 N  N3    . G46 B 2 11 ? -5.139  12.737  -9.528  1.00 18.34 ? 106 G46 B N3    1 
HETATM 498 C  C4    . G46 B 2 11 ? -6.126  12.652  -8.605  1.00 16.98 ? 106 G46 B C4    1 
ATOM   499 P  P     . C   B 2 12 ? -7.429  18.553  -8.728  1.00 18.11 ? 107 C   B P     1 
ATOM   500 O  OP1   . C   B 2 12 ? -7.322  20.010  -8.570  1.00 20.95 ? 107 C   B OP1   1 
ATOM   501 O  OP2   . C   B 2 12 ? -8.762  17.921  -8.708  1.00 17.49 ? 107 C   B OP2   1 
ATOM   502 O  "O5'" . C   B 2 12 ? -6.678  18.068  -10.039 1.00 17.98 ? 107 C   B "O5'" 1 
ATOM   503 C  "C5'" . C   B 2 12 ? -5.353  18.555  -10.326 1.00 18.73 ? 107 C   B "C5'" 1 
ATOM   504 C  "C4'" . C   B 2 12 ? -4.794  17.882  -11.563 1.00 20.49 ? 107 C   B "C4'" 1 
ATOM   505 O  "O4'" . C   B 2 12 ? -4.815  16.445  -11.378 1.00 19.79 ? 107 C   B "O4'" 1 
ATOM   506 C  "C3'" . C   B 2 12 ? -5.615  18.026  -12.834 1.00 20.17 ? 107 C   B "C3'" 1 
ATOM   507 O  "O3'" . C   B 2 12 ? -5.468  19.326  -13.435 1.00 22.96 ? 107 C   B "O3'" 1 
ATOM   508 C  "C2'" . C   B 2 12 ? -5.026  16.916  -13.692 1.00 19.51 ? 107 C   B "C2'" 1 
ATOM   509 O  "O2'" . C   B 2 12 ? -3.760  17.285  -14.237 1.00 23.32 ? 107 C   B "O2'" 1 
ATOM   510 C  "C1'" . C   B 2 12 ? -4.843  15.809  -12.647 1.00 18.94 ? 107 C   B "C1'" 1 
ATOM   511 N  N1    . C   B 2 12 ? -5.930  14.807  -12.694 1.00 19.69 ? 107 C   B N1    1 
ATOM   512 C  C2    . C   B 2 12 ? -5.867  13.872  -13.714 1.00 16.89 ? 107 C   B C2    1 
ATOM   513 O  O2    . C   B 2 12 ? -4.894  13.913  -14.477 1.00 21.96 ? 107 C   B O2    1 
ATOM   514 N  N3    . C   B 2 12 ? -6.850  12.952  -13.839 1.00 18.63 ? 107 C   B N3    1 
ATOM   515 C  C4    . C   B 2 12 ? -7.860  12.936  -12.974 1.00 15.88 ? 107 C   B C4    1 
ATOM   516 N  N4    . C   B 2 12 ? -8.803  11.998  -13.130 1.00 17.76 ? 107 C   B N4    1 
ATOM   517 C  C5    . C   B 2 12 ? -7.957  13.874  -11.909 1.00 16.00 ? 107 C   B C5    1 
ATOM   518 C  C6    . C   B 2 12 ? -6.971  14.787  -11.801 1.00 17.05 ? 107 C   B C6    1 
HETATM 519 MG MG    . MG  C 3 .  ? 1.478   0.181   2.314   1.00 52.38 ? 203 MG  A MG    1 
HETATM 520 MG MG    . MG  D 3 .  ? -11.452 8.793   -6.875  1.00 33.25 ? 200 MG  B MG    1 
HETATM 521 MG MG    . MG  E 3 .  ? -0.892  -1.096  -6.041  1.00 31.41 ? 201 MG  B MG    1 
HETATM 522 MG MG    . MG  F 3 .  ? 0.684   -0.477  -3.941  1.00 32.03 ? 202 MG  B MG    1 
HETATM 523 MG MG    . MG  G 3 .  ? 5.687   -1.307  9.424   1.00 30.94 ? 204 MG  B MG    1 
HETATM 524 O  O     . HOH H 4 .  ? -0.399  0.223   1.153   1.00 32.86 ? 315 HOH A O     1 
HETATM 525 O  O     . HOH H 4 .  ? 1.059   1.933   3.357   1.00 31.65 ? 316 HOH A O     1 
HETATM 526 O  O     . HOH H 4 .  ? 2.256   -1.995  2.499   1.00 40.16 ? 317 HOH A O     1 
HETATM 527 O  O     . HOH H 4 .  ? 1.478   -0.738  4.524   1.00 33.01 ? 318 HOH A O     1 
HETATM 528 O  O     . HOH H 4 .  ? 5.913   0.590   10.054  1.00 31.17 ? 319 HOH A O     1 
HETATM 529 O  O     . HOH H 4 .  ? 3.452   -1.308  9.827   1.00 27.97 ? 323 HOH A O     1 
HETATM 530 O  O     . HOH H 4 .  ? -8.014  6.118   4.244   1.00 22.07 ? 328 HOH A O     1 
HETATM 531 O  O     . HOH H 4 .  ? -6.125  2.828   3.631   1.00 22.11 ? 329 HOH A O     1 
HETATM 532 O  O     . HOH H 4 .  ? 3.255   1.885   10.178  1.00 23.60 ? 331 HOH A O     1 
HETATM 533 O  O     . HOH H 4 .  ? 11.331  -14.230 7.524   1.00 26.70 ? 335 HOH A O     1 
HETATM 534 O  O     . HOH H 4 .  ? 20.806  -12.804 5.347   1.00 27.20 ? 340 HOH A O     1 
HETATM 535 O  O     . HOH H 4 .  ? 1.292   -14.989 8.110   1.00 30.61 ? 350 HOH A O     1 
HETATM 536 O  O     . HOH H 4 .  ? 4.559   -14.445 7.382   1.00 56.46 ? 352 HOH A O     1 
HETATM 537 O  O     . HOH H 4 .  ? -7.436  -5.203  2.591   1.00 31.26 ? 353 HOH A O     1 
HETATM 538 O  O     . HOH H 4 .  ? 10.709  -10.319 12.104  1.00 31.49 ? 356 HOH A O     1 
HETATM 539 O  O     . HOH H 4 .  ? -1.071  3.333   -6.350  1.00 32.95 ? 358 HOH A O     1 
HETATM 540 O  O     . HOH H 4 .  ? 11.629  -13.183 10.074  1.00 33.38 ? 363 HOH A O     1 
HETATM 541 O  O     . HOH H 4 .  ? 9.141   -16.132 7.519   1.00 32.96 ? 367 HOH A O     1 
HETATM 542 O  O     . HOH H 4 .  ? -3.652  -10.296 2.384   1.00 33.79 ? 368 HOH A O     1 
HETATM 543 O  O     . HOH H 4 .  ? 4.776   -9.479  8.824   1.00 34.81 ? 369 HOH A O     1 
HETATM 544 O  O     . HOH H 4 .  ? 3.349   -11.384 7.308   1.00 35.81 ? 376 HOH A O     1 
HETATM 545 O  O     . HOH H 4 .  ? -3.423  6.241   8.571   1.00 35.26 ? 378 HOH A O     1 
HETATM 546 O  O     . HOH H 4 .  ? 5.379   -12.573 9.448   1.00 38.02 ? 382 HOH A O     1 
HETATM 547 O  O     . HOH H 4 .  ? 13.659  -15.330 10.899  1.00 37.94 ? 384 HOH A O     1 
HETATM 548 O  O     . HOH H 4 .  ? 2.235   -9.739  10.441  1.00 37.14 ? 385 HOH A O     1 
HETATM 549 O  O     . HOH H 4 .  ? 1.874   -5.038  12.535  1.00 50.86 ? 386 HOH A O     1 
HETATM 550 O  O     . HOH H 4 .  ? -2.429  3.540   -10.651 1.00 37.61 ? 387 HOH A O     1 
HETATM 551 O  O     . HOH H 4 .  ? 7.194   -9.441  10.300  1.00 39.21 ? 388 HOH A O     1 
HETATM 552 O  O     . HOH H 4 .  ? 3.669   -3.046  4.424   1.00 37.75 ? 390 HOH A O     1 
HETATM 553 O  O     . HOH H 4 .  ? 4.500   -7.502  10.408  1.00 38.94 ? 391 HOH A O     1 
HETATM 554 O  O     . HOH H 4 .  ? -7.177  4.909   -10.551 1.00 38.78 ? 392 HOH A O     1 
HETATM 555 O  O     . HOH H 4 .  ? -6.279  -7.514  3.907   1.00 38.69 ? 394 HOH A O     1 
HETATM 556 O  O     . HOH H 4 .  ? -1.238  3.888   -2.262  1.00 39.91 ? 395 HOH A O     1 
HETATM 557 O  O     . HOH H 4 .  ? -5.350  -6.589  10.809  1.00 40.05 ? 397 HOH A O     1 
HETATM 558 O  O     . HOH H 4 .  ? 1.243   -3.538  7.981   1.00 40.39 ? 398 HOH A O     1 
HETATM 559 O  O     . HOH H 4 .  ? -0.538  12.256  -8.739  1.00 40.37 ? 399 HOH A O     1 
HETATM 560 O  O     . HOH H 4 .  ? 18.357  -7.432  7.530   1.00 40.43 ? 400 HOH A O     1 
HETATM 561 O  O     . HOH H 4 .  ? -6.687  -4.147  4.275   1.00 41.01 ? 402 HOH A O     1 
HETATM 562 O  O     . HOH H 4 .  ? -0.286  3.069   -9.087  1.00 40.79 ? 405 HOH A O     1 
HETATM 563 O  O     . HOH H 4 .  ? 19.901  -7.159  9.872   1.00 42.36 ? 406 HOH A O     1 
HETATM 564 O  O     . HOH H 4 .  ? 11.234  -18.065 7.125   1.00 41.75 ? 407 HOH A O     1 
HETATM 565 O  O     . HOH H 4 .  ? 7.108   -15.146 9.202   1.00 42.64 ? 409 HOH A O     1 
HETATM 566 O  O     . HOH H 4 .  ? -3.827  8.022   6.052   1.00 53.47 ? 412 HOH A O     1 
HETATM 567 O  O     . HOH H 4 .  ? -3.633  -5.328  12.634  1.00 52.29 ? 413 HOH A O     1 
HETATM 568 O  O     . HOH H 4 .  ? -3.691  2.113   -9.665  1.00 43.09 ? 417 HOH A O     1 
HETATM 569 O  O     . HOH H 4 .  ? 5.302   -9.223  12.964  1.00 45.90 ? 421 HOH A O     1 
HETATM 570 O  O     . HOH H 4 .  ? -2.585  1.031   -12.367 1.00 47.22 ? 423 HOH A O     1 
HETATM 571 O  O     . HOH I 4 .  ? -10.639 10.935  -6.824  1.00 29.65 ? 300 HOH B O     1 
HETATM 572 O  O     . HOH I 4 .  ? -12.181 7.079   -7.242  1.00 30.98 ? 301 HOH B O     1 
HETATM 573 O  O     . HOH I 4 .  ? -9.753  8.506   -8.227  1.00 36.37 ? 302 HOH B O     1 
HETATM 574 O  O     . HOH I 4 .  ? -13.118 9.322   -5.959  1.00 31.53 ? 303 HOH B O     1 
HETATM 575 O  O     . HOH I 4 .  ? -10.700 8.179   -4.830  1.00 28.61 ? 304 HOH B O     1 
HETATM 576 O  O     . HOH I 4 .  ? -12.175 9.480   -8.741  1.00 35.42 ? 305 HOH B O     1 
HETATM 577 O  O     . HOH I 4 .  ? -2.988  -0.716  -6.284  1.00 29.13 ? 306 HOH B O     1 
HETATM 578 O  O     . HOH I 4 .  ? -1.166  0.245   -7.851  1.00 38.97 ? 307 HOH B O     1 
HETATM 579 O  O     . HOH I 4 .  ? -1.209  0.869   -4.571  1.00 24.57 ? 308 HOH B O     1 
HETATM 580 O  O     . HOH I 4 .  ? 1.065   -0.074  -6.072  1.00 26.05 ? 309 HOH B O     1 
HETATM 581 O  O     . HOH I 4 .  ? -0.514  -1.842  -4.431  1.00 25.87 ? 310 HOH B O     1 
HETATM 582 O  O     . HOH I 4 .  ? 2.221   0.460   -2.845  1.00 33.47 ? 311 HOH B O     1 
HETATM 583 O  O     . HOH I 4 .  ? 0.026   -1.052  -1.405  1.00 30.05 ? 312 HOH B O     1 
HETATM 584 O  O     . HOH I 4 .  ? 3.560   0.638   2.690   1.00 44.20 ? 313 HOH B O     1 
HETATM 585 O  O     . HOH I 4 .  ? 2.443   0.109   0.628   1.00 38.57 ? 314 HOH B O     1 
HETATM 586 O  O     . HOH I 4 .  ? 6.341   -2.223  11.389  1.00 25.60 ? 320 HOH B O     1 
HETATM 587 O  O     . HOH I 4 .  ? 5.102   -0.876  7.322   1.00 33.35 ? 321 HOH B O     1 
HETATM 588 O  O     . HOH I 4 .  ? 7.817   -1.120  8.458   1.00 30.75 ? 322 HOH B O     1 
HETATM 589 O  O     . HOH I 4 .  ? -6.079  -2.736  2.003   1.00 19.62 ? 324 HOH B O     1 
HETATM 590 O  O     . HOH I 4 .  ? 5.503   -8.452  -3.503  1.00 20.60 ? 325 HOH B O     1 
HETATM 591 O  O     . HOH I 4 .  ? -13.139 4.118   1.902   1.00 21.27 ? 326 HOH B O     1 
HETATM 592 O  O     . HOH I 4 .  ? -8.087  0.059   2.630   1.00 21.44 ? 327 HOH B O     1 
HETATM 593 O  O     . HOH I 4 .  ? 0.663   -3.408  -0.414  1.00 22.11 ? 330 HOH B O     1 
HETATM 594 O  O     . HOH I 4 .  ? -10.522 18.791  -10.867 1.00 24.73 ? 332 HOH B O     1 
HETATM 595 O  O     . HOH I 4 .  ? 16.301  -6.178  6.566   1.00 25.84 ? 333 HOH B O     1 
HETATM 596 O  O     . HOH I 4 .  ? -13.776 14.666  -0.956  1.00 26.08 ? 334 HOH B O     1 
HETATM 597 O  O     . HOH I 4 .  ? -5.276  -8.415  0.506   1.00 27.32 ? 336 HOH B O     1 
HETATM 598 O  O     . HOH I 4 .  ? 8.938   -3.176  11.316  1.00 27.59 ? 337 HOH B O     1 
HETATM 599 O  O     . HOH I 4 .  ? -9.556  15.290  -8.944  1.00 27.18 ? 338 HOH B O     1 
HETATM 600 O  O     . HOH I 4 .  ? -3.590  2.583   -5.377  1.00 27.97 ? 339 HOH B O     1 
HETATM 601 O  O     . HOH I 4 .  ? -11.373 11.937  -4.384  1.00 27.73 ? 341 HOH B O     1 
HETATM 602 O  O     . HOH I 4 .  ? 2.182   -7.226  8.469   1.00 28.84 ? 342 HOH B O     1 
HETATM 603 O  O     . HOH I 4 .  ? -9.189  4.310   -5.064  1.00 28.14 ? 343 HOH B O     1 
HETATM 604 O  O     . HOH I 4 .  ? 16.208  -3.952  8.113   1.00 28.81 ? 344 HOH B O     1 
HETATM 605 O  O     . HOH I 4 .  ? -2.440  -11.586 0.065   1.00 28.81 ? 345 HOH B O     1 
HETATM 606 O  O     . HOH I 4 .  ? 13.951  -2.183  1.680   1.00 28.87 ? 346 HOH B O     1 
HETATM 607 O  O     . HOH I 4 .  ? -13.950 8.650   -3.115  1.00 28.66 ? 347 HOH B O     1 
HETATM 608 O  O     . HOH I 4 .  ? -10.981 11.580  -11.293 1.00 29.37 ? 348 HOH B O     1 
HETATM 609 O  O     . HOH I 4 .  ? 7.467   -3.530  -4.343  1.00 29.30 ? 349 HOH B O     1 
HETATM 610 O  O     . HOH I 4 .  ? -9.660  8.454   4.315   1.00 30.26 ? 351 HOH B O     1 
HETATM 611 O  O     . HOH I 4 .  ? 9.692   0.306   12.508  1.00 32.01 ? 354 HOH B O     1 
HETATM 612 O  O     . HOH I 4 .  ? 15.689  -0.276  10.428  1.00 31.92 ? 355 HOH B O     1 
HETATM 613 O  O     . HOH I 4 .  ? 8.801   -3.517  15.105  1.00 32.44 ? 357 HOH B O     1 
HETATM 614 O  O     . HOH I 4 .  ? 11.147  1.813   6.677   1.00 33.24 ? 359 HOH B O     1 
HETATM 615 O  O     . HOH I 4 .  ? -3.720  13.364  -3.350  1.00 33.36 ? 360 HOH B O     1 
HETATM 616 O  O     . HOH I 4 .  ? -6.247  11.362  2.538   1.00 32.52 ? 361 HOH B O     1 
HETATM 617 O  O     . HOH I 4 .  ? 6.395   -1.673  -5.793  1.00 32.51 ? 362 HOH B O     1 
HETATM 618 O  O     . HOH I 4 .  ? -7.461  -7.032  -3.218  1.00 33.16 ? 364 HOH B O     1 
HETATM 619 O  O     . HOH I 4 .  ? -1.637  11.635  -2.005  1.00 33.31 ? 365 HOH B O     1 
HETATM 620 O  O     . HOH I 4 .  ? -12.121 15.239  -10.247 1.00 33.41 ? 366 HOH B O     1 
HETATM 621 O  O     . HOH I 4 .  ? 8.573   -7.628  12.681  1.00 35.25 ? 370 HOH B O     1 
HETATM 622 O  O     . HOH I 4 .  ? -0.286  1.962   -0.957  1.00 34.18 ? 371 HOH B O     1 
HETATM 623 O  O     . HOH I 4 .  ? -9.912  20.917  -12.486 1.00 34.93 ? 372 HOH B O     1 
HETATM 624 O  O     . HOH I 4 .  ? 17.039  -1.712  6.457   1.00 35.09 ? 373 HOH B O     1 
HETATM 625 O  O     . HOH I 4 .  ? 13.688  1.901   10.846  1.00 35.89 ? 374 HOH B O     1 
HETATM 626 O  O     . HOH I 4 .  ? -12.991 13.389  -7.588  1.00 35.69 ? 375 HOH B O     1 
HETATM 627 O  O     . HOH I 4 .  ? -12.720 -2.541  -2.314  1.00 36.07 ? 377 HOH B O     1 
HETATM 628 O  O     . HOH I 4 .  ? -1.940  13.509  -11.844 1.00 37.42 ? 379 HOH B O     1 
HETATM 629 O  O     . HOH I 4 .  ? -13.555 6.559   3.099   1.00 36.89 ? 380 HOH B O     1 
HETATM 630 O  O     . HOH I 4 .  ? -3.493  -2.021  -10.458 1.00 37.10 ? 381 HOH B O     1 
HETATM 631 O  O     . HOH I 4 .  ? -12.399 8.329   4.244   1.00 37.43 ? 383 HOH B O     1 
HETATM 632 O  O     . HOH I 4 .  ? -7.813  20.725  -13.003 1.00 37.93 ? 389 HOH B O     1 
HETATM 633 O  O     . HOH I 4 .  ? -4.468  16.502  -2.856  1.00 38.22 ? 393 HOH B O     1 
HETATM 634 O  O     . HOH I 4 .  ? -2.435  15.622  -16.118 1.00 39.40 ? 396 HOH B O     1 
HETATM 635 O  O     . HOH I 4 .  ? -2.714  14.103  -9.272  1.00 41.15 ? 401 HOH B O     1 
HETATM 636 O  O     . HOH I 4 .  ? -12.333 13.565  2.330   1.00 41.48 ? 403 HOH B O     1 
HETATM 637 O  O     . HOH I 4 .  ? -12.222 -5.222  -3.074  1.00 40.52 ? 404 HOH B O     1 
HETATM 638 O  O     . HOH I 4 .  ? -13.725 2.831   -5.534  1.00 38.92 ? 408 HOH B O     1 
HETATM 639 O  O     . HOH I 4 .  ? 4.924   1.238   -2.383  1.00 42.53 ? 410 HOH B O     1 
HETATM 640 O  O     . HOH I 4 .  ? -11.448 14.641  -6.941  1.00 42.74 ? 411 HOH B O     1 
HETATM 641 O  O     . HOH I 4 .  ? 6.988   2.109   1.259   1.00 42.62 ? 414 HOH B O     1 
HETATM 642 O  O     . HOH I 4 .  ? 7.214   -5.867  13.976  1.00 44.25 ? 415 HOH B O     1 
HETATM 643 O  O     . HOH I 4 .  ? -9.586  1.787   -9.065  1.00 42.23 ? 416 HOH B O     1 
HETATM 644 O  O     . HOH I 4 .  ? -11.467 3.610   -9.051  1.00 43.67 ? 418 HOH B O     1 
HETATM 645 O  O     . HOH I 4 .  ? -9.705  -6.021  -2.442  1.00 45.38 ? 419 HOH B O     1 
HETATM 646 O  O     . HOH I 4 .  ? -6.170  1.392   -6.235  1.00 47.03 ? 420 HOH B O     1 
HETATM 647 O  O     . HOH I 4 .  ? -4.732  -12.524 -1.374  1.00 43.46 ? 422 HOH B O     1 
# 
